data_3R8F
#
_entry.id   3R8F
#
_cell.length_a   99.797
_cell.length_b   114.219
_cell.length_c   201.266
_cell.angle_alpha   90.00
_cell.angle_beta   90.00
_cell.angle_gamma   90.00
#
_symmetry.space_group_name_H-M   'P 21 21 21'
#
loop_
_entity.id
_entity.type
_entity.pdbx_description
1 polymer 'Chromosomal replication initiator protein dnaA'
2 polymer "5'-D(P*AP*AP*AP*AP*AP*AP*AP*AP*AP*AP*AP*A)-3'"
3 non-polymer 'MAGNESIUM ION'
4 non-polymer 'PHOSPHOMETHYLPHOSPHONIC ACID ADENYLATE ESTER'
5 water water
#
loop_
_entity_poly.entity_id
_entity_poly.type
_entity_poly.pdbx_seq_one_letter_code
_entity_poly.pdbx_strand_id
1 'polypeptide(L)'
;KDFLNPKYTLENFIVGEGNRLAYEVVKEALENLGSLYNPIFIYGSVGTGKTHLLQAAGNEAKKRGYRVIYSSADDFAQAM
VEHLKKGTINEFRNMYKSVDLLLLDDVQFLSGKERTQIEFFHIFNTLYLLEKQIILASDRHPQKLDGVSDRLVSRFEGGI
LVEIELDNKTRFKIIKEKLKEFNLELRKEVIDYLLENTKNVREIEGKIKLIKLKGFEGLERKERKERDKLMQIVEFVANY
YAVKVEDILSDKRNKRTSEARKIAMYLCRKVCSASLIEIARAFKRKDHTTVIHAIRSVEEEKKKDRKFKHLVGFLEKQAF
DKIC
;
A,B,C,D
2 'polydeoxyribonucleotide' (DA)(DA)(DA)(DA)(DA)(DA)(DA)(DA)(DA)(DA)(DA)(DA) E
#
loop_
_chem_comp.id
_chem_comp.type
_chem_comp.name
_chem_comp.formula
ACP non-polymer 'PHOSPHOMETHYLPHOSPHONIC ACID ADENYLATE ESTER' 'C11 H18 N5 O12 P3'
DA DNA linking 2'-DEOXYADENOSINE-5'-MONOPHOSPHATE 'C10 H14 N5 O6 P'
MG non-polymer 'MAGNESIUM ION' 'Mg 2'
#
# COMPACT_ATOMS: atom_id res chain seq x y z
N ASP A 2 22.17 -27.28 -15.99
CA ASP A 2 23.08 -26.14 -15.91
C ASP A 2 22.89 -25.21 -17.10
N PHE A 3 22.63 -25.80 -18.27
CA PHE A 3 22.30 -25.05 -19.49
C PHE A 3 23.45 -24.19 -20.01
N LEU A 4 24.68 -24.47 -19.59
CA LEU A 4 25.85 -23.80 -20.15
C LEU A 4 26.61 -24.73 -21.09
N ASN A 5 26.20 -24.76 -22.35
CA ASN A 5 26.83 -25.62 -23.34
C ASN A 5 28.23 -25.14 -23.69
N PRO A 6 29.24 -25.97 -23.42
CA PRO A 6 30.66 -25.60 -23.56
C PRO A 6 31.09 -25.21 -24.97
N LYS A 7 30.28 -25.57 -25.98
CA LYS A 7 30.62 -25.24 -27.36
C LYS A 7 30.88 -23.74 -27.52
N TYR A 8 30.14 -22.94 -26.76
CA TYR A 8 30.28 -21.48 -26.82
C TYR A 8 31.39 -21.02 -25.88
N THR A 9 32.41 -20.38 -26.45
CA THR A 9 33.54 -19.91 -25.67
C THR A 9 33.95 -18.51 -26.11
N LEU A 10 34.66 -17.80 -25.23
CA LEU A 10 35.16 -16.48 -25.56
C LEU A 10 36.15 -16.53 -26.72
N GLU A 11 36.87 -17.64 -26.84
CA GLU A 11 37.88 -17.80 -27.88
C GLU A 11 37.23 -18.05 -29.24
N ASN A 12 36.03 -18.63 -29.24
CA ASN A 12 35.32 -18.93 -30.47
C ASN A 12 34.67 -17.69 -31.07
N PHE A 13 34.63 -16.61 -30.30
CA PHE A 13 33.93 -15.41 -30.71
C PHE A 13 34.76 -14.57 -31.67
N ILE A 14 34.57 -14.77 -32.96
CA ILE A 14 35.19 -13.92 -33.97
C ILE A 14 34.86 -12.46 -33.65
N VAL A 15 35.88 -11.63 -33.54
CA VAL A 15 35.67 -10.22 -33.21
C VAL A 15 35.91 -9.32 -34.43
N GLY A 16 35.06 -8.32 -34.58
CA GLY A 16 35.16 -7.36 -35.67
C GLY A 16 34.76 -5.98 -35.22
N GLU A 17 34.66 -5.05 -36.16
CA GLU A 17 34.28 -3.67 -35.84
C GLU A 17 32.89 -3.58 -35.22
N GLY A 18 32.12 -4.66 -35.30
CA GLY A 18 30.71 -4.61 -34.94
C GLY A 18 30.38 -5.18 -33.57
N ASN A 19 31.23 -6.08 -33.08
CA ASN A 19 30.98 -6.71 -31.79
C ASN A 19 32.16 -6.60 -30.84
N ARG A 20 33.19 -5.89 -31.27
CA ARG A 20 34.39 -5.71 -30.45
C ARG A 20 34.02 -5.14 -29.09
N LEU A 21 33.17 -4.12 -29.09
CA LEU A 21 32.82 -3.44 -27.85
C LEU A 21 32.18 -4.43 -26.87
N ALA A 22 31.09 -5.06 -27.30
CA ALA A 22 30.41 -6.05 -26.47
C ALA A 22 31.39 -7.08 -25.94
N TYR A 23 32.14 -7.70 -26.86
CA TYR A 23 33.10 -8.72 -26.50
C TYR A 23 34.05 -8.25 -25.39
N GLU A 24 34.75 -7.15 -25.64
CA GLU A 24 35.75 -6.65 -24.72
C GLU A 24 35.15 -6.27 -23.36
N VAL A 25 33.99 -5.63 -23.39
CA VAL A 25 33.30 -5.28 -22.15
C VAL A 25 33.05 -6.53 -21.34
N VAL A 26 32.42 -7.53 -21.96
CA VAL A 26 32.15 -8.79 -21.28
C VAL A 26 33.43 -9.36 -20.69
N LYS A 27 34.39 -9.64 -21.55
CA LYS A 27 35.68 -10.20 -21.14
C LYS A 27 36.24 -9.49 -19.90
N GLU A 28 36.40 -8.18 -20.01
CA GLU A 28 36.97 -7.39 -18.93
C GLU A 28 36.15 -7.51 -17.66
N ALA A 29 34.84 -7.59 -17.81
CA ALA A 29 33.96 -7.77 -16.66
C ALA A 29 34.23 -9.13 -16.01
N LEU A 30 34.50 -10.13 -16.83
CA LEU A 30 34.85 -11.45 -16.32
C LEU A 30 36.12 -11.33 -15.49
N GLU A 31 37.06 -10.52 -15.95
CA GLU A 31 38.29 -10.30 -15.19
C GLU A 31 37.96 -9.85 -13.76
N ASN A 32 37.23 -8.75 -13.65
CA ASN A 32 36.79 -8.26 -12.34
C ASN A 32 35.27 -8.33 -12.23
N LEU A 33 34.78 -9.31 -11.49
CA LEU A 33 33.35 -9.58 -11.43
C LEU A 33 32.62 -8.66 -10.45
N GLY A 34 31.75 -7.82 -10.98
CA GLY A 34 30.93 -6.93 -10.16
C GLY A 34 31.65 -5.66 -9.78
N SER A 35 32.94 -5.60 -10.06
CA SER A 35 33.75 -4.42 -9.77
C SER A 35 33.38 -3.18 -10.59
N LEU A 36 33.22 -3.38 -11.89
CA LEU A 36 32.95 -2.31 -12.85
C LEU A 36 32.08 -2.85 -13.97
N TYR A 37 31.44 -1.98 -14.74
CA TYR A 37 30.55 -2.49 -15.78
C TYR A 37 29.61 -3.45 -15.09
N ASN A 38 29.00 -2.96 -14.00
CA ASN A 38 28.25 -3.81 -13.07
C ASN A 38 27.06 -4.43 -13.81
N PRO A 39 26.09 -3.61 -14.24
CA PRO A 39 25.01 -4.12 -15.09
C PRO A 39 25.30 -4.00 -16.59
N ILE A 40 25.75 -5.08 -17.25
CA ILE A 40 26.02 -5.07 -18.68
C ILE A 40 24.77 -5.42 -19.47
N PHE A 41 24.39 -4.58 -20.43
CA PHE A 41 23.19 -4.82 -21.21
C PHE A 41 23.51 -4.85 -22.70
N ILE A 42 23.69 -6.06 -23.23
CA ILE A 42 23.98 -6.23 -24.65
C ILE A 42 22.68 -6.36 -25.44
N TYR A 43 22.64 -5.76 -26.62
CA TYR A 43 21.46 -5.89 -27.48
C TYR A 43 21.84 -5.84 -28.95
N GLY A 44 21.09 -6.58 -29.76
CA GLY A 44 21.37 -6.62 -31.19
C GLY A 44 20.25 -7.28 -31.98
N SER A 45 20.41 -7.27 -33.30
CA SER A 45 19.45 -7.86 -34.23
C SER A 45 19.52 -9.38 -34.12
N VAL A 46 18.51 -10.08 -34.64
CA VAL A 46 18.44 -11.53 -34.48
C VAL A 46 19.65 -12.21 -35.12
N GLY A 47 20.31 -13.07 -34.35
CA GLY A 47 21.44 -13.83 -34.86
C GLY A 47 22.73 -13.03 -34.84
N THR A 48 22.98 -12.33 -33.75
CA THR A 48 24.12 -11.42 -33.66
C THR A 48 25.24 -11.97 -32.77
N GLY A 49 24.91 -12.94 -31.94
CA GLY A 49 25.89 -13.59 -31.10
C GLY A 49 25.68 -13.32 -29.62
N LYS A 50 24.52 -12.77 -29.30
CA LYS A 50 24.18 -12.47 -27.91
C LYS A 50 24.31 -13.71 -27.04
N THR A 51 23.60 -14.77 -27.43
CA THR A 51 23.59 -16.00 -26.65
C THR A 51 24.98 -16.59 -26.55
N HIS A 52 25.74 -16.56 -27.65
CA HIS A 52 27.10 -17.09 -27.63
C HIS A 52 27.91 -16.38 -26.58
N LEU A 53 27.78 -15.05 -26.56
CA LEU A 53 28.55 -14.21 -25.66
C LEU A 53 28.19 -14.52 -24.20
N LEU A 54 26.91 -14.45 -23.87
CA LEU A 54 26.47 -14.78 -22.51
C LEU A 54 26.96 -16.16 -22.09
N GLN A 55 26.73 -17.14 -22.96
CA GLN A 55 27.16 -18.51 -22.73
C GLN A 55 28.63 -18.57 -22.35
N ALA A 56 29.47 -17.99 -23.22
CA ALA A 56 30.92 -17.99 -23.01
C ALA A 56 31.28 -17.38 -21.68
N ALA A 57 30.66 -16.24 -21.36
CA ALA A 57 30.89 -15.59 -20.08
C ALA A 57 30.63 -16.57 -18.94
N GLY A 58 29.46 -17.19 -18.97
CA GLY A 58 29.08 -18.17 -17.96
C GLY A 58 30.10 -19.28 -17.85
N ASN A 59 30.59 -19.74 -18.99
CA ASN A 59 31.56 -20.83 -19.03
C ASN A 59 32.88 -20.43 -18.39
N GLU A 60 33.30 -19.19 -18.62
CA GLU A 60 34.52 -18.68 -17.99
C GLU A 60 34.33 -18.63 -16.48
N ALA A 61 33.23 -18.01 -16.06
CA ALA A 61 32.92 -17.91 -14.64
C ALA A 61 32.98 -19.30 -14.00
N LYS A 62 32.31 -20.27 -14.61
CA LYS A 62 32.34 -21.64 -14.13
C LYS A 62 33.78 -22.14 -14.05
N LYS A 63 34.56 -21.82 -15.07
CA LYS A 63 35.94 -22.28 -15.19
C LYS A 63 36.79 -21.73 -14.04
N ARG A 64 36.38 -20.59 -13.50
CA ARG A 64 37.13 -19.93 -12.44
C ARG A 64 36.56 -20.19 -11.05
N GLY A 65 35.48 -20.97 -10.97
CA GLY A 65 34.93 -21.40 -9.70
C GLY A 65 33.85 -20.50 -9.14
N TYR A 66 33.27 -19.66 -9.99
CA TYR A 66 32.20 -18.77 -9.59
C TYR A 66 30.84 -19.45 -9.75
N ARG A 67 29.89 -19.11 -8.88
CA ARG A 67 28.51 -19.57 -9.03
C ARG A 67 27.88 -18.88 -10.24
N VAL A 68 27.23 -19.67 -11.10
CA VAL A 68 26.64 -19.10 -12.31
C VAL A 68 25.25 -19.64 -12.58
N ILE A 69 24.40 -18.79 -13.15
CA ILE A 69 23.10 -19.21 -13.66
C ILE A 69 22.85 -18.58 -15.02
N TYR A 70 22.56 -19.41 -16.01
CA TYR A 70 22.08 -18.90 -17.30
C TYR A 70 20.61 -19.23 -17.42
N SER A 71 19.85 -18.32 -18.02
CA SER A 71 18.41 -18.53 -18.17
C SER A 71 17.79 -17.49 -19.07
N SER A 72 16.85 -17.91 -19.90
CA SER A 72 16.09 -17.00 -20.74
C SER A 72 15.05 -16.30 -19.86
N ALA A 73 14.59 -15.13 -20.30
CA ALA A 73 13.59 -14.39 -19.54
C ALA A 73 12.30 -15.20 -19.43
N ASP A 74 11.82 -15.70 -20.56
CA ASP A 74 10.59 -16.49 -20.59
C ASP A 74 10.69 -17.71 -19.66
N ASP A 75 11.86 -18.33 -19.62
CA ASP A 75 12.07 -19.52 -18.81
C ASP A 75 12.10 -19.14 -17.34
N PHE A 76 12.62 -17.94 -17.07
CA PHE A 76 12.62 -17.39 -15.73
C PHE A 76 11.17 -17.22 -15.27
N ALA A 77 10.35 -16.62 -16.12
CA ALA A 77 8.94 -16.42 -15.83
C ALA A 77 8.27 -17.76 -15.53
N GLN A 78 8.39 -18.70 -16.46
CA GLN A 78 7.79 -20.02 -16.28
C GLN A 78 8.20 -20.64 -14.94
N ALA A 79 9.51 -20.77 -14.74
CA ALA A 79 10.03 -21.36 -13.51
C ALA A 79 9.43 -20.69 -12.28
N MET A 80 9.47 -19.37 -12.26
CA MET A 80 8.94 -18.60 -11.14
C MET A 80 7.48 -18.96 -10.89
N VAL A 81 6.67 -18.97 -11.94
CA VAL A 81 5.27 -19.34 -11.83
C VAL A 81 5.09 -20.73 -11.21
N GLU A 82 5.90 -21.68 -11.67
CA GLU A 82 5.80 -23.04 -11.17
C GLU A 82 6.17 -23.12 -9.69
N HIS A 83 7.20 -22.37 -9.30
CA HIS A 83 7.58 -22.28 -7.89
C HIS A 83 6.46 -21.62 -7.09
N LEU A 84 5.67 -20.79 -7.77
CA LEU A 84 4.51 -20.18 -7.15
C LEU A 84 3.44 -21.21 -6.88
N LYS A 85 3.12 -22.02 -7.90
CA LYS A 85 2.14 -23.09 -7.73
C LYS A 85 2.56 -24.04 -6.62
N LYS A 86 3.81 -24.49 -6.67
CA LYS A 86 4.32 -25.46 -5.71
C LYS A 86 4.74 -24.80 -4.39
N GLY A 87 4.63 -23.48 -4.34
CA GLY A 87 4.85 -22.74 -3.10
C GLY A 87 6.26 -22.77 -2.57
N THR A 88 7.23 -23.04 -3.44
CA THR A 88 8.63 -23.00 -3.03
C THR A 88 9.31 -21.77 -3.63
N ILE A 89 8.57 -20.68 -3.74
CA ILE A 89 9.08 -19.44 -4.31
C ILE A 89 10.31 -18.93 -3.56
N ASN A 90 10.36 -19.18 -2.26
CA ASN A 90 11.49 -18.74 -1.47
C ASN A 90 12.78 -19.39 -1.96
N GLU A 91 12.78 -20.71 -2.10
CA GLU A 91 13.95 -21.43 -2.58
C GLU A 91 14.39 -20.88 -3.93
N PHE A 92 13.42 -20.54 -4.76
CA PHE A 92 13.69 -19.95 -6.07
C PHE A 92 14.47 -18.65 -5.92
N ARG A 93 13.88 -17.72 -5.17
CA ARG A 93 14.52 -16.44 -4.91
C ARG A 93 15.95 -16.63 -4.39
N ASN A 94 16.07 -17.32 -3.25
CA ASN A 94 17.37 -17.55 -2.64
C ASN A 94 18.37 -18.15 -3.61
N MET A 95 17.92 -19.11 -4.42
CA MET A 95 18.77 -19.72 -5.42
C MET A 95 19.32 -18.66 -6.37
N TYR A 96 18.45 -17.80 -6.86
CA TYR A 96 18.87 -16.78 -7.81
C TYR A 96 19.78 -15.71 -7.20
N LYS A 97 19.51 -15.32 -5.96
CA LYS A 97 20.27 -14.24 -5.32
C LYS A 97 21.67 -14.68 -4.92
N SER A 98 21.90 -16.00 -4.90
CA SER A 98 23.15 -16.54 -4.37
C SER A 98 24.22 -16.78 -5.44
N VAL A 99 24.04 -16.19 -6.61
CA VAL A 99 25.00 -16.39 -7.70
C VAL A 99 26.10 -15.33 -7.68
N ASP A 100 27.18 -15.60 -8.39
CA ASP A 100 28.25 -14.63 -8.57
C ASP A 100 28.09 -13.97 -9.93
N LEU A 101 27.38 -14.64 -10.82
CA LEU A 101 27.11 -14.11 -12.16
C LEU A 101 25.71 -14.52 -12.60
N LEU A 102 24.93 -13.55 -13.04
CA LEU A 102 23.59 -13.83 -13.55
C LEU A 102 23.50 -13.47 -15.03
N LEU A 103 23.15 -14.45 -15.85
CA LEU A 103 23.00 -14.25 -17.28
C LEU A 103 21.54 -14.40 -17.67
N LEU A 104 20.92 -13.32 -18.13
CA LEU A 104 19.53 -13.37 -18.57
C LEU A 104 19.41 -13.02 -20.04
N ASP A 105 19.21 -14.04 -20.87
CA ASP A 105 19.12 -13.87 -22.31
C ASP A 105 17.69 -13.50 -22.70
N ASP A 106 17.55 -12.83 -23.84
CA ASP A 106 16.24 -12.51 -24.39
C ASP A 106 15.34 -11.81 -23.35
N VAL A 107 15.80 -10.68 -22.84
CA VAL A 107 15.07 -9.94 -21.81
C VAL A 107 13.75 -9.37 -22.30
N GLN A 108 13.66 -9.08 -23.60
CA GLN A 108 12.46 -8.46 -24.16
C GLN A 108 11.20 -9.24 -23.83
N PHE A 109 11.35 -10.49 -23.39
CA PHE A 109 10.22 -11.33 -23.05
C PHE A 109 9.69 -11.06 -21.65
N LEU A 110 10.04 -9.93 -21.07
CA LEU A 110 9.52 -9.54 -19.76
C LEU A 110 8.23 -8.73 -19.92
N SER A 111 7.92 -8.34 -21.15
CA SER A 111 6.72 -7.56 -21.44
C SER A 111 5.46 -8.27 -20.97
N GLY A 112 4.60 -7.54 -20.27
CA GLY A 112 3.30 -8.05 -19.88
C GLY A 112 3.30 -8.94 -18.65
N LYS A 113 4.48 -9.41 -18.29
CA LYS A 113 4.61 -10.21 -17.10
C LYS A 113 5.02 -9.25 -16.02
N GLU A 114 4.05 -8.81 -15.23
CA GLU A 114 4.35 -7.93 -14.10
C GLU A 114 5.05 -8.67 -12.96
N ARG A 115 4.46 -9.76 -12.49
CA ARG A 115 4.99 -10.45 -11.33
C ARG A 115 6.43 -10.88 -11.58
N THR A 116 6.70 -11.34 -12.79
CA THR A 116 8.05 -11.73 -13.17
C THR A 116 8.98 -10.53 -13.02
N GLN A 117 8.57 -9.41 -13.59
CA GLN A 117 9.39 -8.20 -13.53
C GLN A 117 9.66 -7.82 -12.09
N ILE A 118 8.71 -8.09 -11.22
CA ILE A 118 8.85 -7.77 -9.80
C ILE A 118 9.92 -8.67 -9.19
N GLU A 119 9.77 -9.97 -9.40
CA GLU A 119 10.69 -10.95 -8.85
C GLU A 119 12.12 -10.65 -9.30
N PHE A 120 12.28 -10.47 -10.62
CA PHE A 120 13.58 -10.17 -11.20
C PHE A 120 14.10 -8.81 -10.73
N PHE A 121 13.20 -7.91 -10.41
CA PHE A 121 13.56 -6.61 -9.88
C PHE A 121 14.26 -6.81 -8.54
N HIS A 122 13.59 -7.51 -7.62
CA HIS A 122 14.18 -7.82 -6.32
C HIS A 122 15.54 -8.47 -6.49
N ILE A 123 15.60 -9.53 -7.29
CA ILE A 123 16.85 -10.25 -7.51
C ILE A 123 17.95 -9.32 -8.02
N PHE A 124 17.63 -8.56 -9.06
CA PHE A 124 18.56 -7.62 -9.66
C PHE A 124 19.14 -6.71 -8.59
N ASN A 125 18.27 -6.15 -7.75
CA ASN A 125 18.72 -5.25 -6.70
C ASN A 125 19.65 -5.91 -5.69
N THR A 126 19.22 -7.03 -5.12
CA THR A 126 20.05 -7.72 -4.14
C THR A 126 21.43 -8.04 -4.74
N LEU A 127 21.45 -8.58 -5.94
CA LEU A 127 22.71 -8.90 -6.61
C LEU A 127 23.59 -7.66 -6.78
N TYR A 128 23.02 -6.62 -7.39
CA TYR A 128 23.77 -5.38 -7.64
C TYR A 128 24.39 -4.84 -6.36
N LEU A 129 23.58 -4.74 -5.30
CA LEU A 129 24.07 -4.24 -4.01
C LEU A 129 25.17 -5.13 -3.45
N LEU A 130 25.02 -6.44 -3.61
CA LEU A 130 26.03 -7.37 -3.13
C LEU A 130 27.26 -7.41 -4.04
N GLU A 131 27.29 -6.54 -5.03
CA GLU A 131 28.45 -6.38 -5.89
C GLU A 131 28.69 -7.61 -6.78
N LYS A 132 27.60 -8.33 -7.09
CA LYS A 132 27.68 -9.47 -7.99
C LYS A 132 27.47 -9.02 -9.43
N GLN A 133 28.01 -9.77 -10.38
CA GLN A 133 27.97 -9.38 -11.79
C GLN A 133 26.63 -9.69 -12.45
N ILE A 134 26.16 -8.79 -13.30
CA ILE A 134 24.93 -9.01 -14.06
C ILE A 134 25.12 -8.71 -15.55
N ILE A 135 24.64 -9.61 -16.40
CA ILE A 135 24.73 -9.45 -17.84
C ILE A 135 23.42 -9.88 -18.49
N LEU A 136 22.74 -8.91 -19.11
CA LEU A 136 21.48 -9.16 -19.80
C LEU A 136 21.69 -9.03 -21.30
N ALA A 137 20.88 -9.73 -22.08
CA ALA A 137 20.93 -9.63 -23.53
C ALA A 137 19.53 -9.44 -24.09
N SER A 138 19.43 -8.70 -25.19
CA SER A 138 18.13 -8.33 -25.75
C SER A 138 18.21 -8.06 -27.25
N ASP A 139 17.05 -8.16 -27.90
CA ASP A 139 16.98 -7.91 -29.33
C ASP A 139 16.66 -6.45 -29.63
N ARG A 140 16.53 -5.64 -28.58
CA ARG A 140 16.21 -4.23 -28.74
C ARG A 140 16.73 -3.37 -27.60
N HIS A 141 16.95 -2.10 -27.91
CA HIS A 141 17.37 -1.08 -26.94
C HIS A 141 16.33 -0.98 -25.82
N PRO A 142 16.79 -0.93 -24.56
CA PRO A 142 15.89 -0.73 -23.42
C PRO A 142 14.73 0.23 -23.67
N GLN A 143 14.95 1.29 -24.44
CA GLN A 143 13.86 2.21 -24.75
C GLN A 143 12.73 1.49 -25.48
N LYS A 144 13.11 0.72 -26.50
CA LYS A 144 12.16 -0.06 -27.28
C LYS A 144 11.37 -1.08 -26.45
N LEU A 145 11.76 -1.28 -25.20
CA LEU A 145 11.08 -2.25 -24.34
C LEU A 145 9.74 -1.73 -23.85
N ASP A 146 8.69 -2.00 -24.62
CA ASP A 146 7.34 -1.65 -24.21
C ASP A 146 6.80 -2.70 -23.25
N GLY A 147 6.10 -2.25 -22.22
CA GLY A 147 5.54 -3.17 -21.24
C GLY A 147 6.60 -3.70 -20.31
N VAL A 148 7.58 -2.86 -19.99
CA VAL A 148 8.59 -3.21 -19.00
C VAL A 148 8.70 -2.06 -18.00
N SER A 149 8.52 -2.37 -16.72
CA SER A 149 8.38 -1.32 -15.72
C SER A 149 9.55 -0.35 -15.78
N ASP A 150 9.22 0.94 -15.71
CA ASP A 150 10.19 2.01 -15.88
C ASP A 150 11.38 1.85 -14.95
N ARG A 151 11.18 1.19 -13.83
CA ARG A 151 12.28 0.98 -12.88
C ARG A 151 13.32 0.07 -13.51
N LEU A 152 12.87 -1.03 -14.08
CA LEU A 152 13.74 -1.97 -14.76
C LEU A 152 14.47 -1.32 -15.94
N VAL A 153 13.74 -0.58 -16.77
CA VAL A 153 14.36 0.08 -17.92
C VAL A 153 15.41 1.09 -17.45
N SER A 154 15.07 1.85 -16.41
CA SER A 154 15.98 2.83 -15.85
C SER A 154 17.27 2.12 -15.41
N ARG A 155 17.12 0.97 -14.76
CA ARG A 155 18.28 0.20 -14.34
C ARG A 155 19.11 -0.27 -15.53
N PHE A 156 18.43 -0.77 -16.56
CA PHE A 156 19.10 -1.25 -17.76
C PHE A 156 19.95 -0.15 -18.39
N GLU A 157 19.38 1.05 -18.52
CA GLU A 157 20.06 2.17 -19.16
C GLU A 157 21.18 2.75 -18.29
N GLY A 158 21.11 2.50 -16.98
CA GLY A 158 22.03 3.12 -16.05
C GLY A 158 23.37 2.42 -15.92
N GLY A 159 23.57 1.38 -16.72
CA GLY A 159 24.82 0.63 -16.70
C GLY A 159 25.64 0.87 -17.95
N ILE A 160 26.09 -0.22 -18.56
CA ILE A 160 26.76 -0.16 -19.84
C ILE A 160 25.81 -0.65 -20.91
N LEU A 161 25.58 0.16 -21.92
CA LEU A 161 24.65 -0.21 -22.98
C LEU A 161 25.40 -0.41 -24.29
N VAL A 162 25.71 -1.67 -24.59
CA VAL A 162 26.47 -1.99 -25.80
C VAL A 162 25.60 -2.67 -26.84
N GLU A 163 25.64 -2.16 -28.07
CA GLU A 163 24.94 -2.75 -29.18
C GLU A 163 25.91 -3.58 -30.01
N ILE A 164 25.38 -4.60 -30.70
CA ILE A 164 26.18 -5.35 -31.65
C ILE A 164 25.60 -5.14 -33.04
N GLU A 165 26.32 -4.38 -33.86
CA GLU A 165 25.88 -4.10 -35.23
C GLU A 165 26.76 -4.88 -36.19
N LEU A 166 26.15 -5.64 -37.09
CA LEU A 166 26.90 -6.41 -38.08
C LEU A 166 27.03 -5.65 -39.40
N ASP A 167 27.98 -4.73 -39.45
CA ASP A 167 28.28 -4.03 -40.70
C ASP A 167 28.99 -4.98 -41.65
N ASN A 168 29.25 -4.52 -42.87
CA ASN A 168 29.94 -5.35 -43.86
C ASN A 168 31.32 -5.76 -43.38
N LYS A 169 32.10 -4.79 -42.91
CA LYS A 169 33.47 -5.03 -42.49
C LYS A 169 33.58 -6.13 -41.44
N THR A 170 32.51 -6.39 -40.71
CA THR A 170 32.51 -7.44 -39.70
C THR A 170 32.05 -8.75 -40.30
N ARG A 171 30.89 -8.74 -40.95
CA ARG A 171 30.38 -9.94 -41.60
C ARG A 171 31.45 -10.58 -42.47
N PHE A 172 32.30 -9.76 -43.09
CA PHE A 172 33.40 -10.27 -43.88
C PHE A 172 34.36 -11.07 -43.00
N LYS A 173 34.82 -10.45 -41.93
CA LYS A 173 35.72 -11.09 -40.99
C LYS A 173 35.15 -12.43 -40.52
N ILE A 174 33.89 -12.43 -40.11
CA ILE A 174 33.25 -13.62 -39.56
C ILE A 174 33.11 -14.71 -40.62
N ILE A 175 32.78 -14.30 -41.85
CA ILE A 175 32.65 -15.24 -42.95
C ILE A 175 33.98 -15.92 -43.23
N LYS A 176 35.03 -15.11 -43.41
CA LYS A 176 36.36 -15.63 -43.68
C LYS A 176 36.79 -16.59 -42.57
N GLU A 177 36.62 -16.17 -41.33
CA GLU A 177 37.06 -16.98 -40.19
C GLU A 177 36.26 -18.27 -40.03
N LYS A 178 34.98 -18.24 -40.34
CA LYS A 178 34.14 -19.44 -40.25
C LYS A 178 34.47 -20.39 -41.38
N LEU A 179 34.78 -19.84 -42.54
CA LEU A 179 35.27 -20.63 -43.67
C LEU A 179 36.56 -21.33 -43.27
N LYS A 180 37.43 -20.59 -42.61
CA LYS A 180 38.73 -21.09 -42.20
C LYS A 180 38.48 -22.20 -41.18
N GLU A 181 37.54 -21.97 -40.27
CA GLU A 181 37.30 -22.93 -39.19
C GLU A 181 36.93 -24.25 -39.80
N PHE A 182 35.98 -24.20 -40.74
CA PHE A 182 35.63 -25.35 -41.55
C PHE A 182 36.80 -25.46 -42.50
N ASN A 183 37.09 -26.65 -43.00
CA ASN A 183 38.24 -26.80 -43.88
C ASN A 183 37.81 -26.26 -45.23
N LEU A 184 37.66 -24.94 -45.28
CA LEU A 184 37.19 -24.30 -46.49
C LEU A 184 38.28 -23.35 -46.98
N GLU A 185 38.26 -23.07 -48.28
CA GLU A 185 39.39 -22.43 -48.93
C GLU A 185 39.38 -20.92 -49.24
N LEU A 186 38.35 -20.19 -48.83
CA LEU A 186 38.30 -18.74 -49.12
C LEU A 186 38.32 -18.29 -50.61
N ARG A 187 37.62 -18.97 -51.51
CA ARG A 187 37.45 -18.42 -52.88
C ARG A 187 36.67 -17.07 -52.89
N LYS A 188 36.98 -16.13 -53.79
CA LYS A 188 36.32 -14.83 -53.83
C LYS A 188 34.87 -14.92 -54.32
N GLU A 189 34.62 -15.71 -55.36
CA GLU A 189 33.26 -15.88 -55.83
C GLU A 189 32.39 -16.24 -54.62
N VAL A 190 32.98 -17.01 -53.70
CA VAL A 190 32.27 -17.64 -52.57
C VAL A 190 32.01 -16.70 -51.40
N ILE A 191 33.08 -16.16 -50.86
CA ILE A 191 33.06 -15.01 -49.97
C ILE A 191 32.15 -13.92 -50.51
N ASP A 192 32.48 -13.42 -51.70
CA ASP A 192 31.68 -12.38 -52.33
C ASP A 192 30.21 -12.78 -52.37
N TYR A 193 29.95 -14.07 -52.50
CA TYR A 193 28.57 -14.56 -52.51
C TYR A 193 27.94 -14.42 -51.12
N LEU A 194 28.59 -15.02 -50.12
CA LEU A 194 28.09 -14.98 -48.75
C LEU A 194 27.80 -13.54 -48.32
N LEU A 195 28.71 -12.63 -48.64
CA LEU A 195 28.53 -11.22 -48.30
C LEU A 195 27.16 -10.72 -48.77
N GLU A 196 26.82 -11.07 -50.01
CA GLU A 196 25.63 -10.54 -50.65
C GLU A 196 24.33 -11.18 -50.13
N ASN A 197 24.43 -12.35 -49.52
CA ASN A 197 23.23 -13.10 -49.17
C ASN A 197 23.14 -13.58 -47.72
N THR A 198 23.93 -12.98 -46.83
CA THR A 198 23.81 -13.25 -45.40
C THR A 198 23.84 -11.95 -44.61
N LYS A 199 22.91 -11.82 -43.67
CA LYS A 199 22.81 -10.61 -42.86
C LYS A 199 23.30 -10.85 -41.45
N ASN A 200 23.02 -12.03 -40.91
CA ASN A 200 23.46 -12.40 -39.57
C ASN A 200 24.32 -13.65 -39.56
N VAL A 201 24.91 -13.95 -38.40
CA VAL A 201 25.85 -15.06 -38.29
C VAL A 201 25.20 -16.41 -38.47
N ARG A 202 23.89 -16.50 -38.17
CA ARG A 202 23.18 -17.77 -38.31
C ARG A 202 23.05 -18.16 -39.78
N GLU A 203 22.68 -17.20 -40.62
CA GLU A 203 22.59 -17.43 -42.05
C GLU A 203 23.95 -17.82 -42.60
N ILE A 204 25.00 -17.19 -42.08
CA ILE A 204 26.37 -17.50 -42.49
C ILE A 204 26.70 -18.95 -42.16
N GLU A 205 26.61 -19.31 -40.88
CA GLU A 205 26.84 -20.67 -40.46
C GLU A 205 26.07 -21.64 -41.35
N GLY A 206 24.75 -21.45 -41.45
CA GLY A 206 23.91 -22.31 -42.26
C GLY A 206 24.46 -22.48 -43.66
N LYS A 207 24.44 -21.39 -44.43
CA LYS A 207 24.92 -21.42 -45.80
C LYS A 207 26.23 -22.20 -45.88
N ILE A 208 27.19 -21.85 -45.02
CA ILE A 208 28.51 -22.49 -45.04
C ILE A 208 28.43 -24.01 -44.86
N LYS A 209 27.66 -24.46 -43.87
CA LYS A 209 27.46 -25.89 -43.68
C LYS A 209 26.94 -26.51 -44.97
N LEU A 210 26.02 -25.80 -45.60
CA LEU A 210 25.39 -26.28 -46.83
C LEU A 210 26.42 -26.40 -47.96
N ILE A 211 27.38 -25.48 -48.00
CA ILE A 211 28.48 -25.57 -48.95
C ILE A 211 29.34 -26.79 -48.65
N LYS A 212 29.67 -26.95 -47.38
CA LYS A 212 30.48 -28.07 -46.93
C LYS A 212 29.81 -29.40 -47.26
N LEU A 213 28.50 -29.38 -47.45
CA LEU A 213 27.76 -30.60 -47.75
C LEU A 213 27.55 -30.86 -49.25
N LYS A 214 27.06 -29.86 -49.97
CA LYS A 214 26.68 -30.06 -51.38
C LYS A 214 27.31 -29.06 -52.36
N GLY A 215 28.48 -28.52 -52.00
CA GLY A 215 29.23 -27.65 -52.89
C GLY A 215 28.55 -26.33 -53.20
N PHE A 216 29.35 -25.36 -53.63
CA PHE A 216 28.88 -24.00 -53.90
C PHE A 216 28.03 -23.95 -55.17
N GLU A 217 28.52 -24.59 -56.23
CA GLU A 217 27.87 -24.57 -57.53
C GLU A 217 26.41 -25.00 -57.40
N GLY A 218 26.16 -25.93 -56.50
CA GLY A 218 24.81 -26.41 -56.25
C GLY A 218 23.88 -25.27 -55.87
N LEU A 219 24.14 -24.67 -54.71
CA LEU A 219 23.32 -23.55 -54.24
C LEU A 219 23.20 -22.47 -55.30
N GLU A 220 24.34 -22.09 -55.86
CA GLU A 220 24.37 -20.99 -56.81
C GLU A 220 23.18 -21.00 -57.76
N ARG A 221 22.93 -22.14 -58.40
CA ARG A 221 21.89 -22.22 -59.42
C ARG A 221 20.48 -22.08 -58.86
N LYS A 222 20.10 -22.96 -57.94
CA LYS A 222 18.76 -22.91 -57.35
C LYS A 222 18.46 -21.49 -56.88
N GLU A 223 19.40 -20.91 -56.13
CA GLU A 223 19.21 -19.57 -55.60
C GLU A 223 19.04 -18.56 -56.73
N ARG A 224 19.97 -18.58 -57.68
CA ARG A 224 19.92 -17.68 -58.82
C ARG A 224 18.55 -17.68 -59.49
N LYS A 225 18.04 -18.86 -59.82
CA LYS A 225 16.76 -18.96 -60.51
C LYS A 225 15.61 -18.50 -59.61
N GLU A 226 15.53 -19.06 -58.41
CA GLU A 226 14.52 -18.68 -57.44
C GLU A 226 14.42 -17.16 -57.33
N ARG A 227 15.56 -16.49 -57.41
CA ARG A 227 15.63 -15.05 -57.21
C ARG A 227 15.34 -14.25 -58.48
N ASP A 228 15.79 -14.76 -59.62
CA ASP A 228 15.66 -14.03 -60.89
C ASP A 228 14.28 -14.18 -61.50
N LYS A 229 13.57 -15.26 -61.14
CA LYS A 229 12.19 -15.41 -61.58
C LYS A 229 11.32 -14.47 -60.77
N LEU A 230 11.91 -13.89 -59.73
CA LEU A 230 11.26 -12.87 -58.91
C LEU A 230 11.74 -11.50 -59.34
N MET A 231 12.77 -11.48 -60.17
CA MET A 231 13.30 -10.22 -60.71
C MET A 231 12.49 -9.78 -61.92
N GLN A 232 11.19 -9.62 -61.71
CA GLN A 232 10.28 -9.17 -62.75
C GLN A 232 10.17 -7.66 -62.72
N ILE A 233 10.85 -7.03 -61.75
CA ILE A 233 10.80 -5.59 -61.59
C ILE A 233 11.58 -4.88 -62.69
N VAL A 234 12.81 -5.34 -62.94
CA VAL A 234 13.64 -4.71 -63.96
C VAL A 234 13.05 -4.95 -65.33
N GLU A 235 12.49 -6.15 -65.51
CA GLU A 235 11.97 -6.57 -66.81
C GLU A 235 10.68 -5.84 -67.17
N PHE A 236 9.84 -5.57 -66.18
CA PHE A 236 8.50 -5.06 -66.45
C PHE A 236 8.19 -3.75 -65.72
N VAL A 237 8.37 -3.73 -64.40
CA VAL A 237 7.97 -2.59 -63.59
C VAL A 237 8.87 -1.36 -63.81
N ALA A 238 10.12 -1.59 -64.15
CA ALA A 238 11.09 -0.49 -64.28
C ALA A 238 11.13 0.04 -65.71
N ASN A 239 10.52 -0.70 -66.63
CA ASN A 239 10.43 -0.28 -68.01
C ASN A 239 9.09 0.41 -68.28
N TYR A 240 8.01 -0.19 -67.81
CA TYR A 240 6.69 0.40 -67.93
C TYR A 240 6.67 1.73 -67.17
N TYR A 241 6.94 1.67 -65.87
CA TYR A 241 7.06 2.87 -65.07
C TYR A 241 8.40 3.45 -65.52
N ALA A 242 8.52 4.77 -65.55
CA ALA A 242 9.77 5.38 -65.98
C ALA A 242 10.75 5.50 -64.82
N VAL A 243 11.47 4.43 -64.52
CA VAL A 243 12.44 4.46 -63.44
C VAL A 243 13.60 3.46 -63.55
N LYS A 244 14.68 3.80 -62.85
CA LYS A 244 15.89 2.98 -62.77
C LYS A 244 15.67 1.83 -61.80
N VAL A 245 16.43 0.76 -61.97
CA VAL A 245 16.31 -0.42 -61.13
C VAL A 245 16.97 -0.19 -59.79
N GLU A 246 18.25 0.17 -59.81
CA GLU A 246 19.00 0.45 -58.60
C GLU A 246 18.22 1.41 -57.70
N ASP A 247 17.48 2.32 -58.34
CA ASP A 247 16.65 3.27 -57.60
C ASP A 247 15.47 2.56 -56.95
N ILE A 248 14.86 1.64 -57.69
CA ILE A 248 13.71 0.91 -57.18
C ILE A 248 14.10 -0.15 -56.14
N LEU A 249 15.40 -0.36 -55.96
CA LEU A 249 15.87 -1.24 -54.89
C LEU A 249 16.00 -0.47 -53.58
N SER A 250 16.83 0.57 -53.57
CA SER A 250 16.98 1.42 -52.41
C SER A 250 15.76 2.34 -52.30
N ASP A 251 15.46 2.76 -51.07
CA ASP A 251 14.30 3.63 -50.85
C ASP A 251 14.62 5.07 -51.23
N LYS A 252 13.62 5.94 -51.13
CA LYS A 252 13.77 7.36 -51.43
C LYS A 252 13.49 7.63 -52.90
N ASN A 254 8.94 8.08 -54.02
CA ASN A 254 8.61 9.49 -54.04
C ASN A 254 7.45 9.81 -54.98
N LYS A 255 6.62 8.80 -55.22
CA LYS A 255 5.45 8.97 -56.10
C LYS A 255 5.87 8.79 -57.56
N ARG A 256 7.15 8.50 -57.76
CA ARG A 256 7.68 8.28 -59.10
C ARG A 256 8.38 6.92 -59.18
N THR A 257 8.93 6.50 -58.05
CA THR A 257 9.60 5.20 -57.97
C THR A 257 9.05 4.38 -56.80
N SER A 258 8.43 5.05 -55.83
CA SER A 258 7.82 4.36 -54.70
C SER A 258 6.63 3.53 -55.14
N GLU A 259 5.78 4.13 -55.96
CA GLU A 259 4.60 3.42 -56.46
C GLU A 259 5.04 2.26 -57.33
N ALA A 260 6.18 2.43 -58.01
CA ALA A 260 6.77 1.36 -58.80
C ALA A 260 7.13 0.19 -57.89
N ARG A 261 7.63 0.49 -56.71
CA ARG A 261 7.98 -0.55 -55.74
C ARG A 261 6.74 -1.23 -55.17
N LYS A 262 5.81 -0.43 -54.65
CA LYS A 262 4.56 -0.98 -54.16
C LYS A 262 4.02 -1.97 -55.19
N ILE A 263 3.92 -1.50 -56.43
CA ILE A 263 3.52 -2.35 -57.54
C ILE A 263 4.33 -3.63 -57.54
N ALA A 264 5.65 -3.49 -57.69
CA ALA A 264 6.56 -4.64 -57.75
C ALA A 264 6.21 -5.70 -56.69
N MET A 265 6.20 -5.28 -55.43
CA MET A 265 5.87 -6.18 -54.33
C MET A 265 4.53 -6.85 -54.56
N TYR A 266 3.51 -6.05 -54.85
CA TYR A 266 2.18 -6.59 -55.11
C TYR A 266 2.23 -7.72 -56.13
N LEU A 267 2.85 -7.44 -57.28
CA LEU A 267 2.97 -8.44 -58.34
C LEU A 267 3.68 -9.69 -57.82
N CYS A 268 4.83 -9.51 -57.19
CA CYS A 268 5.59 -10.63 -56.66
C CYS A 268 4.72 -11.53 -55.79
N ARG A 269 3.89 -10.92 -54.95
CA ARG A 269 3.06 -11.67 -54.04
C ARG A 269 1.88 -12.36 -54.74
N LYS A 270 1.29 -11.67 -55.72
CA LYS A 270 0.06 -12.15 -56.36
C LYS A 270 0.30 -13.27 -57.37
N VAL A 271 1.29 -13.11 -58.23
CA VAL A 271 1.53 -14.08 -59.30
C VAL A 271 2.67 -15.06 -58.99
N CYS A 272 3.82 -14.54 -58.60
CA CYS A 272 4.99 -15.39 -58.36
C CYS A 272 4.82 -16.25 -57.11
N SER A 273 3.81 -15.93 -56.31
CA SER A 273 3.51 -16.71 -55.12
C SER A 273 4.69 -16.71 -54.15
N ALA A 274 5.54 -15.71 -54.25
CA ALA A 274 6.67 -15.58 -53.35
C ALA A 274 6.20 -15.24 -51.94
N SER A 275 6.93 -15.71 -50.94
CA SER A 275 6.58 -15.46 -49.55
C SER A 275 6.95 -14.03 -49.16
N LEU A 276 6.38 -13.56 -48.05
CA LEU A 276 6.68 -12.23 -47.56
C LEU A 276 8.17 -12.09 -47.34
N ILE A 277 8.76 -13.13 -46.75
CA ILE A 277 10.18 -13.14 -46.44
C ILE A 277 11.02 -13.04 -47.70
N GLU A 278 10.55 -13.66 -48.78
CA GLU A 278 11.28 -13.68 -50.04
C GLU A 278 11.22 -12.32 -50.74
N ILE A 279 10.04 -11.71 -50.76
CA ILE A 279 9.90 -10.37 -51.34
C ILE A 279 10.77 -9.40 -50.56
N ALA A 280 10.69 -9.50 -49.23
CA ALA A 280 11.50 -8.66 -48.36
C ALA A 280 12.98 -8.82 -48.69
N ARG A 281 13.47 -10.05 -48.67
CA ARG A 281 14.87 -10.32 -48.97
C ARG A 281 15.26 -9.74 -50.33
N ALA A 282 14.40 -9.94 -51.32
CA ALA A 282 14.66 -9.49 -52.68
C ALA A 282 14.75 -7.98 -52.85
N PHE A 283 13.89 -7.23 -52.17
CA PHE A 283 13.87 -5.78 -52.30
C PHE A 283 14.91 -5.09 -51.42
N LYS A 284 15.66 -5.90 -50.68
CA LYS A 284 16.68 -5.36 -49.78
C LYS A 284 15.98 -4.72 -48.60
N ARG A 285 14.69 -5.01 -48.44
CA ARG A 285 13.92 -4.44 -47.35
C ARG A 285 14.17 -5.24 -46.09
N LYS A 286 13.90 -4.63 -44.94
CA LYS A 286 14.12 -5.30 -43.67
C LYS A 286 12.88 -5.30 -42.79
N ASP A 287 12.67 -6.39 -42.06
CA ASP A 287 11.52 -6.49 -41.15
C ASP A 287 10.26 -6.96 -41.86
N HIS A 288 10.34 -7.14 -43.17
CA HIS A 288 9.20 -7.63 -43.95
C HIS A 288 7.88 -6.99 -43.51
N THR A 289 7.94 -5.72 -43.12
CA THR A 289 6.75 -5.00 -42.69
C THR A 289 6.26 -4.05 -43.78
N THR A 290 7.17 -3.29 -44.34
CA THR A 290 6.83 -2.34 -45.38
C THR A 290 6.34 -3.06 -46.63
N VAL A 291 6.64 -4.34 -46.74
CA VAL A 291 6.15 -5.15 -47.85
C VAL A 291 4.67 -5.43 -47.68
N ILE A 292 4.27 -5.89 -46.50
CA ILE A 292 2.87 -6.19 -46.22
C ILE A 292 2.05 -4.90 -46.25
N HIS A 293 2.56 -3.87 -45.59
CA HIS A 293 1.86 -2.58 -45.56
C HIS A 293 1.80 -1.94 -46.95
N ALA A 294 2.81 -2.21 -47.77
CA ALA A 294 2.85 -1.67 -49.12
C ALA A 294 1.86 -2.38 -50.03
N ILE A 295 1.76 -3.69 -49.86
CA ILE A 295 0.79 -4.47 -50.62
C ILE A 295 -0.64 -4.05 -50.24
N ARG A 296 -0.86 -3.86 -48.94
CA ARG A 296 -2.14 -3.34 -48.48
C ARG A 296 -2.38 -1.94 -49.05
N SER A 297 -1.31 -1.17 -49.20
CA SER A 297 -1.40 0.18 -49.76
C SER A 297 -1.89 0.13 -51.20
N VAL A 298 -1.28 -0.72 -52.01
CA VAL A 298 -1.69 -0.85 -53.42
C VAL A 298 -3.08 -1.48 -53.52
N GLU A 299 -3.47 -2.24 -52.51
CA GLU A 299 -4.79 -2.85 -52.50
C GLU A 299 -5.88 -1.84 -52.12
N GLU A 300 -5.53 -0.84 -51.33
CA GLU A 300 -6.51 0.15 -50.87
C GLU A 300 -6.87 1.15 -51.98
N GLU A 301 -5.85 1.64 -52.70
CA GLU A 301 -6.07 2.63 -53.74
C GLU A 301 -6.87 2.07 -54.91
N LYS A 302 -7.16 0.77 -54.86
CA LYS A 302 -7.91 0.11 -55.91
C LYS A 302 -9.31 0.67 -56.02
N ARG A 306 -8.74 5.77 -59.32
CA ARG A 306 -9.97 5.32 -59.96
C ARG A 306 -9.73 4.09 -60.84
N LYS A 307 -9.26 4.34 -62.05
CA LYS A 307 -9.06 3.27 -63.03
C LYS A 307 -7.72 2.58 -62.87
N PHE A 308 -7.09 2.77 -61.71
CA PHE A 308 -5.83 2.11 -61.41
C PHE A 308 -6.01 0.59 -61.43
N LYS A 309 -7.25 0.15 -61.23
CA LYS A 309 -7.56 -1.28 -61.20
C LYS A 309 -7.36 -1.93 -62.58
N HIS A 310 -7.78 -1.24 -63.63
CA HIS A 310 -7.59 -1.74 -64.99
C HIS A 310 -6.10 -1.92 -65.26
N LEU A 311 -5.33 -0.89 -64.93
CA LEU A 311 -3.88 -0.94 -65.03
C LEU A 311 -3.35 -2.17 -64.31
N VAL A 312 -3.73 -2.32 -63.05
CA VAL A 312 -3.34 -3.48 -62.25
C VAL A 312 -3.59 -4.76 -63.03
N GLY A 313 -4.83 -4.98 -63.44
CA GLY A 313 -5.19 -6.18 -64.18
C GLY A 313 -4.29 -6.41 -65.37
N PHE A 314 -4.08 -5.38 -66.16
CA PHE A 314 -3.21 -5.46 -67.33
C PHE A 314 -1.83 -5.98 -66.93
N LEU A 315 -1.23 -5.33 -65.94
CA LEU A 315 0.11 -5.71 -65.48
C LEU A 315 0.12 -7.16 -64.96
N GLU A 316 -0.98 -7.58 -64.37
CA GLU A 316 -1.10 -8.93 -63.84
C GLU A 316 -1.10 -9.96 -64.95
N LYS A 317 -1.99 -9.79 -65.93
CA LYS A 317 -2.04 -10.67 -67.07
C LYS A 317 -0.66 -10.73 -67.73
N GLN A 318 -0.09 -9.55 -67.99
CA GLN A 318 1.25 -9.45 -68.57
C GLN A 318 2.25 -10.28 -67.78
N ALA A 319 2.15 -10.22 -66.44
CA ALA A 319 3.05 -11.00 -65.57
C ALA A 319 2.85 -12.52 -65.65
N PHE A 320 1.60 -12.98 -65.54
CA PHE A 320 1.29 -14.40 -65.69
C PHE A 320 1.77 -14.96 -67.02
N ASP A 321 1.59 -14.18 -68.10
CA ASP A 321 1.94 -14.66 -69.42
C ASP A 321 3.45 -14.79 -69.64
N LYS A 322 4.21 -13.75 -69.27
CA LYS A 322 5.64 -13.73 -69.55
C LYS A 322 6.50 -13.91 -68.30
N ILE A 323 5.96 -14.53 -67.26
CA ILE A 323 6.70 -14.77 -66.03
C ILE A 323 6.67 -16.26 -65.66
N CYS A 324 5.89 -17.04 -66.40
CA CYS A 324 5.83 -18.48 -66.16
C CYS A 324 5.20 -19.20 -67.36
N ASP B 2 24.49 -7.81 4.92
CA ASP B 2 24.41 -6.46 5.46
C ASP B 2 23.78 -5.50 4.47
N PHE B 3 24.08 -5.70 3.19
CA PHE B 3 23.45 -4.93 2.10
C PHE B 3 23.79 -3.45 2.10
N LEU B 4 24.85 -3.07 2.81
CA LEU B 4 25.34 -1.69 2.74
C LEU B 4 26.61 -1.60 1.90
N ASN B 5 26.43 -1.44 0.59
CA ASN B 5 27.56 -1.36 -0.32
C ASN B 5 28.33 -0.05 -0.14
N PRO B 6 29.62 -0.14 0.23
CA PRO B 6 30.44 1.02 0.58
C PRO B 6 30.63 2.03 -0.56
N LYS B 7 30.36 1.62 -1.80
CA LYS B 7 30.53 2.53 -2.94
C LYS B 7 29.75 3.82 -2.72
N TYR B 8 28.59 3.72 -2.06
CA TYR B 8 27.74 4.88 -1.80
C TYR B 8 28.18 5.57 -0.51
N THR B 9 28.57 6.83 -0.63
CA THR B 9 29.05 7.59 0.52
C THR B 9 28.47 9.00 0.50
N LEU B 10 28.46 9.65 1.65
CA LEU B 10 27.99 11.03 1.76
C LEU B 10 28.87 11.97 0.95
N GLU B 11 30.15 11.63 0.82
CA GLU B 11 31.10 12.47 0.10
C GLU B 11 30.92 12.35 -1.42
N ASN B 12 30.40 11.21 -1.86
CA ASN B 12 30.18 10.97 -3.28
C ASN B 12 28.94 11.68 -3.79
N PHE B 13 28.12 12.18 -2.88
CA PHE B 13 26.85 12.77 -3.23
C PHE B 13 27.00 14.21 -3.72
N ILE B 14 27.12 14.38 -5.03
CA ILE B 14 27.11 15.71 -5.64
C ILE B 14 25.87 16.47 -5.15
N VAL B 15 26.08 17.65 -4.59
CA VAL B 15 24.96 18.44 -4.08
C VAL B 15 24.67 19.64 -4.96
N GLY B 16 23.39 19.91 -5.16
CA GLY B 16 22.95 21.04 -5.96
C GLY B 16 21.68 21.65 -5.39
N GLU B 17 21.08 22.58 -6.13
CA GLU B 17 19.87 23.25 -5.67
C GLU B 17 18.71 22.27 -5.46
N GLY B 18 18.85 21.05 -5.98
CA GLY B 18 17.73 20.12 -6.03
C GLY B 18 17.73 19.06 -4.96
N ASN B 19 18.90 18.75 -4.42
CA ASN B 19 19.02 17.71 -3.40
C ASN B 19 19.74 18.18 -2.15
N ARG B 20 20.09 19.46 -2.11
CA ARG B 20 20.79 20.04 -0.98
C ARG B 20 20.01 19.78 0.31
N LEU B 21 18.70 20.01 0.26
CA LEU B 21 17.87 19.87 1.45
C LEU B 21 17.96 18.45 2.00
N ALA B 22 17.59 17.48 1.17
CA ALA B 22 17.66 16.07 1.56
C ALA B 22 19.03 15.74 2.14
N TYR B 23 20.07 16.04 1.37
CA TYR B 23 21.43 15.75 1.78
C TYR B 23 21.74 16.29 3.18
N GLU B 24 21.55 17.60 3.36
CA GLU B 24 21.90 18.25 4.61
C GLU B 24 21.07 17.72 5.78
N VAL B 25 19.78 17.49 5.54
CA VAL B 25 18.92 16.93 6.58
C VAL B 25 19.48 15.59 7.03
N VAL B 26 19.73 14.70 6.07
CA VAL B 26 20.28 13.39 6.39
C VAL B 26 21.56 13.55 7.20
N LYS B 27 22.55 14.21 6.62
CA LYS B 27 23.84 14.44 7.26
C LYS B 27 23.67 14.86 8.72
N GLU B 28 22.94 15.95 8.91
CA GLU B 28 22.75 16.51 10.25
C GLU B 28 22.09 15.51 11.18
N ALA B 29 21.18 14.71 10.65
CA ALA B 29 20.53 13.68 11.45
C ALA B 29 21.56 12.63 11.86
N LEU B 30 22.51 12.33 10.98
CA LEU B 30 23.59 11.42 11.31
C LEU B 30 24.38 11.99 12.47
N GLU B 31 24.60 13.30 12.46
CA GLU B 31 25.30 13.94 13.58
C GLU B 31 24.63 13.59 14.91
N ASN B 32 23.34 13.92 15.02
CA ASN B 32 22.57 13.58 16.21
C ASN B 32 21.47 12.59 15.87
N LEU B 33 21.68 11.32 16.23
CA LEU B 33 20.79 10.25 15.83
C LEU B 33 19.54 10.15 16.71
N GLY B 34 18.38 10.41 16.12
CA GLY B 34 17.12 10.30 16.82
C GLY B 34 16.78 11.54 17.64
N SER B 35 17.73 12.45 17.76
CA SER B 35 17.53 13.69 18.50
C SER B 35 16.52 14.65 17.85
N LEU B 36 16.66 14.84 16.55
CA LEU B 36 15.83 15.78 15.79
C LEU B 36 15.65 15.23 14.37
N TYR B 37 14.66 15.74 13.64
CA TYR B 37 14.44 15.18 12.30
C TYR B 37 14.29 13.69 12.50
N ASN B 38 13.43 13.32 13.44
CA ASN B 38 13.33 11.94 13.93
C ASN B 38 12.92 11.03 12.79
N PRO B 39 11.68 11.20 12.26
CA PRO B 39 11.30 10.45 11.04
C PRO B 39 11.58 11.22 9.74
N ILE B 40 12.68 10.90 9.05
CA ILE B 40 13.01 11.57 7.79
C ILE B 40 12.38 10.82 6.62
N PHE B 41 11.64 11.53 5.77
CA PHE B 41 10.97 10.89 4.65
C PHE B 41 11.37 11.56 3.34
N ILE B 42 12.34 10.96 2.65
CA ILE B 42 12.81 11.48 1.38
C ILE B 42 11.99 10.88 0.25
N TYR B 43 11.67 11.69 -0.76
CA TYR B 43 10.96 11.17 -1.93
C TYR B 43 11.36 11.91 -3.19
N GLY B 44 11.36 11.20 -4.32
CA GLY B 44 11.73 11.81 -5.59
C GLY B 44 11.39 10.94 -6.77
N SER B 45 11.62 11.47 -7.96
CA SER B 45 11.39 10.77 -9.22
C SER B 45 12.43 9.67 -9.40
N VAL B 46 12.18 8.74 -10.31
CA VAL B 46 13.07 7.59 -10.45
C VAL B 46 14.48 8.03 -10.84
N GLY B 47 15.47 7.55 -10.10
CA GLY B 47 16.86 7.84 -10.40
C GLY B 47 17.29 9.19 -9.86
N THR B 48 16.91 9.48 -8.62
CA THR B 48 17.17 10.79 -8.04
C THR B 48 18.28 10.77 -6.99
N GLY B 49 18.59 9.58 -6.49
CA GLY B 49 19.68 9.42 -5.54
C GLY B 49 19.21 9.00 -4.17
N LYS B 50 17.94 8.60 -4.09
CA LYS B 50 17.37 8.15 -2.83
C LYS B 50 18.19 7.03 -2.21
N THR B 51 18.40 5.97 -2.99
CA THR B 51 19.13 4.81 -2.50
C THR B 51 20.55 5.17 -2.11
N HIS B 52 21.20 6.01 -2.92
CA HIS B 52 22.55 6.43 -2.63
C HIS B 52 22.59 7.10 -1.26
N LEU B 53 21.63 7.98 -1.03
CA LEU B 53 21.57 8.75 0.20
C LEU B 53 21.37 7.83 1.41
N LEU B 54 20.34 6.99 1.36
CA LEU B 54 20.09 6.04 2.44
C LEU B 54 21.32 5.19 2.71
N GLN B 55 21.88 4.63 1.64
CA GLN B 55 23.08 3.81 1.72
C GLN B 55 24.19 4.53 2.48
N ALA B 56 24.51 5.74 2.02
CA ALA B 56 25.57 6.52 2.63
C ALA B 56 25.32 6.74 4.10
N ALA B 57 24.08 7.11 4.44
CA ALA B 57 23.70 7.28 5.84
C ALA B 57 24.04 6.03 6.64
N GLY B 58 23.58 4.89 6.15
CA GLY B 58 23.84 3.63 6.82
C GLY B 58 25.33 3.38 6.99
N ASN B 59 26.11 3.73 5.97
CA ASN B 59 27.55 3.52 6.01
C ASN B 59 28.21 4.39 7.06
N GLU B 60 27.74 5.63 7.21
CA GLU B 60 28.25 6.52 8.24
C GLU B 60 27.93 5.94 9.61
N ALA B 61 26.67 5.59 9.82
CA ALA B 61 26.24 5.00 11.07
C ALA B 61 27.13 3.81 11.43
N LYS B 62 27.34 2.91 10.48
CA LYS B 62 28.22 1.76 10.67
C LYS B 62 29.62 2.24 11.06
N LYS B 63 30.07 3.28 10.39
CA LYS B 63 31.42 3.81 10.58
C LYS B 63 31.59 4.34 12.01
N ARG B 64 30.48 4.74 12.62
CA ARG B 64 30.51 5.31 13.96
C ARG B 64 30.13 4.31 15.06
N GLY B 65 29.82 3.08 14.66
CA GLY B 65 29.58 2.01 15.62
C GLY B 65 28.12 1.83 16.00
N TYR B 66 27.22 2.39 15.20
CA TYR B 66 25.79 2.26 15.44
C TYR B 66 25.24 1.00 14.77
N ARG B 67 24.22 0.39 15.38
CA ARG B 67 23.51 -0.72 14.75
C ARG B 67 22.70 -0.20 13.57
N VAL B 68 22.81 -0.87 12.43
CA VAL B 68 22.11 -0.41 11.23
C VAL B 68 21.44 -1.54 10.47
N ILE B 69 20.30 -1.24 9.86
CA ILE B 69 19.65 -2.16 8.93
C ILE B 69 19.19 -1.39 7.69
N TYR B 70 19.60 -1.84 6.52
CA TYR B 70 19.04 -1.32 5.28
C TYR B 70 18.17 -2.40 4.68
N SER B 71 17.05 -2.01 4.07
CA SER B 71 16.14 -2.96 3.48
C SER B 71 15.06 -2.27 2.65
N SER B 72 14.71 -2.88 1.52
CA SER B 72 13.63 -2.38 0.71
C SER B 72 12.31 -2.79 1.35
N ALA B 73 11.24 -2.08 1.04
CA ALA B 73 9.93 -2.38 1.60
C ALA B 73 9.49 -3.78 1.19
N ASP B 74 9.56 -4.05 -0.10
CA ASP B 74 9.18 -5.36 -0.64
C ASP B 74 9.95 -6.50 0.02
N ASP B 75 11.24 -6.26 0.28
CA ASP B 75 12.09 -7.28 0.86
C ASP B 75 11.72 -7.47 2.33
N PHE B 76 11.30 -6.38 2.96
CA PHE B 76 10.81 -6.42 4.33
C PHE B 76 9.59 -7.32 4.39
N ALA B 77 8.65 -7.08 3.46
CA ALA B 77 7.44 -7.89 3.36
C ALA B 77 7.79 -9.36 3.19
N GLN B 78 8.60 -9.67 2.18
CA GLN B 78 8.99 -11.05 1.92
C GLN B 78 9.58 -11.70 3.16
N ALA B 79 10.62 -11.07 3.71
CA ALA B 79 11.29 -11.60 4.90
C ALA B 79 10.29 -11.88 6.01
N MET B 80 9.45 -10.90 6.31
CA MET B 80 8.43 -11.04 7.34
C MET B 80 7.56 -12.26 7.10
N VAL B 81 7.07 -12.39 5.87
CA VAL B 81 6.24 -13.54 5.50
C VAL B 81 6.97 -14.85 5.75
N GLU B 82 8.24 -14.92 5.38
CA GLU B 82 9.02 -16.14 5.55
C GLU B 82 9.21 -16.47 7.03
N HIS B 83 9.45 -15.44 7.84
CA HIS B 83 9.54 -15.61 9.29
C HIS B 83 8.20 -16.07 9.84
N LEU B 84 7.13 -15.71 9.13
CA LEU B 84 5.79 -16.16 9.51
C LEU B 84 5.65 -17.65 9.25
N LYS B 85 6.04 -18.09 8.06
CA LYS B 85 6.00 -19.51 7.71
C LYS B 85 6.82 -20.32 8.70
N LYS B 86 8.06 -19.88 8.93
CA LYS B 86 8.99 -20.62 9.78
C LYS B 86 8.75 -20.32 11.27
N GLY B 87 7.79 -19.44 11.54
CA GLY B 87 7.35 -19.19 12.91
C GLY B 87 8.38 -18.54 13.81
N THR B 88 9.36 -17.85 13.22
CA THR B 88 10.34 -17.12 14.01
C THR B 88 10.11 -15.62 13.87
N ILE B 89 8.84 -15.24 13.78
CA ILE B 89 8.46 -13.85 13.63
C ILE B 89 8.97 -12.98 14.78
N ASN B 90 9.06 -13.56 15.96
CA ASN B 90 9.54 -12.84 17.12
C ASN B 90 10.97 -12.36 16.90
N GLU B 91 11.84 -13.28 16.51
CA GLU B 91 13.24 -12.94 16.27
C GLU B 91 13.34 -11.83 15.24
N PHE B 92 12.47 -11.88 14.24
CA PHE B 92 12.41 -10.87 13.20
C PHE B 92 12.11 -9.50 13.81
N ARG B 93 10.99 -9.43 14.54
CA ARG B 93 10.61 -8.20 15.21
C ARG B 93 11.76 -7.66 16.07
N ASN B 94 12.19 -8.45 17.04
CA ASN B 94 13.26 -8.04 17.94
C ASN B 94 14.50 -7.57 17.20
N MET B 95 14.86 -8.27 16.12
CA MET B 95 15.99 -7.86 15.31
C MET B 95 15.80 -6.45 14.79
N TYR B 96 14.61 -6.18 14.24
CA TYR B 96 14.36 -4.86 13.67
C TYR B 96 14.28 -3.75 14.72
N LYS B 97 13.70 -4.04 15.87
CA LYS B 97 13.49 -3.01 16.89
C LYS B 97 14.81 -2.62 17.58
N SER B 98 15.84 -3.44 17.42
CA SER B 98 17.07 -3.28 18.17
C SER B 98 18.13 -2.46 17.42
N VAL B 99 17.72 -1.74 16.39
CA VAL B 99 18.68 -0.95 15.61
C VAL B 99 18.79 0.46 16.15
N ASP B 100 19.85 1.16 15.74
CA ASP B 100 20.03 2.57 16.06
C ASP B 100 19.59 3.41 14.88
N LEU B 101 19.59 2.79 13.70
CA LEU B 101 19.16 3.45 12.47
C LEU B 101 18.43 2.47 11.58
N LEU B 102 17.24 2.85 11.12
CA LEU B 102 16.48 2.01 10.20
C LEU B 102 16.31 2.72 8.86
N LEU B 103 16.77 2.07 7.80
CA LEU B 103 16.66 2.61 6.46
C LEU B 103 15.71 1.74 5.64
N LEU B 104 14.58 2.32 5.24
CA LEU B 104 13.60 1.60 4.43
C LEU B 104 13.43 2.27 3.08
N ASP B 105 14.03 1.68 2.05
CA ASP B 105 13.98 2.22 0.70
C ASP B 105 12.71 1.78 0.00
N ASP B 106 12.27 2.55 -0.98
CA ASP B 106 11.12 2.20 -1.81
C ASP B 106 9.89 1.81 -0.98
N VAL B 107 9.45 2.74 -0.13
CA VAL B 107 8.32 2.50 0.76
C VAL B 107 7.00 2.29 0.04
N GLN B 108 6.87 2.88 -1.14
CA GLN B 108 5.62 2.81 -1.90
C GLN B 108 5.15 1.37 -2.10
N PHE B 109 6.05 0.41 -1.89
CA PHE B 109 5.72 -1.01 -2.06
C PHE B 109 5.02 -1.60 -0.85
N LEU B 110 4.48 -0.74 0.02
CA LEU B 110 3.71 -1.22 1.17
C LEU B 110 2.24 -1.34 0.81
N SER B 111 1.87 -0.85 -0.37
CA SER B 111 0.49 -0.89 -0.83
C SER B 111 -0.02 -2.33 -0.88
N GLY B 112 -1.21 -2.54 -0.34
CA GLY B 112 -1.88 -3.83 -0.45
C GLY B 112 -1.40 -4.88 0.53
N LYS B 113 -0.24 -4.64 1.12
CA LYS B 113 0.26 -5.55 2.12
C LYS B 113 -0.16 -4.96 3.44
N GLU B 114 -1.26 -5.48 3.98
CA GLU B 114 -1.72 -5.04 5.29
C GLU B 114 -0.81 -5.53 6.43
N ARG B 115 -0.58 -6.84 6.48
CA ARG B 115 0.16 -7.41 7.60
C ARG B 115 1.54 -6.77 7.69
N THR B 116 2.17 -6.53 6.54
CA THR B 116 3.47 -5.89 6.51
C THR B 116 3.36 -4.51 7.14
N GLN B 117 2.37 -3.75 6.70
CA GLN B 117 2.17 -2.40 7.22
C GLN B 117 2.00 -2.45 8.73
N ILE B 118 1.36 -3.49 9.24
CA ILE B 118 1.14 -3.64 10.67
C ILE B 118 2.46 -3.87 11.38
N GLU B 119 3.22 -4.83 10.88
CA GLU B 119 4.51 -5.18 11.48
C GLU B 119 5.41 -3.95 11.51
N PHE B 120 5.54 -3.28 10.36
CA PHE B 120 6.36 -2.10 10.26
C PHE B 120 5.83 -0.95 11.10
N PHE B 121 4.52 -0.94 11.32
CA PHE B 121 3.90 0.05 12.18
C PHE B 121 4.43 -0.13 13.60
N HIS B 122 4.29 -1.35 14.12
CA HIS B 122 4.81 -1.66 15.44
C HIS B 122 6.28 -1.25 15.56
N ILE B 123 7.09 -1.73 14.62
CA ILE B 123 8.53 -1.43 14.63
C ILE B 123 8.77 0.08 14.65
N PHE B 124 8.14 0.79 13.73
CA PHE B 124 8.27 2.23 13.62
C PHE B 124 8.00 2.89 14.97
N ASN B 125 6.92 2.49 15.61
CA ASN B 125 6.55 3.06 16.90
C ASN B 125 7.60 2.80 17.97
N THR B 126 7.95 1.54 18.18
CA THR B 126 8.94 1.21 19.21
C THR B 126 10.24 2.00 18.98
N LEU B 127 10.71 2.02 17.74
CA LEU B 127 11.94 2.76 17.43
C LEU B 127 11.79 4.25 17.75
N TYR B 128 10.73 4.88 17.23
CA TYR B 128 10.50 6.31 17.44
C TYR B 128 10.49 6.64 18.93
N LEU B 129 9.73 5.87 19.71
CA LEU B 129 9.64 6.11 21.15
C LEU B 129 11.00 5.93 21.82
N LEU B 130 11.76 4.94 21.37
CA LEU B 130 13.09 4.71 21.94
C LEU B 130 14.12 5.72 21.43
N GLU B 131 13.66 6.71 20.67
CA GLU B 131 14.50 7.80 20.22
C GLU B 131 15.57 7.34 19.23
N LYS B 132 15.26 6.28 18.50
CA LYS B 132 16.16 5.79 17.45
C LYS B 132 15.83 6.48 16.12
N GLN B 133 16.81 6.56 15.23
CA GLN B 133 16.67 7.30 13.98
C GLN B 133 15.92 6.48 12.91
N ILE B 134 15.06 7.15 12.15
CA ILE B 134 14.36 6.50 11.05
C ILE B 134 14.45 7.34 9.77
N ILE B 135 14.75 6.66 8.66
CA ILE B 135 14.85 7.32 7.36
C ILE B 135 14.21 6.45 6.28
N LEU B 136 13.14 6.95 5.70
CA LEU B 136 12.41 6.23 4.65
C LEU B 136 12.63 6.96 3.32
N ALA B 137 12.55 6.22 2.22
CA ALA B 137 12.66 6.80 0.89
C ALA B 137 11.54 6.30 0.01
N SER B 138 11.08 7.15 -0.92
CA SER B 138 9.92 6.82 -1.74
C SER B 138 9.93 7.56 -3.06
N ASP B 139 9.20 7.02 -4.03
CA ASP B 139 9.12 7.62 -5.35
C ASP B 139 7.94 8.60 -5.44
N ARG B 140 7.22 8.76 -4.33
CA ARG B 140 6.07 9.65 -4.31
C ARG B 140 5.78 10.21 -2.92
N HIS B 141 5.13 11.38 -2.90
CA HIS B 141 4.69 12.04 -1.67
C HIS B 141 3.74 11.12 -0.90
N PRO B 142 3.94 11.01 0.42
CA PRO B 142 3.03 10.23 1.27
C PRO B 142 1.56 10.32 0.89
N GLN B 143 1.09 11.48 0.43
CA GLN B 143 -0.30 11.61 0.01
C GLN B 143 -0.60 10.64 -1.13
N LYS B 144 0.28 10.65 -2.13
CA LYS B 144 0.15 9.77 -3.29
C LYS B 144 0.17 8.28 -2.94
N LEU B 145 0.47 7.96 -1.68
CA LEU B 145 0.52 6.55 -1.26
C LEU B 145 -0.87 5.96 -1.09
N ASP B 146 -1.41 5.40 -2.16
CA ASP B 146 -2.69 4.70 -2.11
C ASP B 146 -2.49 3.30 -1.55
N GLY B 147 -3.41 2.86 -0.70
CA GLY B 147 -3.32 1.54 -0.13
C GLY B 147 -2.25 1.48 0.94
N VAL B 148 -2.10 2.56 1.70
CA VAL B 148 -1.22 2.58 2.84
C VAL B 148 -1.97 3.15 4.03
N SER B 149 -2.03 2.40 5.12
CA SER B 149 -2.92 2.74 6.23
C SER B 149 -2.67 4.16 6.69
N ASP B 150 -3.77 4.87 6.91
CA ASP B 150 -3.74 6.30 7.24
C ASP B 150 -2.83 6.60 8.42
N ARG B 151 -2.64 5.62 9.30
CA ARG B 151 -1.78 5.80 10.45
C ARG B 151 -0.35 5.98 9.98
N LEU B 152 0.09 5.09 9.11
CA LEU B 152 1.43 5.16 8.54
C LEU B 152 1.66 6.46 7.77
N VAL B 153 0.71 6.84 6.93
CA VAL B 153 0.84 8.08 6.15
C VAL B 153 0.92 9.28 7.09
N SER B 154 0.07 9.29 8.11
CA SER B 154 0.06 10.36 9.09
C SER B 154 1.43 10.47 9.73
N ARG B 155 2.02 9.33 10.08
CA ARG B 155 3.36 9.32 10.66
C ARG B 155 4.39 9.86 9.69
N PHE B 156 4.31 9.45 8.42
CA PHE B 156 5.24 9.90 7.40
C PHE B 156 5.22 11.41 7.27
N GLU B 157 4.01 11.98 7.22
CA GLU B 157 3.85 13.42 7.04
C GLU B 157 4.21 14.22 8.28
N GLY B 158 4.21 13.56 9.43
CA GLY B 158 4.40 14.26 10.70
C GLY B 158 5.85 14.50 11.07
N GLY B 159 6.76 14.14 10.18
CA GLY B 159 8.18 14.34 10.41
C GLY B 159 8.75 15.41 9.52
N ILE B 160 9.86 15.09 8.87
CA ILE B 160 10.44 15.97 7.87
C ILE B 160 10.16 15.40 6.50
N LEU B 161 9.54 16.18 5.63
CA LEU B 161 9.19 15.72 4.31
C LEU B 161 10.00 16.45 3.25
N VAL B 162 11.10 15.82 2.81
CA VAL B 162 11.99 16.45 1.83
C VAL B 162 11.88 15.77 0.47
N GLU B 163 11.69 16.58 -0.56
CA GLU B 163 11.66 16.10 -1.92
C GLU B 163 13.00 16.35 -2.58
N ILE B 164 13.35 15.53 -3.57
CA ILE B 164 14.53 15.78 -4.39
C ILE B 164 14.09 16.04 -5.82
N GLU B 165 14.19 17.30 -6.24
CA GLU B 165 13.81 17.71 -7.58
C GLU B 165 15.08 17.98 -8.39
N LEU B 166 15.20 17.36 -9.56
CA LEU B 166 16.36 17.58 -10.41
C LEU B 166 16.08 18.65 -11.47
N ASP B 167 16.18 19.91 -11.08
CA ASP B 167 16.07 21.02 -12.02
C ASP B 167 17.32 21.07 -12.88
N ASN B 168 17.32 21.96 -13.87
CA ASN B 168 18.47 22.10 -14.76
C ASN B 168 19.73 22.47 -14.00
N LYS B 169 19.62 23.48 -13.14
CA LYS B 169 20.78 23.99 -12.40
C LYS B 169 21.49 22.91 -11.59
N THR B 170 20.77 21.84 -11.27
CA THR B 170 21.37 20.74 -10.53
C THR B 170 21.96 19.70 -11.48
N ARG B 171 21.14 19.23 -12.42
CA ARG B 171 21.61 18.27 -13.42
C ARG B 171 22.92 18.73 -14.03
N PHE B 172 23.07 20.04 -14.22
CA PHE B 172 24.30 20.60 -14.74
C PHE B 172 25.46 20.30 -13.80
N LYS B 173 25.29 20.67 -12.53
CA LYS B 173 26.31 20.42 -11.52
C LYS B 173 26.72 18.95 -11.51
N ILE B 174 25.73 18.06 -11.48
CA ILE B 174 25.99 16.63 -11.37
C ILE B 174 26.69 16.11 -12.63
N ILE B 175 26.30 16.62 -13.79
CA ILE B 175 26.92 16.22 -15.04
C ILE B 175 28.39 16.62 -15.06
N LYS B 176 28.66 17.89 -14.77
CA LYS B 176 30.01 18.41 -14.73
C LYS B 176 30.87 17.60 -13.76
N GLU B 177 30.35 17.37 -12.56
CA GLU B 177 31.10 16.67 -11.52
C GLU B 177 31.35 15.20 -11.85
N LYS B 178 30.38 14.56 -12.50
CA LYS B 178 30.54 13.15 -12.90
C LYS B 178 31.52 13.04 -14.05
N LEU B 179 31.50 14.02 -14.94
CA LEU B 179 32.49 14.10 -16.01
C LEU B 179 33.88 14.23 -15.41
N LYS B 180 34.01 14.96 -14.32
CA LYS B 180 35.32 15.25 -13.79
C LYS B 180 36.02 13.93 -13.53
N GLU B 181 35.25 12.95 -13.09
CA GLU B 181 35.84 11.65 -12.71
C GLU B 181 36.60 11.03 -13.87
N PHE B 182 36.06 11.17 -15.08
CA PHE B 182 36.67 10.57 -16.26
C PHE B 182 37.74 11.44 -16.92
N ASN B 183 38.02 12.59 -16.31
CA ASN B 183 38.95 13.55 -16.91
C ASN B 183 38.32 14.05 -18.19
N LEU B 184 37.00 14.02 -18.25
CA LEU B 184 36.26 14.38 -19.44
C LEU B 184 35.51 15.72 -19.41
N GLU B 185 35.74 16.53 -18.40
CA GLU B 185 35.09 17.82 -18.27
C GLU B 185 35.74 18.76 -19.27
N LEU B 186 35.23 19.98 -19.36
CA LEU B 186 35.82 20.97 -20.26
C LEU B 186 35.32 20.78 -21.69
N ARG B 187 34.41 19.83 -21.87
CA ARG B 187 33.86 19.59 -23.20
C ARG B 187 32.50 20.28 -23.28
N LYS B 188 32.40 21.23 -24.20
CA LYS B 188 31.16 21.99 -24.34
C LYS B 188 30.07 21.08 -24.89
N GLU B 189 30.38 20.44 -26.02
CA GLU B 189 29.44 19.57 -26.73
C GLU B 189 28.90 18.44 -25.85
N VAL B 190 29.78 17.81 -25.07
CA VAL B 190 29.34 16.76 -24.13
C VAL B 190 28.31 17.29 -23.11
N ILE B 191 28.59 18.45 -22.52
CA ILE B 191 27.73 18.97 -21.46
C ILE B 191 26.38 19.40 -22.03
N ASP B 192 26.41 20.36 -22.96
CA ASP B 192 25.19 20.85 -23.57
C ASP B 192 24.35 19.69 -24.11
N TYR B 193 25.01 18.64 -24.56
CA TYR B 193 24.31 17.46 -25.04
C TYR B 193 23.62 16.72 -23.91
N LEU B 194 24.40 16.34 -22.90
CA LEU B 194 23.87 15.61 -21.75
C LEU B 194 22.68 16.35 -21.15
N LEU B 195 22.79 17.66 -21.01
CA LEU B 195 21.69 18.46 -20.47
C LEU B 195 20.39 18.17 -21.20
N GLU B 196 20.47 18.12 -22.53
CA GLU B 196 19.29 18.00 -23.37
C GLU B 196 18.70 16.60 -23.38
N ASN B 197 19.49 15.60 -23.00
CA ASN B 197 19.06 14.21 -23.17
C ASN B 197 19.16 13.33 -21.93
N THR B 198 19.28 13.94 -20.75
CA THR B 198 19.23 13.19 -19.50
C THR B 198 18.33 13.90 -18.50
N LYS B 199 17.46 13.12 -17.85
CA LYS B 199 16.51 13.67 -16.89
C LYS B 199 16.90 13.31 -15.47
N ASN B 200 17.43 12.11 -15.27
CA ASN B 200 17.86 11.67 -13.95
C ASN B 200 19.33 11.26 -13.94
N VAL B 201 19.86 11.00 -12.76
CA VAL B 201 21.28 10.73 -12.59
C VAL B 201 21.70 9.40 -13.21
N ARG B 202 20.76 8.46 -13.33
CA ARG B 202 21.06 7.16 -13.90
C ARG B 202 21.37 7.29 -15.38
N GLU B 203 20.54 8.05 -16.09
CA GLU B 203 20.76 8.29 -17.51
C GLU B 203 22.09 9.01 -17.72
N ILE B 204 22.40 9.92 -16.80
CA ILE B 204 23.66 10.66 -16.86
C ILE B 204 24.83 9.69 -16.73
N GLU B 205 24.88 8.95 -15.62
CA GLU B 205 25.92 7.95 -15.44
C GLU B 205 26.06 7.08 -16.67
N GLY B 206 24.96 6.47 -17.10
CA GLY B 206 24.97 5.62 -18.27
C GLY B 206 25.62 6.28 -19.46
N LYS B 207 24.96 7.31 -19.98
CA LYS B 207 25.47 8.05 -21.12
C LYS B 207 26.97 8.29 -20.98
N ILE B 208 27.38 8.82 -19.84
CA ILE B 208 28.78 9.15 -19.60
C ILE B 208 29.70 7.95 -19.75
N LYS B 209 29.34 6.83 -19.12
CA LYS B 209 30.12 5.60 -19.27
C LYS B 209 30.25 5.27 -20.76
N LEU B 210 29.15 5.45 -21.48
CA LEU B 210 29.12 5.13 -22.91
C LEU B 210 30.07 6.03 -23.69
N ILE B 211 30.19 7.28 -23.27
CA ILE B 211 31.15 8.20 -23.88
C ILE B 211 32.57 7.73 -23.58
N LYS B 212 32.81 7.39 -22.32
CA LYS B 212 34.11 6.90 -21.89
C LYS B 212 34.51 5.64 -22.65
N LEU B 213 33.53 4.94 -23.20
CA LEU B 213 33.81 3.71 -23.93
C LEU B 213 33.96 3.90 -25.44
N LYS B 214 33.01 4.57 -26.07
CA LYS B 214 32.99 4.67 -27.53
C LYS B 214 32.90 6.11 -28.07
N GLY B 215 33.38 7.07 -27.30
CA GLY B 215 33.44 8.44 -27.75
C GLY B 215 32.10 9.11 -27.98
N PHE B 216 32.10 10.44 -27.97
CA PHE B 216 30.88 11.23 -28.10
C PHE B 216 30.32 11.18 -29.52
N GLU B 217 31.22 11.37 -30.49
CA GLU B 217 30.84 11.42 -31.90
C GLU B 217 30.02 10.19 -32.28
N GLY B 218 30.37 9.05 -31.69
CA GLY B 218 29.64 7.82 -31.93
C GLY B 218 28.16 7.97 -31.63
N LEU B 219 27.85 8.17 -30.34
CA LEU B 219 26.46 8.35 -29.92
C LEU B 219 25.76 9.42 -30.74
N GLU B 220 26.42 10.56 -30.87
CA GLU B 220 25.80 11.71 -31.54
C GLU B 220 25.00 11.30 -32.78
N ARG B 221 25.63 10.53 -33.66
CA ARG B 221 25.01 10.18 -34.94
C ARG B 221 23.80 9.26 -34.79
N LYS B 222 24.01 8.08 -34.20
CA LYS B 222 22.92 7.12 -34.02
C LYS B 222 21.71 7.82 -33.39
N GLU B 223 21.96 8.55 -32.31
CA GLU B 223 20.89 9.24 -31.60
C GLU B 223 20.21 10.25 -32.51
N ARG B 224 21.01 11.10 -33.15
CA ARG B 224 20.49 12.11 -34.06
C ARG B 224 19.53 11.52 -35.08
N LYS B 225 19.96 10.47 -35.77
CA LYS B 225 19.12 9.85 -36.80
C LYS B 225 17.87 9.20 -36.20
N GLU B 226 18.08 8.34 -35.20
CA GLU B 226 16.97 7.69 -34.51
C GLU B 226 15.88 8.70 -34.14
N ARG B 227 16.32 9.90 -33.76
CA ARG B 227 15.39 10.92 -33.27
C ARG B 227 14.77 11.76 -34.39
N ASP B 228 15.55 12.03 -35.43
CA ASP B 228 15.10 12.90 -36.52
C ASP B 228 14.22 12.17 -37.52
N LYS B 229 14.37 10.85 -37.59
CA LYS B 229 13.48 10.06 -38.43
C LYS B 229 12.12 9.95 -37.73
N LEU B 230 12.09 10.38 -36.47
CA LEU B 230 10.86 10.45 -35.70
C LEU B 230 10.35 11.88 -35.69
N MET B 231 11.18 12.80 -36.18
CA MET B 231 10.81 14.20 -36.29
C MET B 231 10.02 14.44 -37.57
N GLN B 232 8.92 13.72 -37.71
CA GLN B 232 8.05 13.85 -38.86
C GLN B 232 6.97 14.88 -38.57
N ILE B 233 6.98 15.40 -37.35
CA ILE B 233 5.97 16.37 -36.94
C ILE B 233 6.20 17.72 -37.61
N VAL B 234 7.43 18.21 -37.57
CA VAL B 234 7.74 19.50 -38.16
C VAL B 234 7.59 19.43 -39.68
N GLU B 235 7.98 18.29 -40.24
CA GLU B 235 7.98 18.11 -41.69
C GLU B 235 6.57 17.99 -42.26
N PHE B 236 5.67 17.34 -41.52
CA PHE B 236 4.36 17.00 -42.06
C PHE B 236 3.20 17.52 -41.20
N VAL B 237 3.21 17.21 -39.92
CA VAL B 237 2.07 17.53 -39.05
C VAL B 237 1.95 19.03 -38.76
N ALA B 238 3.07 19.75 -38.77
CA ALA B 238 3.08 21.15 -38.39
C ALA B 238 2.90 22.05 -39.62
N ASN B 239 3.02 21.44 -40.79
CA ASN B 239 2.81 22.16 -42.04
C ASN B 239 1.38 21.95 -42.54
N TYR B 240 0.92 20.71 -42.52
CA TYR B 240 -0.45 20.39 -42.90
C TYR B 240 -1.41 21.08 -41.94
N TYR B 241 -1.29 20.77 -40.66
CA TYR B 241 -2.07 21.45 -39.64
C TYR B 241 -1.40 22.83 -39.56
N ALA B 242 -2.17 23.87 -39.30
CA ALA B 242 -1.60 25.22 -39.23
C ALA B 242 -1.06 25.50 -37.83
N VAL B 243 0.17 25.04 -37.56
CA VAL B 243 0.76 25.29 -36.25
C VAL B 243 2.30 25.29 -36.23
N LYS B 244 2.82 25.96 -35.19
CA LYS B 244 4.25 26.05 -34.92
C LYS B 244 4.76 24.76 -34.30
N VAL B 245 6.05 24.50 -34.45
CA VAL B 245 6.65 23.28 -33.93
C VAL B 245 6.87 23.39 -32.43
N GLU B 246 7.59 24.43 -32.01
CA GLU B 246 7.86 24.69 -30.61
C GLU B 246 6.55 24.62 -29.81
N ASP B 247 5.47 25.06 -30.43
CA ASP B 247 4.15 25.00 -29.81
C ASP B 247 3.67 23.56 -29.68
N ILE B 248 3.90 22.76 -30.71
CA ILE B 248 3.47 21.37 -30.71
C ILE B 248 4.35 20.50 -29.83
N LEU B 249 5.44 21.06 -29.32
CA LEU B 249 6.28 20.34 -28.35
C LEU B 249 5.75 20.54 -26.94
N SER B 250 5.69 21.80 -26.49
CA SER B 250 5.12 22.12 -25.19
C SER B 250 3.60 22.02 -25.25
N ASP B 251 2.99 21.74 -24.11
CA ASP B 251 1.52 21.61 -24.07
C ASP B 251 0.85 22.98 -24.05
N LYS B 252 -0.48 22.96 -24.08
CA LYS B 252 -1.27 24.20 -24.05
C LYS B 252 -1.52 24.72 -25.45
N ASN B 254 -5.11 22.69 -27.73
CA ASN B 254 -6.28 23.53 -27.56
C ASN B 254 -7.27 23.37 -28.71
N LYS B 255 -7.21 22.22 -29.37
CA LYS B 255 -8.11 21.95 -30.50
C LYS B 255 -7.54 22.55 -31.79
N ARG B 256 -6.38 23.17 -31.67
CA ARG B 256 -5.71 23.78 -32.82
C ARG B 256 -4.29 23.23 -32.95
N THR B 257 -3.70 22.88 -31.82
CA THR B 257 -2.36 22.30 -31.80
C THR B 257 -2.34 20.99 -31.02
N SER B 258 -3.33 20.78 -30.17
CA SER B 258 -3.44 19.54 -29.40
C SER B 258 -3.75 18.37 -30.32
N GLU B 259 -4.70 18.57 -31.22
CA GLU B 259 -5.07 17.52 -32.16
C GLU B 259 -3.88 17.22 -33.07
N ALA B 260 -3.09 18.25 -33.35
CA ALA B 260 -1.87 18.09 -34.14
C ALA B 260 -0.91 17.15 -33.42
N ARG B 261 -0.85 17.27 -32.09
CA ARG B 261 0.01 16.42 -31.28
C ARG B 261 -0.53 14.99 -31.23
N LYS B 262 -1.80 14.82 -30.86
CA LYS B 262 -2.42 13.51 -30.86
C LYS B 262 -2.07 12.81 -32.17
N ILE B 263 -2.33 13.51 -33.28
CA ILE B 263 -1.98 13.02 -34.60
C ILE B 263 -0.52 12.57 -34.62
N ALA B 264 0.39 13.51 -34.35
CA ALA B 264 1.81 13.24 -34.37
C ALA B 264 2.16 11.92 -33.68
N MET B 265 1.75 11.79 -32.43
CA MET B 265 2.00 10.58 -31.65
C MET B 265 1.45 9.35 -32.39
N TYR B 266 0.20 9.43 -32.80
CA TYR B 266 -0.42 8.32 -33.53
C TYR B 266 0.46 7.87 -34.68
N LEU B 267 0.85 8.82 -35.52
CA LEU B 267 1.70 8.53 -36.68
C LEU B 267 3.00 7.87 -36.24
N CYS B 268 3.69 8.48 -35.28
CA CYS B 268 4.95 7.94 -34.78
C CYS B 268 4.80 6.48 -34.40
N ARG B 269 3.69 6.15 -33.72
CA ARG B 269 3.48 4.78 -33.25
C ARG B 269 3.12 3.82 -34.38
N LYS B 270 2.31 4.29 -35.33
CA LYS B 270 1.77 3.42 -36.37
C LYS B 270 2.78 3.08 -37.48
N VAL B 271 3.51 4.09 -37.96
CA VAL B 271 4.42 3.88 -39.09
C VAL B 271 5.88 3.74 -38.67
N CYS B 272 6.37 4.69 -37.87
CA CYS B 272 7.78 4.68 -37.48
C CYS B 272 8.10 3.54 -36.52
N SER B 273 7.06 2.91 -35.99
CA SER B 273 7.23 1.75 -35.11
C SER B 273 8.03 2.13 -33.86
N ALA B 274 8.00 3.42 -33.52
CA ALA B 274 8.69 3.89 -32.33
C ALA B 274 7.99 3.37 -31.09
N SER B 275 8.74 3.14 -30.02
CA SER B 275 8.18 2.64 -28.76
C SER B 275 7.49 3.78 -28.01
N LEU B 276 6.65 3.41 -27.05
CA LEU B 276 5.95 4.40 -26.25
C LEU B 276 6.97 5.32 -25.58
N ILE B 277 8.03 4.71 -25.06
CA ILE B 277 9.06 5.46 -24.36
C ILE B 277 9.75 6.46 -25.29
N GLU B 278 9.91 6.07 -26.56
CA GLU B 278 10.58 6.92 -27.53
C GLU B 278 9.70 8.11 -27.95
N ILE B 279 8.42 7.86 -28.18
CA ILE B 279 7.50 8.93 -28.51
C ILE B 279 7.43 9.90 -27.33
N ALA B 280 7.31 9.34 -26.13
CA ALA B 280 7.29 10.13 -24.92
C ALA B 280 8.53 11.03 -24.83
N ARG B 281 9.70 10.42 -24.91
CA ARG B 281 10.95 11.16 -24.84
C ARG B 281 10.99 12.27 -25.89
N ALA B 282 10.57 11.93 -27.10
CA ALA B 282 10.59 12.87 -28.23
C ALA B 282 9.69 14.09 -28.06
N PHE B 283 8.49 13.89 -27.53
CA PHE B 283 7.53 14.98 -27.38
C PHE B 283 7.77 15.80 -26.12
N LYS B 284 8.80 15.42 -25.37
CA LYS B 284 9.12 16.13 -24.13
C LYS B 284 8.07 15.77 -23.09
N ARG B 285 7.27 14.74 -23.38
CA ARG B 285 6.23 14.33 -22.46
C ARG B 285 6.82 13.48 -21.36
N LYS B 286 6.11 13.39 -20.24
CA LYS B 286 6.60 12.60 -19.11
C LYS B 286 5.59 11.57 -18.64
N ASP B 287 6.09 10.40 -18.23
CA ASP B 287 5.20 9.34 -17.72
C ASP B 287 4.63 8.47 -18.85
N HIS B 288 4.93 8.82 -20.09
CA HIS B 288 4.48 8.04 -21.24
C HIS B 288 3.03 7.58 -21.09
N THR B 289 2.20 8.40 -20.45
CA THR B 289 0.80 8.08 -20.24
C THR B 289 -0.09 8.83 -21.23
N THR B 290 0.15 10.13 -21.35
CA THR B 290 -0.65 10.96 -22.25
C THR B 290 -0.43 10.56 -23.70
N VAL B 291 0.66 9.84 -23.95
CA VAL B 291 0.93 9.33 -25.30
C VAL B 291 -0.01 8.17 -25.61
N ILE B 292 -0.12 7.22 -24.70
CA ILE B 292 -1.00 6.06 -24.91
C ILE B 292 -2.45 6.53 -24.93
N HIS B 293 -2.82 7.36 -23.96
CA HIS B 293 -4.19 7.86 -23.89
C HIS B 293 -4.51 8.76 -25.08
N ALA B 294 -3.51 9.44 -25.61
CA ALA B 294 -3.71 10.32 -26.76
C ALA B 294 -3.90 9.50 -28.04
N ILE B 295 -3.13 8.43 -28.16
CA ILE B 295 -3.27 7.54 -29.30
C ILE B 295 -4.64 6.86 -29.27
N ARG B 296 -5.05 6.43 -28.08
CA ARG B 296 -6.40 5.89 -27.92
C ARG B 296 -7.44 6.96 -28.26
N SER B 297 -7.13 8.21 -27.94
CA SER B 297 -8.04 9.32 -28.23
C SER B 297 -8.25 9.48 -29.73
N VAL B 298 -7.15 9.49 -30.48
CA VAL B 298 -7.24 9.62 -31.93
C VAL B 298 -7.86 8.37 -32.56
N GLU B 299 -7.75 7.24 -31.86
CA GLU B 299 -8.33 6.00 -32.35
C GLU B 299 -9.84 5.95 -32.12
N GLU B 300 -10.32 6.63 -31.08
CA GLU B 300 -11.73 6.63 -30.75
C GLU B 300 -12.56 7.51 -31.69
N GLU B 301 -12.05 8.70 -31.97
CA GLU B 301 -12.77 9.64 -32.82
C GLU B 301 -12.89 9.14 -34.27
N LYS B 302 -12.26 8.00 -34.54
CA LYS B 302 -12.28 7.43 -35.88
C LYS B 302 -13.70 7.04 -36.28
N ARG B 306 -16.30 12.19 -38.22
CA ARG B 306 -16.87 11.33 -39.26
C ARG B 306 -15.81 10.88 -40.26
N LYS B 307 -15.51 11.74 -41.21
CA LYS B 307 -14.57 11.40 -42.28
C LYS B 307 -13.12 11.65 -41.87
N PHE B 308 -12.89 11.79 -40.57
CA PHE B 308 -11.53 11.96 -40.06
C PHE B 308 -10.68 10.75 -40.42
N LYS B 309 -11.33 9.62 -40.68
CA LYS B 309 -10.62 8.39 -41.02
C LYS B 309 -9.92 8.49 -42.37
N HIS B 310 -10.59 9.09 -43.35
CA HIS B 310 -9.99 9.30 -44.66
C HIS B 310 -8.73 10.15 -44.52
N LEU B 311 -8.86 11.25 -43.80
CA LEU B 311 -7.74 12.12 -43.49
C LEU B 311 -6.59 11.30 -42.90
N VAL B 312 -6.90 10.54 -41.84
CA VAL B 312 -5.92 9.67 -41.21
C VAL B 312 -5.19 8.84 -42.26
N GLY B 313 -5.94 8.08 -43.05
CA GLY B 313 -5.36 7.23 -44.07
C GLY B 313 -4.41 8.00 -44.98
N PHE B 314 -4.86 9.16 -45.46
CA PHE B 314 -4.05 10.00 -46.32
C PHE B 314 -2.71 10.32 -45.65
N LEU B 315 -2.78 10.81 -44.42
CA LEU B 315 -1.58 11.17 -43.67
C LEU B 315 -0.67 9.97 -43.47
N GLU B 316 -1.27 8.79 -43.31
CA GLU B 316 -0.51 7.56 -43.10
C GLU B 316 0.26 7.18 -44.36
N LYS B 317 -0.43 7.11 -45.49
CA LYS B 317 0.24 6.82 -46.75
C LYS B 317 1.36 7.82 -46.98
N GLN B 318 1.04 9.11 -46.84
CA GLN B 318 2.03 10.17 -46.97
C GLN B 318 3.24 9.90 -46.10
N ALA B 319 3.01 9.45 -44.87
CA ALA B 319 4.11 9.13 -43.94
C ALA B 319 4.96 7.92 -44.37
N PHE B 320 4.33 6.80 -44.72
CA PHE B 320 5.04 5.63 -45.23
C PHE B 320 5.89 5.96 -46.44
N ASP B 321 5.35 6.77 -47.34
CA ASP B 321 6.05 7.08 -48.59
C ASP B 321 7.28 7.96 -48.37
N LYS B 322 7.13 9.05 -47.62
CA LYS B 322 8.22 10.01 -47.46
C LYS B 322 8.86 9.98 -46.07
N ILE B 323 8.76 8.86 -45.38
CA ILE B 323 9.37 8.72 -44.06
C ILE B 323 10.29 7.50 -44.00
N CYS B 324 10.28 6.70 -45.07
CA CYS B 324 11.15 5.53 -45.15
C CYS B 324 11.26 5.04 -46.59
N ASP C 2 11.60 0.79 28.92
CA ASP C 2 10.59 1.52 29.67
C ASP C 2 9.56 2.15 28.74
N PHE C 3 10.03 2.62 27.59
CA PHE C 3 9.15 3.14 26.54
C PHE C 3 8.40 4.42 26.93
N LEU C 4 8.87 5.12 27.96
CA LEU C 4 8.30 6.42 28.31
C LEU C 4 9.25 7.54 27.91
N ASN C 5 9.13 7.98 26.66
CA ASN C 5 9.99 9.04 26.14
C ASN C 5 9.66 10.39 26.78
N PRO C 6 10.64 10.98 27.49
CA PRO C 6 10.43 12.21 28.27
C PRO C 6 9.99 13.42 27.47
N LYS C 7 10.17 13.39 26.14
CA LYS C 7 9.78 14.52 25.30
C LYS C 7 8.32 14.90 25.54
N TYR C 8 7.49 13.90 25.80
CA TYR C 8 6.07 14.12 26.04
C TYR C 8 5.81 14.44 27.50
N THR C 9 5.27 15.63 27.75
CA THR C 9 5.01 16.08 29.12
C THR C 9 3.65 16.74 29.20
N LEU C 10 3.09 16.81 30.41
CA LEU C 10 1.81 17.47 30.64
C LEU C 10 1.90 18.96 30.31
N GLU C 11 3.08 19.54 30.50
CA GLU C 11 3.28 20.96 30.26
C GLU C 11 3.35 21.27 28.77
N ASN C 12 3.78 20.29 27.97
CA ASN C 12 3.90 20.46 26.53
C ASN C 12 2.54 20.39 25.83
N PHE C 13 1.53 19.94 26.56
CA PHE C 13 0.23 19.70 25.98
C PHE C 13 -0.58 20.98 25.84
N ILE C 14 -0.50 21.61 24.68
CA ILE C 14 -1.34 22.77 24.38
C ILE C 14 -2.80 22.39 24.62
N VAL C 15 -3.49 23.18 25.44
CA VAL C 15 -4.88 22.88 25.76
C VAL C 15 -5.84 23.86 25.07
N GLY C 16 -6.95 23.33 24.57
CA GLY C 16 -7.96 24.14 23.91
C GLY C 16 -9.34 23.61 24.20
N GLU C 17 -10.35 24.15 23.53
CA GLU C 17 -11.73 23.73 23.74
C GLU C 17 -11.95 22.26 23.41
N GLY C 18 -10.98 21.65 22.74
CA GLY C 18 -11.18 20.32 22.18
C GLY C 18 -10.55 19.20 22.97
N ASN C 19 -9.53 19.51 23.75
CA ASN C 19 -8.83 18.49 24.53
C ASN C 19 -8.73 18.85 26.01
N ARG C 20 -9.33 19.97 26.39
CA ARG C 20 -9.29 20.43 27.77
C ARG C 20 -9.81 19.33 28.70
N LEU C 21 -10.93 18.72 28.33
CA LEU C 21 -11.55 17.71 29.19
C LEU C 21 -10.57 16.56 29.44
N ALA C 22 -10.12 15.93 28.36
CA ALA C 22 -9.17 14.83 28.48
C ALA C 22 -7.97 15.23 29.35
N TYR C 23 -7.34 16.34 28.99
CA TYR C 23 -6.19 16.83 29.71
C TYR C 23 -6.45 16.93 31.21
N GLU C 24 -7.47 17.68 31.58
CA GLU C 24 -7.76 17.94 32.99
C GLU C 24 -8.12 16.67 33.74
N VAL C 25 -8.89 15.79 33.10
CA VAL C 25 -9.24 14.52 33.72
C VAL C 25 -7.96 13.75 34.04
N VAL C 26 -7.10 13.58 33.04
CA VAL C 26 -5.85 12.88 33.24
C VAL C 26 -5.07 13.51 34.39
N LYS C 27 -4.74 14.78 34.26
CA LYS C 27 -4.00 15.51 35.28
C LYS C 27 -4.53 15.23 36.68
N GLU C 28 -5.82 15.50 36.87
CA GLU C 28 -6.45 15.33 38.18
C GLU C 28 -6.34 13.90 38.66
N ALA C 29 -6.44 12.94 37.74
CA ALA C 29 -6.28 11.54 38.11
C ALA C 29 -4.86 11.29 38.59
N LEU C 30 -3.88 11.95 37.97
CA LEU C 30 -2.50 11.85 38.41
C LEU C 30 -2.39 12.35 39.84
N GLU C 31 -3.12 13.42 40.15
CA GLU C 31 -3.12 13.92 41.52
C GLU C 31 -3.50 12.83 42.51
N ASN C 32 -4.68 12.24 42.31
CA ASN C 32 -5.12 11.12 43.14
C ASN C 32 -5.24 9.85 42.31
N LEU C 33 -4.27 8.95 42.47
CA LEU C 33 -4.17 7.77 41.62
C LEU C 33 -5.10 6.65 42.08
N GLY C 34 -6.08 6.33 41.24
CA GLY C 34 -6.99 5.23 41.51
C GLY C 34 -8.14 5.63 42.42
N SER C 35 -8.06 6.83 42.99
CA SER C 35 -9.11 7.35 43.87
C SER C 35 -10.44 7.62 43.16
N LEU C 36 -10.36 8.28 42.01
CA LEU C 36 -11.52 8.70 41.24
C LEU C 36 -11.17 8.68 39.76
N TYR C 37 -12.18 8.68 38.90
CA TYR C 37 -11.86 8.59 37.46
C TYR C 37 -10.98 7.38 37.31
N ASN C 38 -11.45 6.26 37.87
CA ASN C 38 -10.64 5.05 38.04
C ASN C 38 -10.24 4.53 36.65
N PRO C 39 -11.20 4.08 35.85
CA PRO C 39 -10.88 3.71 34.46
C PRO C 39 -11.08 4.87 33.47
N ILE C 40 -10.01 5.56 33.07
CA ILE C 40 -10.09 6.65 32.10
C ILE C 40 -9.96 6.13 30.69
N PHE C 41 -10.90 6.46 29.82
CA PHE C 41 -10.88 5.98 28.45
C PHE C 41 -10.92 7.14 27.47
N ILE C 42 -9.75 7.54 26.99
CA ILE C 42 -9.64 8.63 26.02
C ILE C 42 -9.75 8.07 24.61
N TYR C 43 -10.43 8.80 23.73
CA TYR C 43 -10.52 8.38 22.33
C TYR C 43 -10.61 9.58 21.41
N GLY C 44 -10.04 9.46 20.21
CA GLY C 44 -10.07 10.55 19.25
C GLY C 44 -9.62 10.11 17.87
N SER C 45 -9.71 11.04 16.92
CA SER C 45 -9.31 10.81 15.53
C SER C 45 -7.79 10.73 15.46
N VAL C 46 -7.27 10.21 14.35
CA VAL C 46 -5.84 9.98 14.24
C VAL C 46 -5.06 11.29 14.36
N GLY C 47 -4.06 11.30 15.25
CA GLY C 47 -3.21 12.46 15.43
C GLY C 47 -3.83 13.51 16.33
N THR C 48 -4.42 13.07 17.44
CA THR C 48 -5.17 13.98 18.30
C THR C 48 -4.42 14.28 19.60
N GLY C 49 -3.44 13.46 19.93
CA GLY C 49 -2.61 13.69 21.10
C GLY C 49 -2.79 12.64 22.16
N LYS C 50 -3.46 11.55 21.80
CA LYS C 50 -3.70 10.45 22.73
C LYS C 50 -2.38 9.95 23.33
N THR C 51 -1.46 9.58 22.45
CA THR C 51 -0.18 9.03 22.89
C THR C 51 0.59 10.03 23.73
N HIS C 52 0.57 11.29 23.32
CA HIS C 52 1.26 12.34 24.07
C HIS C 52 0.73 12.37 25.49
N LEU C 53 -0.59 12.33 25.60
CA LEU C 53 -1.26 12.43 26.89
C LEU C 53 -0.89 11.25 27.79
N LEU C 54 -1.08 10.03 27.28
CA LEU C 54 -0.73 8.83 28.04
C LEU C 54 0.74 8.89 28.48
N GLN C 55 1.62 9.19 27.53
CA GLN C 55 3.04 9.31 27.78
C GLN C 55 3.31 10.25 28.95
N ALA C 56 2.78 11.46 28.86
CA ALA C 56 2.98 12.48 29.88
C ALA C 56 2.51 11.98 31.25
N ALA C 57 1.34 11.36 31.27
CA ALA C 57 0.82 10.79 32.51
C ALA C 57 1.84 9.84 33.11
N GLY C 58 2.30 8.90 32.30
CA GLY C 58 3.30 7.93 32.74
C GLY C 58 4.54 8.60 33.29
N ASN C 59 4.97 9.68 32.63
CA ASN C 59 6.16 10.41 33.03
C ASN C 59 5.98 11.08 34.38
N GLU C 60 4.79 11.62 34.62
CA GLU C 60 4.47 12.22 35.91
C GLU C 60 4.52 11.15 37.00
N ALA C 61 3.80 10.06 36.76
CA ALA C 61 3.78 8.95 37.70
C ALA C 61 5.20 8.53 38.05
N LYS C 62 6.03 8.32 37.03
CA LYS C 62 7.43 7.99 37.25
C LYS C 62 8.11 9.05 38.11
N LYS C 63 7.81 10.30 37.81
CA LYS C 63 8.43 11.44 38.50
C LYS C 63 8.07 11.44 39.97
N ARG C 64 6.94 10.85 40.31
CA ARG C 64 6.46 10.82 41.69
C ARG C 64 6.76 9.50 42.41
N GLY C 65 7.39 8.57 41.71
CA GLY C 65 7.85 7.33 42.33
C GLY C 65 6.86 6.18 42.24
N TYR C 66 5.90 6.30 41.34
CA TYR C 66 4.91 5.25 41.13
C TYR C 66 5.40 4.24 40.09
N ARG C 67 5.01 2.98 40.25
CA ARG C 67 5.28 1.95 39.24
C ARG C 67 4.44 2.23 38.01
N VAL C 68 5.06 2.20 36.84
CA VAL C 68 4.34 2.50 35.60
C VAL C 68 4.68 1.53 34.47
N ILE C 69 3.69 1.26 33.63
CA ILE C 69 3.91 0.52 32.39
C ILE C 69 3.15 1.19 31.26
N TYR C 70 3.86 1.53 30.18
CA TYR C 70 3.21 1.97 28.96
C TYR C 70 3.34 0.85 27.94
N SER C 71 2.31 0.67 27.13
CA SER C 71 2.32 -0.38 26.12
C SER C 71 1.13 -0.26 25.18
N SER C 72 1.37 -0.53 23.90
CA SER C 72 0.32 -0.57 22.91
C SER C 72 -0.43 -1.89 23.06
N ALA C 73 -1.68 -1.93 22.60
CA ALA C 73 -2.49 -3.13 22.70
C ALA C 73 -1.84 -4.26 21.91
N ASP C 74 -1.49 -3.98 20.65
CA ASP C 74 -0.86 -4.97 19.79
C ASP C 74 0.42 -5.53 20.42
N ASP C 75 1.18 -4.66 21.07
CA ASP C 75 2.45 -5.05 21.67
C ASP C 75 2.19 -5.91 22.90
N PHE C 76 1.09 -5.60 23.58
CA PHE C 76 0.64 -6.39 24.72
C PHE C 76 0.33 -7.81 24.24
N ALA C 77 -0.44 -7.90 23.16
CA ALA C 77 -0.78 -9.19 22.56
C ALA C 77 0.48 -9.97 22.22
N GLN C 78 1.36 -9.35 21.43
CA GLN C 78 2.61 -10.01 21.03
C GLN C 78 3.37 -10.53 22.24
N ALA C 79 3.67 -9.64 23.17
CA ALA C 79 4.42 -10.00 24.37
C ALA C 79 3.77 -11.19 25.07
N MET C 80 2.47 -11.10 25.30
CA MET C 80 1.72 -12.16 25.96
C MET C 80 1.92 -13.50 25.24
N VAL C 81 1.76 -13.49 23.92
CA VAL C 81 1.94 -14.69 23.11
C VAL C 81 3.34 -15.27 23.30
N GLU C 82 4.35 -14.40 23.29
CA GLU C 82 5.73 -14.85 23.44
C GLU C 82 5.96 -15.47 24.82
N HIS C 83 5.38 -14.87 25.85
CA HIS C 83 5.44 -15.41 27.20
C HIS C 83 4.71 -16.75 27.25
N LEU C 84 3.75 -16.92 26.35
CA LEU C 84 3.04 -18.18 26.23
C LEU C 84 3.96 -19.26 25.66
N LYS C 85 4.63 -18.92 24.56
CA LYS C 85 5.58 -19.85 23.95
C LYS C 85 6.66 -20.26 24.95
N LYS C 86 7.25 -19.25 25.60
CA LYS C 86 8.35 -19.51 26.54
C LYS C 86 7.85 -19.94 27.92
N GLY C 87 6.53 -19.99 28.07
CA GLY C 87 5.92 -20.53 29.28
C GLY C 87 6.17 -19.74 30.55
N THR C 88 6.48 -18.46 30.41
CA THR C 88 6.65 -17.59 31.57
C THR C 88 5.48 -16.62 31.67
N ILE C 89 4.30 -17.09 31.29
CA ILE C 89 3.09 -16.28 31.30
C ILE C 89 2.79 -15.74 32.70
N ASN C 90 3.15 -16.50 33.73
CA ASN C 90 2.91 -16.07 35.09
C ASN C 90 3.67 -14.78 35.39
N GLU C 91 4.97 -14.77 35.10
CA GLU C 91 5.79 -13.59 35.33
C GLU C 91 5.20 -12.39 34.61
N PHE C 92 4.67 -12.63 33.42
CA PHE C 92 4.04 -11.58 32.62
C PHE C 92 2.85 -11.00 33.39
N ARG C 93 1.92 -11.87 33.76
CA ARG C 93 0.75 -11.45 34.52
C ARG C 93 1.16 -10.65 35.76
N ASN C 94 1.94 -11.28 36.64
CA ASN C 94 2.38 -10.64 37.87
C ASN C 94 3.03 -9.28 37.61
N MET C 95 3.85 -9.20 36.57
CA MET C 95 4.49 -7.95 36.22
C MET C 95 3.44 -6.88 35.95
N TYR C 96 2.44 -7.23 35.14
CA TYR C 96 1.40 -6.25 34.79
C TYR C 96 0.52 -5.85 35.97
N LYS C 97 0.18 -6.80 36.83
CA LYS C 97 -0.73 -6.54 37.94
C LYS C 97 -0.09 -5.69 39.03
N SER C 98 1.24 -5.60 39.01
CA SER C 98 1.97 -4.97 40.11
C SER C 98 2.26 -3.49 39.87
N VAL C 99 1.57 -2.87 38.93
CA VAL C 99 1.81 -1.46 38.62
C VAL C 99 0.89 -0.56 39.44
N ASP C 100 1.25 0.72 39.49
CA ASP C 100 0.41 1.73 40.11
C ASP C 100 -0.38 2.47 39.04
N LEU C 101 0.13 2.42 37.82
CA LEU C 101 -0.52 3.05 36.68
C LEU C 101 -0.33 2.20 35.44
N LEU C 102 -1.42 1.90 34.74
CA LEU C 102 -1.35 1.14 33.50
C LEU C 102 -1.82 1.99 32.33
N LEU C 103 -0.96 2.16 31.35
CA LEU C 103 -1.28 2.93 30.15
C LEU C 103 -1.34 2.01 28.94
N LEU C 104 -2.52 1.85 28.36
CA LEU C 104 -2.69 1.01 27.18
C LEU C 104 -3.15 1.85 25.99
N ASP C 105 -2.24 2.13 25.08
CA ASP C 105 -2.52 2.95 23.91
C ASP C 105 -3.10 2.08 22.80
N ASP C 106 -3.85 2.71 21.90
CA ASP C 106 -4.39 2.02 20.73
C ASP C 106 -5.10 0.71 21.10
N VAL C 107 -6.13 0.82 21.93
CA VAL C 107 -6.87 -0.35 22.41
C VAL C 107 -7.64 -1.05 21.30
N GLN C 108 -8.04 -0.31 20.28
CA GLN C 108 -8.85 -0.88 19.19
C GLN C 108 -8.21 -2.13 18.58
N PHE C 109 -6.92 -2.33 18.86
CA PHE C 109 -6.19 -3.49 18.33
C PHE C 109 -6.42 -4.76 19.15
N LEU C 110 -7.46 -4.77 19.97
CA LEU C 110 -7.81 -5.96 20.74
C LEU C 110 -8.79 -6.83 19.96
N SER C 111 -9.31 -6.31 18.85
CA SER C 111 -10.25 -7.03 18.01
C SER C 111 -9.67 -8.36 17.53
N GLY C 112 -10.45 -9.42 17.66
CA GLY C 112 -10.08 -10.72 17.11
C GLY C 112 -9.11 -11.51 17.96
N LYS C 113 -8.46 -10.82 18.89
CA LYS C 113 -7.57 -11.50 19.80
C LYS C 113 -8.38 -11.78 21.03
N GLU C 114 -8.89 -13.01 21.13
CA GLU C 114 -9.64 -13.41 22.31
C GLU C 114 -8.73 -13.59 23.53
N ARG C 115 -7.69 -14.41 23.40
CA ARG C 115 -6.85 -14.73 24.55
C ARG C 115 -6.27 -13.47 25.15
N THR C 116 -5.88 -12.53 24.31
CA THR C 116 -5.34 -11.27 24.76
C THR C 116 -6.40 -10.54 25.59
N GLN C 117 -7.61 -10.46 25.05
CA GLN C 117 -8.69 -9.79 25.75
C GLN C 117 -8.93 -10.43 27.10
N ILE C 118 -8.71 -11.74 27.17
CA ILE C 118 -8.90 -12.47 28.42
C ILE C 118 -7.83 -12.05 29.43
N GLU C 119 -6.57 -12.11 28.99
CA GLU C 119 -5.45 -11.77 29.85
C GLU C 119 -5.61 -10.35 30.39
N PHE C 120 -5.86 -9.41 29.48
CA PHE C 120 -6.04 -8.02 29.85
C PHE C 120 -7.28 -7.81 30.71
N PHE C 121 -8.26 -8.69 30.54
CA PHE C 121 -9.46 -8.65 31.36
C PHE C 121 -9.08 -8.92 32.82
N HIS C 122 -8.40 -10.05 33.03
CA HIS C 122 -7.92 -10.40 34.36
C HIS C 122 -7.11 -9.25 34.97
N ILE C 123 -6.12 -8.77 34.22
CA ILE C 123 -5.27 -7.69 34.69
C ILE C 123 -6.10 -6.46 35.09
N PHE C 124 -6.97 -6.04 34.18
CA PHE C 124 -7.83 -4.88 34.40
C PHE C 124 -8.58 -5.03 35.71
N ASN C 125 -9.16 -6.21 35.93
CA ASN C 125 -9.93 -6.45 37.14
C ASN C 125 -9.08 -6.36 38.40
N THR C 126 -7.98 -7.11 38.44
CA THR C 126 -7.13 -7.09 39.62
C THR C 126 -6.68 -5.65 39.94
N LEU C 127 -6.24 -4.92 38.92
CA LEU C 127 -5.81 -3.54 39.12
C LEU C 127 -6.95 -2.68 39.67
N TYR C 128 -8.09 -2.69 39.00
CA TYR C 128 -9.24 -1.89 39.42
C TYR C 128 -9.59 -2.16 40.88
N LEU C 129 -9.71 -3.43 41.23
CA LEU C 129 -10.05 -3.80 42.61
C LEU C 129 -9.00 -3.33 43.59
N LEU C 130 -7.73 -3.41 43.20
CA LEU C 130 -6.64 -2.97 44.06
C LEU C 130 -6.51 -1.44 44.08
N GLU C 131 -7.46 -0.76 43.43
CA GLU C 131 -7.53 0.70 43.46
C GLU C 131 -6.35 1.35 42.75
N LYS C 132 -5.80 0.65 41.76
CA LYS C 132 -4.72 1.21 40.94
C LYS C 132 -5.31 1.93 39.73
N GLN C 133 -4.57 2.90 39.20
CA GLN C 133 -5.07 3.76 38.13
C GLN C 133 -4.98 3.08 36.76
N ILE C 134 -5.99 3.29 35.93
CA ILE C 134 -5.98 2.76 34.57
C ILE C 134 -6.36 3.84 33.55
N ILE C 135 -5.60 3.92 32.46
CA ILE C 135 -5.86 4.89 31.40
C ILE C 135 -5.64 4.23 30.05
N LEU C 136 -6.73 4.12 29.28
CA LEU C 136 -6.69 3.53 27.96
C LEU C 136 -6.92 4.62 26.91
N ALA C 137 -6.38 4.42 25.72
CA ALA C 137 -6.57 5.36 24.62
C ALA C 137 -6.99 4.60 23.35
N SER C 138 -7.82 5.23 22.53
CA SER C 138 -8.38 4.57 21.36
C SER C 138 -8.75 5.56 20.26
N ASP C 139 -8.85 5.04 19.04
CA ASP C 139 -9.21 5.87 17.90
C ASP C 139 -10.71 5.88 17.67
N ARG C 140 -11.45 5.18 18.53
CA ARG C 140 -12.90 5.10 18.40
C ARG C 140 -13.60 4.87 19.73
N HIS C 141 -14.86 5.30 19.79
CA HIS C 141 -15.73 5.08 20.95
C HIS C 141 -15.89 3.58 21.22
N PRO C 142 -15.78 3.17 22.49
CA PRO C 142 -16.00 1.79 22.88
C PRO C 142 -17.12 1.07 22.12
N GLN C 143 -18.20 1.77 21.78
CA GLN C 143 -19.27 1.15 21.01
C GLN C 143 -18.75 0.67 19.66
N LYS C 144 -18.01 1.54 18.98
CA LYS C 144 -17.43 1.22 17.69
C LYS C 144 -16.44 0.05 17.72
N LEU C 145 -16.10 -0.42 18.92
CA LEU C 145 -15.17 -1.53 19.07
C LEU C 145 -15.82 -2.87 18.71
N ASP C 146 -15.74 -3.24 17.43
CA ASP C 146 -16.22 -4.55 16.99
C ASP C 146 -15.18 -5.61 17.29
N GLY C 147 -15.63 -6.76 17.74
CA GLY C 147 -14.73 -7.86 18.04
C GLY C 147 -13.99 -7.61 19.35
N VAL C 148 -14.67 -6.99 20.31
CA VAL C 148 -14.13 -6.82 21.64
C VAL C 148 -15.18 -7.27 22.65
N SER C 149 -14.81 -8.23 23.51
CA SER C 149 -15.78 -8.89 24.35
C SER C 149 -16.59 -7.88 25.14
N ASP C 150 -17.90 -8.11 25.17
CA ASP C 150 -18.86 -7.18 25.76
C ASP C 150 -18.49 -6.81 27.19
N ARG C 151 -17.78 -7.70 27.87
CA ARG C 151 -17.36 -7.43 29.25
C ARG C 151 -16.38 -6.26 29.25
N LEU C 152 -15.38 -6.34 28.37
CA LEU C 152 -14.39 -5.27 28.25
C LEU C 152 -15.03 -3.94 27.84
N VAL C 153 -15.92 -3.97 26.85
CA VAL C 153 -16.59 -2.75 26.41
C VAL C 153 -17.42 -2.15 27.54
N SER C 154 -18.14 -3.01 28.26
CA SER C 154 -18.95 -2.58 29.38
C SER C 154 -18.06 -1.88 30.40
N ARG C 155 -16.89 -2.44 30.67
CA ARG C 155 -15.95 -1.83 31.60
C ARG C 155 -15.47 -0.48 31.09
N PHE C 156 -15.13 -0.40 29.80
CA PHE C 156 -14.67 0.84 29.20
C PHE C 156 -15.70 1.95 29.36
N GLU C 157 -16.97 1.64 29.07
CA GLU C 157 -18.03 2.63 29.14
C GLU C 157 -18.41 3.01 30.57
N GLY C 158 -18.07 2.15 31.52
CA GLY C 158 -18.49 2.33 32.89
C GLY C 158 -17.62 3.28 33.71
N GLY C 159 -16.63 3.87 33.06
CA GLY C 159 -15.74 4.80 33.73
C GLY C 159 -15.96 6.22 33.27
N ILE C 160 -14.87 6.89 32.91
CA ILE C 160 -14.95 8.22 32.31
C ILE C 160 -14.65 8.08 30.83
N LEU C 161 -15.56 8.57 30.01
CA LEU C 161 -15.40 8.46 28.56
C LEU C 161 -15.20 9.84 27.94
N VAL C 162 -13.94 10.20 27.73
CA VAL C 162 -13.62 11.52 27.19
C VAL C 162 -13.12 11.44 25.75
N GLU C 163 -13.73 12.25 24.88
CA GLU C 163 -13.31 12.34 23.50
C GLU C 163 -12.43 13.57 23.31
N ILE C 164 -11.54 13.51 22.33
CA ILE C 164 -10.78 14.70 21.95
C ILE C 164 -11.15 15.09 20.53
N GLU C 165 -11.88 16.20 20.42
CA GLU C 165 -12.31 16.71 19.12
C GLU C 165 -11.50 17.96 18.79
N LEU C 166 -10.89 17.97 17.60
CA LEU C 166 -10.12 19.13 17.17
C LEU C 166 -10.95 20.08 16.31
N ASP C 167 -11.74 20.91 16.96
CA ASP C 167 -12.49 21.95 16.26
C ASP C 167 -11.53 23.04 15.81
N ASN C 168 -12.04 24.01 15.06
CA ASN C 168 -11.22 25.12 14.59
C ASN C 168 -10.60 25.91 15.74
N LYS C 169 -11.44 26.27 16.70
CA LYS C 169 -10.99 27.10 17.83
C LYS C 169 -9.80 26.48 18.58
N THR C 170 -9.64 25.16 18.47
CA THR C 170 -8.53 24.50 19.12
C THR C 170 -7.32 24.43 18.19
N ARG C 171 -7.52 23.91 16.99
CA ARG C 171 -6.45 23.85 16.00
C ARG C 171 -5.74 25.19 15.88
N PHE C 172 -6.50 26.27 16.01
CA PHE C 172 -5.91 27.61 15.98
C PHE C 172 -4.94 27.78 17.14
N LYS C 173 -5.43 27.53 18.35
CA LYS C 173 -4.60 27.62 19.54
C LYS C 173 -3.30 26.82 19.39
N ILE C 174 -3.44 25.58 18.96
CA ILE C 174 -2.30 24.67 18.84
C ILE C 174 -1.33 25.15 17.78
N ILE C 175 -1.86 25.67 16.67
CA ILE C 175 -1.03 26.19 15.59
C ILE C 175 -0.21 27.37 16.08
N LYS C 176 -0.88 28.35 16.68
CA LYS C 176 -0.23 29.54 17.20
C LYS C 176 0.86 29.16 18.19
N GLU C 177 0.51 28.27 19.13
CA GLU C 177 1.45 27.88 20.17
C GLU C 177 2.65 27.09 19.65
N LYS C 178 2.43 26.26 18.64
CA LYS C 178 3.52 25.49 18.04
C LYS C 178 4.42 26.38 17.22
N LEU C 179 3.82 27.38 16.57
CA LEU C 179 4.58 28.40 15.87
C LEU C 179 5.46 29.14 16.86
N LYS C 180 4.92 29.40 18.04
CA LYS C 180 5.71 29.98 19.12
C LYS C 180 6.85 29.00 19.50
N GLU C 181 6.59 27.69 19.41
CA GLU C 181 7.63 26.68 19.71
C GLU C 181 8.92 26.79 18.85
N PHE C 182 8.78 27.30 17.63
CA PHE C 182 9.90 27.38 16.70
C PHE C 182 10.53 28.77 16.55
N ASN C 183 10.03 29.76 17.28
CA ASN C 183 10.67 31.09 17.25
C ASN C 183 10.40 31.73 15.90
N LEU C 184 9.57 31.08 15.10
CA LEU C 184 9.13 31.61 13.82
C LEU C 184 7.67 31.88 14.12
N GLU C 185 7.16 33.06 13.78
CA GLU C 185 5.82 33.34 14.30
C GLU C 185 4.96 34.42 13.67
N LEU C 186 3.75 34.56 14.21
CA LEU C 186 2.92 35.76 13.98
C LEU C 186 2.69 36.18 12.53
N ARG C 187 2.39 35.23 11.65
CA ARG C 187 2.13 35.56 10.26
C ARG C 187 0.67 35.23 9.97
N LYS C 188 -0.07 36.18 9.40
CA LYS C 188 -1.47 35.90 9.10
C LYS C 188 -1.60 34.91 7.96
N GLU C 189 -0.83 35.10 6.90
CA GLU C 189 -0.87 34.18 5.77
C GLU C 189 -0.52 32.77 6.23
N VAL C 190 0.45 32.66 7.14
CA VAL C 190 0.90 31.36 7.64
C VAL C 190 -0.18 30.65 8.45
N ILE C 191 -0.65 31.32 9.50
CA ILE C 191 -1.72 30.81 10.34
C ILE C 191 -2.95 30.48 9.51
N ASP C 192 -3.50 31.49 8.84
CA ASP C 192 -4.68 31.29 8.00
C ASP C 192 -4.48 30.14 7.04
N TYR C 193 -3.23 29.95 6.59
CA TYR C 193 -2.92 28.84 5.70
C TYR C 193 -3.03 27.49 6.44
N LEU C 194 -2.28 27.37 7.53
CA LEU C 194 -2.29 26.14 8.31
C LEU C 194 -3.71 25.72 8.68
N LEU C 195 -4.53 26.68 9.10
CA LEU C 195 -5.92 26.40 9.44
C LEU C 195 -6.61 25.65 8.32
N GLU C 196 -6.41 26.12 7.10
CA GLU C 196 -7.13 25.58 5.95
C GLU C 196 -6.62 24.22 5.49
N ASN C 197 -5.40 23.86 5.87
CA ASN C 197 -4.78 22.66 5.32
C ASN C 197 -4.21 21.67 6.35
N THR C 198 -4.64 21.78 7.59
CA THR C 198 -4.28 20.80 8.61
C THR C 198 -5.49 20.42 9.43
N LYS C 199 -5.68 19.12 9.64
CA LYS C 199 -6.83 18.60 10.37
C LYS C 199 -6.42 18.11 11.76
N ASN C 200 -5.24 17.51 11.85
CA ASN C 200 -4.74 17.01 13.12
C ASN C 200 -3.39 17.62 13.48
N VAL C 201 -2.92 17.35 14.70
CA VAL C 201 -1.71 17.98 15.21
C VAL C 201 -0.45 17.49 14.48
N ARG C 202 -0.51 16.28 13.92
CA ARG C 202 0.65 15.73 13.22
C ARG C 202 0.91 16.51 11.93
N GLU C 203 -0.16 16.78 11.18
CA GLU C 203 -0.04 17.56 9.96
C GLU C 203 0.47 18.96 10.29
N ILE C 204 0.02 19.49 11.41
CA ILE C 204 0.46 20.81 11.87
C ILE C 204 1.96 20.79 12.13
N GLU C 205 2.39 19.93 13.03
CA GLU C 205 3.82 19.78 13.32
C GLU C 205 4.61 19.66 12.02
N GLY C 206 4.24 18.70 11.19
CA GLY C 206 4.93 18.48 9.93
C GLY C 206 5.06 19.75 9.13
N LYS C 207 3.92 20.27 8.66
CA LYS C 207 3.91 21.49 7.87
C LYS C 207 4.83 22.54 8.48
N ILE C 208 4.68 22.79 9.78
CA ILE C 208 5.47 23.81 10.47
C ILE C 208 6.98 23.54 10.36
N LYS C 209 7.41 22.32 10.62
CA LYS C 209 8.82 21.96 10.46
C LYS C 209 9.27 22.31 9.05
N LEU C 210 8.40 22.00 8.08
CA LEU C 210 8.70 22.24 6.68
C LEU C 210 8.87 23.73 6.39
N ILE C 211 8.08 24.56 7.06
CA ILE C 211 8.22 26.00 6.95
C ILE C 211 9.56 26.43 7.54
N LYS C 212 9.86 25.92 8.73
CA LYS C 212 11.11 26.22 9.41
C LYS C 212 12.31 25.82 8.57
N LEU C 213 12.10 24.90 7.63
CA LEU C 213 13.20 24.43 6.79
C LEU C 213 13.32 25.17 5.45
N LYS C 214 12.21 25.28 4.71
CA LYS C 214 12.26 25.83 3.36
C LYS C 214 11.28 26.98 3.10
N GLY C 215 10.92 27.71 4.16
CA GLY C 215 10.08 28.89 4.02
C GLY C 215 8.66 28.61 3.55
N PHE C 216 7.77 29.57 3.83
CA PHE C 216 6.36 29.43 3.50
C PHE C 216 6.10 29.53 2.00
N GLU C 217 6.72 30.53 1.39
CA GLU C 217 6.52 30.81 -0.03
C GLU C 217 6.77 29.56 -0.86
N GLY C 218 7.73 28.76 -0.42
CA GLY C 218 8.06 27.52 -1.11
C GLY C 218 6.84 26.61 -1.22
N LEU C 219 6.36 26.14 -0.07
CA LEU C 219 5.19 25.27 -0.02
C LEU C 219 4.02 25.88 -0.79
N GLU C 220 3.74 27.14 -0.50
CA GLU C 220 2.58 27.82 -1.08
C GLU C 220 2.37 27.45 -2.55
N ARG C 221 3.43 27.58 -3.35
CA ARG C 221 3.31 27.38 -4.79
C ARG C 221 3.03 25.93 -5.18
N LYS C 222 3.93 25.02 -4.80
CA LYS C 222 3.75 23.61 -5.13
C LYS C 222 2.34 23.15 -4.75
N GLU C 223 1.94 23.47 -3.52
CA GLU C 223 0.63 23.05 -3.03
C GLU C 223 -0.47 23.67 -3.88
N ARG C 224 -0.40 24.99 -4.08
CA ARG C 224 -1.38 25.70 -4.89
C ARG C 224 -1.61 25.02 -6.24
N LYS C 225 -0.53 24.76 -6.96
CA LYS C 225 -0.65 24.16 -8.29
C LYS C 225 -1.18 22.74 -8.21
N GLU C 226 -0.53 21.91 -7.39
CA GLU C 226 -0.98 20.53 -7.18
C GLU C 226 -2.47 20.47 -6.95
N ARG C 227 -3.00 21.46 -6.24
CA ARG C 227 -4.41 21.47 -5.84
C ARG C 227 -5.34 22.06 -6.91
N ASP C 228 -4.85 23.08 -7.61
CA ASP C 228 -5.68 23.80 -8.59
C ASP C 228 -5.75 23.06 -9.92
N LYS C 229 -4.75 22.24 -10.21
CA LYS C 229 -4.81 21.41 -11.40
C LYS C 229 -5.79 20.27 -11.15
N LEU C 230 -6.20 20.13 -9.90
CA LEU C 230 -7.23 19.17 -9.51
C LEU C 230 -8.56 19.88 -9.37
N MET C 231 -8.53 21.21 -9.41
CA MET C 231 -9.73 22.02 -9.34
C MET C 231 -10.36 22.14 -10.72
N GLN C 232 -10.68 20.99 -11.31
CA GLN C 232 -11.31 20.94 -12.62
C GLN C 232 -12.81 20.91 -12.46
N ILE C 233 -13.27 20.89 -11.20
CA ILE C 233 -14.70 20.82 -10.92
C ILE C 233 -15.38 22.16 -11.22
N VAL C 234 -14.79 23.25 -10.73
CA VAL C 234 -15.38 24.57 -10.95
C VAL C 234 -15.32 24.93 -12.42
N GLU C 235 -14.22 24.54 -13.07
CA GLU C 235 -13.97 24.89 -14.45
C GLU C 235 -14.89 24.14 -15.42
N PHE C 236 -15.17 22.87 -15.10
CA PHE C 236 -15.88 22.01 -16.05
C PHE C 236 -17.14 21.39 -15.49
N VAL C 237 -17.04 20.73 -14.33
CA VAL C 237 -18.16 19.98 -13.79
C VAL C 237 -19.29 20.88 -13.26
N ALA C 238 -18.93 22.08 -12.80
CA ALA C 238 -19.91 22.97 -12.17
C ALA C 238 -20.53 23.91 -13.20
N ASN C 239 -19.94 23.95 -14.39
CA ASN C 239 -20.48 24.75 -15.48
C ASN C 239 -21.35 23.90 -16.39
N TYR C 240 -20.85 22.72 -16.75
CA TYR C 240 -21.61 21.77 -17.56
C TYR C 240 -22.87 21.37 -16.80
N TYR C 241 -22.68 20.77 -15.62
CA TYR C 241 -23.79 20.45 -14.76
C TYR C 241 -24.23 21.81 -14.22
N ALA C 242 -25.53 22.01 -14.01
CA ALA C 242 -26.00 23.29 -13.51
C ALA C 242 -25.92 23.36 -11.99
N VAL C 243 -24.75 23.68 -11.47
CA VAL C 243 -24.57 23.78 -10.02
C VAL C 243 -23.45 24.72 -9.55
N LYS C 244 -23.60 25.17 -8.31
CA LYS C 244 -22.63 26.02 -7.63
C LYS C 244 -21.44 25.20 -7.14
N VAL C 245 -20.30 25.85 -6.97
CA VAL C 245 -19.08 25.18 -6.55
C VAL C 245 -19.12 24.88 -5.05
N GLU C 246 -19.33 25.94 -4.26
CA GLU C 246 -19.42 25.79 -2.81
C GLU C 246 -20.41 24.69 -2.45
N ASP C 247 -21.45 24.54 -3.26
CA ASP C 247 -22.43 23.49 -3.06
C ASP C 247 -21.84 22.11 -3.35
N ILE C 248 -21.04 22.03 -4.42
CA ILE C 248 -20.43 20.78 -4.81
C ILE C 248 -19.26 20.39 -3.90
N LEU C 249 -18.88 21.29 -2.99
CA LEU C 249 -17.87 20.96 -1.99
C LEU C 249 -18.50 20.31 -0.78
N SER C 250 -19.44 21.03 -0.14
CA SER C 250 -20.18 20.47 0.98
C SER C 250 -21.23 19.49 0.47
N ASP C 251 -21.59 18.52 1.30
CA ASP C 251 -22.58 17.52 0.90
C ASP C 251 -23.99 18.08 0.99
N LYS C 252 -24.97 17.28 0.59
CA LYS C 252 -26.38 17.65 0.63
C LYS C 252 -26.79 18.34 -0.66
N ASN C 254 -27.88 15.46 -4.23
CA ASN C 254 -29.32 15.29 -4.23
C ASN C 254 -29.84 14.96 -5.63
N LYS C 255 -28.98 14.40 -6.46
CA LYS C 255 -29.36 14.03 -7.83
C LYS C 255 -29.23 15.23 -8.74
N ARG C 256 -28.79 16.36 -8.18
CA ARG C 256 -28.62 17.58 -8.95
C ARG C 256 -27.19 18.11 -8.77
N THR C 257 -26.62 17.84 -7.61
CA THR C 257 -25.25 18.24 -7.32
C THR C 257 -24.42 17.04 -6.85
N SER C 258 -25.08 16.01 -6.37
CA SER C 258 -24.39 14.80 -5.92
C SER C 258 -23.76 14.07 -7.09
N GLU C 259 -24.51 13.94 -8.18
CA GLU C 259 -24.01 13.28 -9.37
C GLU C 259 -22.85 14.10 -9.95
N ALA C 260 -22.94 15.41 -9.79
CA ALA C 260 -21.86 16.31 -10.20
C ALA C 260 -20.59 15.98 -9.43
N ARG C 261 -20.74 15.67 -8.14
CA ARG C 261 -19.60 15.31 -7.31
C ARG C 261 -19.04 13.94 -7.70
N LYS C 262 -19.90 12.92 -7.74
CA LYS C 262 -19.47 11.59 -8.18
C LYS C 262 -18.64 11.76 -9.45
N ILE C 263 -19.21 12.46 -10.42
CA ILE C 263 -18.50 12.77 -11.65
C ILE C 263 -17.13 13.36 -11.35
N ALA C 264 -17.12 14.49 -10.64
CA ALA C 264 -15.88 15.17 -10.31
C ALA C 264 -14.80 14.20 -9.83
N MET C 265 -15.11 13.45 -8.78
CA MET C 265 -14.19 12.47 -8.23
C MET C 265 -13.71 11.51 -9.31
N TYR C 266 -14.64 10.93 -10.05
CA TYR C 266 -14.29 10.01 -11.12
C TYR C 266 -13.25 10.61 -12.05
N LEU C 267 -13.53 11.81 -12.54
CA LEU C 267 -12.61 12.51 -13.44
C LEU C 267 -11.24 12.69 -12.77
N CYS C 268 -11.23 13.22 -11.57
CA CYS C 268 -9.99 13.44 -10.84
C CYS C 268 -9.14 12.16 -10.80
N ARG C 269 -9.79 11.04 -10.55
CA ARG C 269 -9.08 9.76 -10.44
C ARG C 269 -8.60 9.24 -11.79
N LYS C 270 -9.42 9.40 -12.82
CA LYS C 270 -9.15 8.80 -14.12
C LYS C 270 -8.08 9.55 -14.93
N VAL C 271 -8.18 10.87 -14.99
CA VAL C 271 -7.28 11.66 -15.82
C VAL C 271 -6.14 12.32 -15.03
N CYS C 272 -6.48 13.02 -13.96
CA CYS C 272 -5.48 13.75 -13.18
C CYS C 272 -4.56 12.81 -12.42
N SER C 273 -4.94 11.54 -12.35
CA SER C 273 -4.12 10.52 -11.70
C SER C 273 -3.90 10.86 -10.23
N ALA C 274 -4.79 11.65 -9.66
CA ALA C 274 -4.71 12.01 -8.24
C ALA C 274 -4.99 10.78 -7.39
N SER C 275 -4.37 10.73 -6.22
CA SER C 275 -4.56 9.61 -5.30
C SER C 275 -5.88 9.74 -4.57
N LEU C 276 -6.35 8.64 -3.99
CA LEU C 276 -7.59 8.65 -3.24
C LEU C 276 -7.52 9.71 -2.15
N ILE C 277 -6.37 9.75 -1.47
CA ILE C 277 -6.16 10.69 -0.37
C ILE C 277 -6.25 12.12 -0.85
N GLU C 278 -5.77 12.37 -2.06
CA GLU C 278 -5.77 13.72 -2.62
C GLU C 278 -7.17 14.17 -3.03
N ILE C 279 -7.93 13.29 -3.66
CA ILE C 279 -9.30 13.60 -4.03
C ILE C 279 -10.10 13.86 -2.76
N ALA C 280 -9.92 12.98 -1.77
CA ALA C 280 -10.57 13.13 -0.48
C ALA C 280 -10.26 14.49 0.12
N ARG C 281 -8.98 14.81 0.27
CA ARG C 281 -8.56 16.08 0.84
C ARG C 281 -9.18 17.25 0.08
N ALA C 282 -9.17 17.16 -1.25
CA ALA C 282 -9.69 18.22 -2.11
C ALA C 282 -11.18 18.49 -1.97
N PHE C 283 -11.98 17.43 -1.85
CA PHE C 283 -13.43 17.57 -1.78
C PHE C 283 -13.91 17.89 -0.37
N LYS C 284 -12.97 17.99 0.55
CA LYS C 284 -13.31 18.27 1.95
C LYS C 284 -13.94 17.02 2.55
N ARG C 285 -13.81 15.90 1.85
CA ARG C 285 -14.38 14.65 2.34
C ARG C 285 -13.46 14.03 3.38
N LYS C 286 -14.01 13.15 4.21
CA LYS C 286 -13.22 12.52 5.25
C LYS C 286 -13.31 11.00 5.19
N ASP C 287 -12.21 10.33 5.49
CA ASP C 287 -12.19 8.86 5.50
C ASP C 287 -11.91 8.27 4.13
N HIS C 288 -11.84 9.12 3.11
CA HIS C 288 -11.55 8.67 1.75
C HIS C 288 -12.31 7.39 1.39
N THR C 289 -13.54 7.27 1.91
CA THR C 289 -14.37 6.10 1.63
C THR C 289 -15.44 6.43 0.60
N THR C 290 -16.12 7.55 0.81
CA THR C 290 -17.20 7.97 -0.09
C THR C 290 -16.64 8.30 -1.47
N VAL C 291 -15.33 8.53 -1.54
CA VAL C 291 -14.69 8.78 -2.82
C VAL C 291 -14.57 7.48 -3.62
N ILE C 292 -14.09 6.43 -2.98
CA ILE C 292 -13.94 5.15 -3.65
C ILE C 292 -15.31 4.58 -3.99
N HIS C 293 -16.23 4.63 -3.03
CA HIS C 293 -17.59 4.13 -3.24
C HIS C 293 -18.32 4.97 -4.29
N ALA C 294 -18.00 6.25 -4.36
CA ALA C 294 -18.64 7.14 -5.33
C ALA C 294 -18.12 6.87 -6.73
N ILE C 295 -16.81 6.62 -6.85
CA ILE C 295 -16.23 6.27 -8.14
C ILE C 295 -16.79 4.94 -8.62
N ARG C 296 -16.91 3.99 -7.72
CA ARG C 296 -17.56 2.72 -8.05
C ARG C 296 -19.01 2.95 -8.47
N SER C 297 -19.65 3.93 -7.83
CA SER C 297 -21.04 4.27 -8.14
C SER C 297 -21.16 4.76 -9.58
N VAL C 298 -20.30 5.70 -9.97
CA VAL C 298 -20.32 6.23 -11.33
C VAL C 298 -19.89 5.16 -12.33
N GLU C 299 -19.11 4.19 -11.87
CA GLU C 299 -18.67 3.10 -12.75
C GLU C 299 -19.77 2.06 -12.97
N GLU C 300 -20.66 1.91 -12.00
CA GLU C 300 -21.74 0.93 -12.09
C GLU C 300 -22.85 1.37 -13.04
N GLU C 301 -23.26 2.62 -12.93
CA GLU C 301 -24.34 3.15 -13.75
C GLU C 301 -23.97 3.20 -15.22
N LYS C 302 -22.72 2.87 -15.54
CA LYS C 302 -22.23 2.89 -16.90
C LYS C 302 -22.98 1.88 -17.76
N ARG C 306 -28.19 4.62 -19.32
CA ARG C 306 -27.95 4.01 -20.62
C ARG C 306 -26.78 4.67 -21.34
N LYS C 307 -27.05 5.81 -21.99
CA LYS C 307 -26.04 6.50 -22.78
C LYS C 307 -25.17 7.42 -21.94
N PHE C 308 -25.21 7.23 -20.62
CA PHE C 308 -24.37 8.00 -19.73
C PHE C 308 -22.90 7.78 -20.05
N LYS C 309 -22.59 6.66 -20.70
CA LYS C 309 -21.23 6.33 -21.06
C LYS C 309 -20.66 7.29 -22.10
N HIS C 310 -21.47 7.63 -23.09
CA HIS C 310 -21.05 8.59 -24.12
C HIS C 310 -20.71 9.92 -23.46
N LEU C 311 -21.61 10.38 -22.59
CA LEU C 311 -21.38 11.59 -21.81
C LEU C 311 -20.04 11.51 -21.09
N VAL C 312 -19.85 10.42 -20.35
CA VAL C 312 -18.60 10.18 -19.64
C VAL C 312 -17.42 10.39 -20.58
N GLY C 313 -17.39 9.65 -21.69
CA GLY C 313 -16.31 9.75 -22.65
C GLY C 313 -16.04 11.18 -23.07
N PHE C 314 -17.11 11.89 -23.43
CA PHE C 314 -17.00 13.28 -23.83
C PHE C 314 -16.29 14.11 -22.75
N LEU C 315 -16.77 14.00 -21.53
CA LEU C 315 -16.19 14.75 -20.41
C LEU C 315 -14.74 14.37 -20.20
N GLU C 316 -14.41 13.11 -20.44
CA GLU C 316 -13.04 12.62 -20.28
C GLU C 316 -12.11 13.26 -21.31
N LYS C 317 -12.47 13.16 -22.58
CA LYS C 317 -11.67 13.78 -23.63
C LYS C 317 -11.49 15.27 -23.33
N GLN C 318 -12.61 15.93 -23.04
CA GLN C 318 -12.59 17.35 -22.68
C GLN C 318 -11.59 17.61 -21.56
N ALA C 319 -11.56 16.72 -20.56
CA ALA C 319 -10.62 16.86 -19.44
C ALA C 319 -9.13 16.66 -19.83
N PHE C 320 -8.82 15.58 -20.55
CA PHE C 320 -7.47 15.36 -21.05
C PHE C 320 -6.96 16.52 -21.88
N ASP C 321 -7.82 17.08 -22.74
CA ASP C 321 -7.41 18.15 -23.63
C ASP C 321 -7.11 19.46 -22.91
N LYS C 322 -8.02 19.89 -22.03
CA LYS C 322 -7.89 21.19 -21.38
C LYS C 322 -7.50 21.09 -19.90
N ILE C 323 -6.88 20.00 -19.51
CA ILE C 323 -6.45 19.82 -18.12
C ILE C 323 -4.96 19.49 -18.04
N CYS C 324 -4.34 19.28 -19.20
CA CYS C 324 -2.91 19.01 -19.26
C CYS C 324 -2.37 19.21 -20.67
N ASP D 2 -5.60 -9.07 49.49
CA ASP D 2 -6.89 -9.40 50.08
C ASP D 2 -8.00 -9.26 49.04
N PHE D 3 -7.87 -8.26 48.18
CA PHE D 3 -8.79 -8.06 47.06
C PHE D 3 -10.23 -7.72 47.48
N LEU D 4 -10.41 -7.27 48.71
CA LEU D 4 -11.72 -6.78 49.14
C LEU D 4 -11.73 -5.26 49.24
N ASN D 5 -12.01 -4.60 48.12
CA ASN D 5 -12.02 -3.15 48.08
C ASN D 5 -13.21 -2.58 48.86
N PRO D 6 -12.93 -1.79 49.91
CA PRO D 6 -13.95 -1.29 50.83
C PRO D 6 -15.02 -0.41 50.20
N LYS D 7 -14.76 0.11 48.99
CA LYS D 7 -15.73 0.96 48.32
C LYS D 7 -17.08 0.28 48.22
N TYR D 8 -17.07 -1.04 48.03
CA TYR D 8 -18.30 -1.82 47.90
C TYR D 8 -18.81 -2.21 49.28
N THR D 9 -20.03 -1.77 49.61
CA THR D 9 -20.63 -2.05 50.91
C THR D 9 -22.09 -2.42 50.73
N LEU D 10 -22.63 -3.10 51.75
CA LEU D 10 -24.05 -3.47 51.74
C LEU D 10 -24.94 -2.23 51.75
N GLU D 11 -24.45 -1.16 52.36
CA GLU D 11 -25.23 0.07 52.47
C GLU D 11 -25.26 0.83 51.16
N ASN D 12 -24.23 0.64 50.32
CA ASN D 12 -24.15 1.30 49.03
C ASN D 12 -25.05 0.67 47.99
N PHE D 13 -25.57 -0.51 48.31
CA PHE D 13 -26.34 -1.29 47.35
C PHE D 13 -27.79 -0.80 47.27
N ILE D 14 -28.04 0.09 46.31
CA ILE D 14 -29.41 0.52 46.03
C ILE D 14 -30.27 -0.72 45.79
N VAL D 15 -31.37 -0.84 46.51
CA VAL D 15 -32.24 -2.00 46.38
C VAL D 15 -33.54 -1.64 45.67
N GLY D 16 -33.99 -2.53 44.78
CA GLY D 16 -35.22 -2.35 44.04
C GLY D 16 -35.93 -3.66 43.84
N GLU D 17 -36.99 -3.65 43.04
CA GLU D 17 -37.76 -4.86 42.77
C GLU D 17 -36.93 -5.96 42.10
N GLY D 18 -35.75 -5.60 41.61
CA GLY D 18 -34.97 -6.49 40.78
C GLY D 18 -33.82 -7.20 41.48
N ASN D 19 -33.33 -6.60 42.56
CA ASN D 19 -32.20 -7.17 43.28
C ASN D 19 -32.47 -7.34 44.77
N ARG D 20 -33.69 -7.01 45.19
CA ARG D 20 -34.07 -7.13 46.58
C ARG D 20 -33.81 -8.53 47.10
N LEU D 21 -34.21 -9.53 46.32
CA LEU D 21 -34.08 -10.92 46.76
C LEU D 21 -32.61 -11.24 47.03
N ALA D 22 -31.76 -11.07 46.02
CA ALA D 22 -30.34 -11.33 46.17
C ALA D 22 -29.78 -10.60 47.39
N TYR D 23 -30.01 -9.30 47.45
CA TYR D 23 -29.53 -8.47 48.55
C TYR D 23 -29.90 -9.06 49.91
N GLU D 24 -31.20 -9.25 50.12
CA GLU D 24 -31.70 -9.71 51.42
C GLU D 24 -31.18 -11.10 51.77
N VAL D 25 -31.14 -11.99 50.79
CA VAL D 25 -30.60 -13.32 51.03
C VAL D 25 -29.17 -13.21 51.53
N VAL D 26 -28.34 -12.49 50.79
CA VAL D 26 -26.95 -12.29 51.18
C VAL D 26 -26.87 -11.76 52.59
N LYS D 27 -27.45 -10.58 52.81
CA LYS D 27 -27.47 -9.93 54.12
C LYS D 27 -27.79 -10.93 55.25
N GLU D 28 -28.94 -11.57 55.11
CA GLU D 28 -29.40 -12.51 56.14
C GLU D 28 -28.41 -13.64 56.35
N ALA D 29 -27.78 -14.09 55.28
CA ALA D 29 -26.77 -15.12 55.37
C ALA D 29 -25.58 -14.61 56.17
N LEU D 30 -25.24 -13.33 55.99
CA LEU D 30 -24.18 -12.72 56.76
C LEU D 30 -24.54 -12.76 58.24
N GLU D 31 -25.81 -12.53 58.53
CA GLU D 31 -26.26 -12.60 59.92
C GLU D 31 -25.90 -13.96 60.54
N ASN D 32 -26.37 -15.04 59.91
CA ASN D 32 -26.02 -16.39 60.34
C ASN D 32 -25.20 -17.11 59.28
N LEU D 33 -23.90 -17.22 59.52
CA LEU D 33 -22.98 -17.74 58.51
C LEU D 33 -22.97 -19.27 58.47
N GLY D 34 -23.42 -19.82 57.35
CA GLY D 34 -23.40 -21.26 57.13
C GLY D 34 -24.60 -21.95 57.75
N SER D 35 -25.37 -21.23 58.55
CA SER D 35 -26.56 -21.77 59.19
C SER D 35 -27.69 -22.15 58.21
N LEU D 36 -27.98 -21.23 57.29
CA LEU D 36 -29.06 -21.39 56.33
C LEU D 36 -28.67 -20.71 55.02
N TYR D 37 -29.35 -21.03 53.93
CA TYR D 37 -28.94 -20.43 52.65
C TYR D 37 -27.47 -20.74 52.52
N ASN D 38 -27.14 -22.01 52.69
CA ASN D 38 -25.74 -22.45 52.83
C ASN D 38 -24.98 -22.13 51.54
N PRO D 39 -25.34 -22.78 50.42
CA PRO D 39 -24.76 -22.38 49.13
C PRO D 39 -25.59 -21.34 48.37
N ILE D 40 -25.20 -20.06 48.43
CA ILE D 40 -25.92 -19.01 47.72
C ILE D 40 -25.36 -18.84 46.31
N PHE D 41 -26.22 -18.89 45.30
CA PHE D 41 -25.77 -18.77 43.92
C PHE D 41 -26.49 -17.63 43.22
N ILE D 42 -25.84 -16.47 43.17
CA ILE D 42 -26.40 -15.30 42.50
C ILE D 42 -26.01 -15.31 41.04
N TYR D 43 -26.92 -14.91 40.16
CA TYR D 43 -26.60 -14.80 38.75
C TYR D 43 -27.40 -13.68 38.08
N GLY D 44 -26.79 -13.04 37.09
CA GLY D 44 -27.46 -11.95 36.39
C GLY D 44 -26.72 -11.53 35.13
N SER D 45 -27.33 -10.60 34.39
CA SER D 45 -26.78 -10.07 33.16
C SER D 45 -25.57 -9.18 33.48
N VAL D 46 -24.76 -8.88 32.48
CA VAL D 46 -23.53 -8.14 32.72
C VAL D 46 -23.83 -6.76 33.32
N GLY D 47 -23.15 -6.44 34.42
CA GLY D 47 -23.30 -5.15 35.06
C GLY D 47 -24.52 -5.06 35.94
N THR D 48 -24.77 -6.10 36.73
CA THR D 48 -25.98 -6.18 37.52
C THR D 48 -25.73 -5.92 39.01
N GLY D 49 -24.48 -6.04 39.42
CA GLY D 49 -24.11 -5.75 40.80
C GLY D 49 -23.63 -6.98 41.54
N LYS D 50 -23.38 -8.05 40.80
CA LYS D 50 -22.90 -9.30 41.40
C LYS D 50 -21.65 -9.06 42.22
N THR D 51 -20.64 -8.48 41.57
CA THR D 51 -19.35 -8.25 42.23
C THR D 51 -19.51 -7.34 43.43
N HIS D 52 -20.33 -6.29 43.30
CA HIS D 52 -20.55 -5.37 44.39
C HIS D 52 -21.09 -6.14 45.59
N LEU D 53 -22.06 -7.00 45.32
CA LEU D 53 -22.72 -7.75 46.38
C LEU D 53 -21.73 -8.68 47.09
N LEU D 54 -21.04 -9.52 46.31
CA LEU D 54 -20.04 -10.42 46.89
C LEU D 54 -19.01 -9.63 47.72
N GLN D 55 -18.48 -8.57 47.12
CA GLN D 55 -17.52 -7.70 47.77
C GLN D 55 -18.03 -7.25 49.14
N ALA D 56 -19.22 -6.66 49.14
CA ALA D 56 -19.82 -6.14 50.36
C ALA D 56 -19.95 -7.22 51.41
N ALA D 57 -20.43 -8.40 50.99
CA ALA D 57 -20.53 -9.53 51.90
C ALA D 57 -19.19 -9.80 52.56
N GLY D 58 -18.15 -9.93 51.74
CA GLY D 58 -16.81 -10.17 52.24
C GLY D 58 -16.37 -9.11 53.22
N ASN D 59 -16.70 -7.86 52.93
CA ASN D 59 -16.33 -6.75 53.79
C ASN D 59 -17.01 -6.82 55.14
N GLU D 60 -18.28 -7.23 55.14
CA GLU D 60 -19.01 -7.40 56.39
C GLU D 60 -18.36 -8.51 57.21
N ALA D 61 -18.16 -9.65 56.57
CA ALA D 61 -17.52 -10.78 57.24
C ALA D 61 -16.21 -10.34 57.88
N LYS D 62 -15.36 -9.65 57.11
CA LYS D 62 -14.11 -9.12 57.63
C LYS D 62 -14.37 -8.22 58.83
N LYS D 63 -15.40 -7.39 58.71
CA LYS D 63 -15.74 -6.42 59.75
C LYS D 63 -16.12 -7.12 61.04
N ARG D 64 -16.61 -8.36 60.93
CA ARG D 64 -17.06 -9.11 62.10
C ARG D 64 -16.03 -10.12 62.60
N GLY D 65 -14.88 -10.19 61.93
CA GLY D 65 -13.77 -11.01 62.39
C GLY D 65 -13.74 -12.40 61.81
N TYR D 66 -14.47 -12.61 60.72
CA TYR D 66 -14.50 -13.91 60.04
C TYR D 66 -13.38 -14.00 59.00
N ARG D 67 -12.85 -15.20 58.80
CA ARG D 67 -11.89 -15.44 57.73
C ARG D 67 -12.60 -15.35 56.38
N VAL D 68 -12.03 -14.61 55.44
CA VAL D 68 -12.67 -14.42 54.14
C VAL D 68 -11.69 -14.54 52.98
N ILE D 69 -12.19 -15.06 51.86
CA ILE D 69 -11.44 -15.06 50.61
C ILE D 69 -12.36 -14.65 49.47
N TYR D 70 -11.96 -13.64 48.72
CA TYR D 70 -12.64 -13.31 47.47
C TYR D 70 -11.74 -13.70 46.34
N SER D 71 -12.32 -14.20 45.24
CA SER D 71 -11.54 -14.62 44.09
C SER D 71 -12.42 -14.93 42.90
N SER D 72 -11.96 -14.56 41.71
CA SER D 72 -12.65 -14.91 40.49
C SER D 72 -12.35 -16.37 40.17
N ALA D 73 -13.23 -17.00 39.38
CA ALA D 73 -13.04 -18.39 39.01
C ALA D 73 -11.74 -18.57 38.22
N ASP D 74 -11.57 -17.73 37.20
CA ASP D 74 -10.38 -17.78 36.36
C ASP D 74 -9.10 -17.62 37.18
N ASP D 75 -9.16 -16.75 38.18
CA ASP D 75 -8.00 -16.46 39.01
C ASP D 75 -7.73 -17.65 39.93
N PHE D 76 -8.81 -18.31 40.33
CA PHE D 76 -8.71 -19.53 41.12
C PHE D 76 -7.97 -20.59 40.31
N ALA D 77 -8.39 -20.76 39.06
CA ALA D 77 -7.75 -21.70 38.15
C ALA D 77 -6.27 -21.39 38.01
N GLN D 78 -5.95 -20.16 37.64
CA GLN D 78 -4.56 -19.75 37.47
C GLN D 78 -3.74 -20.06 38.72
N ALA D 79 -4.18 -19.53 39.86
CA ALA D 79 -3.49 -19.74 41.12
C ALA D 79 -3.23 -21.23 41.36
N MET D 80 -4.28 -22.03 41.24
CA MET D 80 -4.18 -23.46 41.45
C MET D 80 -3.10 -24.07 40.56
N VAL D 81 -3.13 -23.72 39.27
CA VAL D 81 -2.13 -24.22 38.33
C VAL D 81 -0.71 -23.86 38.78
N GLU D 82 -0.54 -22.62 39.23
CA GLU D 82 0.78 -22.16 39.65
C GLU D 82 1.25 -22.92 40.89
N HIS D 83 0.34 -23.17 41.81
CA HIS D 83 0.65 -23.98 42.99
C HIS D 83 0.97 -25.40 42.57
N LEU D 84 0.43 -25.81 41.43
CA LEU D 84 0.74 -27.12 40.87
C LEU D 84 2.18 -27.15 40.37
N LYS D 85 2.56 -26.15 39.59
CA LYS D 85 3.92 -26.04 39.10
C LYS D 85 4.92 -26.01 40.25
N LYS D 86 4.66 -25.14 41.22
CA LYS D 86 5.56 -24.96 42.35
C LYS D 86 5.37 -26.03 43.42
N GLY D 87 4.40 -26.91 43.21
CA GLY D 87 4.21 -28.08 44.06
C GLY D 87 3.78 -27.77 45.48
N THR D 88 3.18 -26.61 45.69
CA THR D 88 2.64 -26.25 47.00
C THR D 88 1.12 -26.30 46.97
N ILE D 89 0.57 -27.23 46.19
CA ILE D 89 -0.88 -27.37 46.04
C ILE D 89 -1.56 -27.62 47.38
N ASN D 90 -0.88 -28.30 48.29
CA ASN D 90 -1.44 -28.58 49.60
C ASN D 90 -1.74 -27.28 50.34
N GLU D 91 -0.77 -26.39 50.42
CA GLU D 91 -0.95 -25.12 51.10
C GLU D 91 -2.12 -24.36 50.50
N PHE D 92 -2.27 -24.46 49.18
CA PHE D 92 -3.37 -23.83 48.47
C PHE D 92 -4.71 -24.38 48.97
N ARG D 93 -4.85 -25.69 48.89
CA ARG D 93 -6.06 -26.35 49.38
C ARG D 93 -6.37 -25.93 50.81
N ASN D 94 -5.45 -26.20 51.73
CA ASN D 94 -5.65 -25.88 53.13
C ASN D 94 -6.04 -24.42 53.34
N MET D 95 -5.39 -23.52 52.61
CA MET D 95 -5.71 -22.11 52.70
C MET D 95 -7.17 -21.88 52.37
N TYR D 96 -7.63 -22.47 51.27
CA TYR D 96 -9.02 -22.28 50.85
C TYR D 96 -10.05 -22.92 51.78
N LYS D 97 -9.73 -24.09 52.31
CA LYS D 97 -10.68 -24.82 53.16
C LYS D 97 -10.84 -24.17 54.53
N SER D 98 -9.92 -23.29 54.89
CA SER D 98 -9.87 -22.76 56.26
C SER D 98 -10.60 -21.42 56.40
N VAL D 99 -11.46 -21.08 55.44
CA VAL D 99 -12.19 -19.81 55.50
C VAL D 99 -13.53 -19.99 56.19
N ASP D 100 -14.11 -18.86 56.60
CA ASP D 100 -15.46 -18.85 57.16
C ASP D 100 -16.45 -18.44 56.07
N LEU D 101 -15.93 -17.76 55.05
CA LEU D 101 -16.75 -17.33 53.93
C LEU D 101 -15.94 -17.42 52.65
N LEU D 102 -16.51 -18.07 51.64
CA LEU D 102 -15.86 -18.17 50.33
C LEU D 102 -16.67 -17.46 49.27
N LEU D 103 -16.07 -16.48 48.61
CA LEU D 103 -16.72 -15.73 47.55
C LEU D 103 -16.07 -16.04 46.22
N LEU D 104 -16.80 -16.67 45.32
CA LEU D 104 -16.27 -16.99 44.00
C LEU D 104 -17.09 -16.27 42.91
N ASP D 105 -16.51 -15.20 42.37
CA ASP D 105 -17.18 -14.41 41.35
C ASP D 105 -16.94 -15.03 39.98
N ASP D 106 -17.85 -14.73 39.05
CA ASP D 106 -17.71 -15.17 37.65
C ASP D 106 -17.41 -16.66 37.55
N VAL D 107 -18.31 -17.48 38.07
CA VAL D 107 -18.14 -18.94 38.09
C VAL D 107 -18.15 -19.55 36.69
N GLN D 108 -18.85 -18.92 35.77
CA GLN D 108 -19.00 -19.45 34.41
C GLN D 108 -17.64 -19.78 33.77
N PHE D 109 -16.57 -19.23 34.33
CA PHE D 109 -15.23 -19.46 33.81
C PHE D 109 -14.63 -20.79 34.27
N LEU D 110 -15.47 -21.70 34.76
CA LEU D 110 -15.00 -23.02 35.14
C LEU D 110 -15.09 -23.99 33.97
N SER D 111 -15.73 -23.57 32.89
CA SER D 111 -15.89 -24.39 31.70
C SER D 111 -14.54 -24.84 31.14
N GLY D 112 -14.43 -26.12 30.84
CA GLY D 112 -13.27 -26.65 30.17
C GLY D 112 -12.07 -26.91 31.08
N LYS D 113 -12.12 -26.34 32.27
CA LYS D 113 -11.08 -26.58 33.22
C LYS D 113 -11.60 -27.69 34.12
N GLU D 114 -11.18 -28.91 33.82
CA GLU D 114 -11.56 -30.05 34.65
C GLU D 114 -10.87 -30.04 36.01
N ARG D 115 -9.54 -29.95 36.01
CA ARG D 115 -8.79 -30.06 37.25
C ARG D 115 -9.23 -28.99 38.24
N THR D 116 -9.50 -27.79 37.73
CA THR D 116 -9.97 -26.70 38.56
C THR D 116 -11.29 -27.09 39.19
N GLN D 117 -12.21 -27.59 38.37
CA GLN D 117 -13.52 -27.98 38.86
C GLN D 117 -13.38 -29.04 39.95
N ILE D 118 -12.35 -29.88 39.82
CA ILE D 118 -12.11 -30.93 40.79
C ILE D 118 -11.67 -30.30 42.11
N GLU D 119 -10.66 -29.45 42.04
CA GLU D 119 -10.11 -28.80 43.22
C GLU D 119 -11.22 -28.04 43.96
N PHE D 120 -11.94 -27.22 43.22
CA PHE D 120 -13.03 -26.44 43.79
C PHE D 120 -14.15 -27.32 44.31
N PHE D 121 -14.32 -28.50 43.70
CA PHE D 121 -15.30 -29.47 44.16
C PHE D 121 -14.93 -29.91 45.57
N HIS D 122 -13.70 -30.39 45.74
CA HIS D 122 -13.22 -30.79 47.06
C HIS D 122 -13.43 -29.67 48.08
N ILE D 123 -12.94 -28.47 47.74
CA ILE D 123 -13.06 -27.32 48.64
C ILE D 123 -14.51 -27.07 49.02
N PHE D 124 -15.37 -26.99 48.02
CA PHE D 124 -16.79 -26.75 48.21
C PHE D 124 -17.36 -27.74 49.22
N ASN D 125 -17.04 -29.01 49.03
CA ASN D 125 -17.54 -30.05 49.91
C ASN D 125 -17.07 -29.89 51.34
N THR D 126 -15.76 -29.78 51.53
CA THR D 126 -15.23 -29.63 52.89
C THR D 126 -15.87 -28.44 53.59
N LEU D 127 -15.94 -27.30 52.90
CA LEU D 127 -16.55 -26.10 53.47
C LEU D 127 -18.00 -26.35 53.85
N TYR D 128 -18.80 -26.83 52.90
CA TYR D 128 -20.22 -27.08 53.14
C TYR D 128 -20.42 -27.97 54.37
N LEU D 129 -19.70 -29.09 54.41
CA LEU D 129 -19.82 -30.01 55.54
C LEU D 129 -19.42 -29.35 56.85
N LEU D 130 -18.39 -28.51 56.81
CA LEU D 130 -17.93 -27.82 58.01
C LEU D 130 -18.85 -26.64 58.36
N GLU D 131 -19.96 -26.51 57.63
CA GLU D 131 -20.97 -25.51 57.93
C GLU D 131 -20.46 -24.08 57.70
N LYS D 132 -19.51 -23.93 56.79
CA LYS D 132 -19.01 -22.60 56.42
C LYS D 132 -19.83 -22.04 55.27
N GLN D 133 -19.88 -20.72 55.16
CA GLN D 133 -20.73 -20.04 54.18
C GLN D 133 -20.11 -20.03 52.79
N ILE D 134 -20.94 -20.22 51.76
CA ILE D 134 -20.48 -20.14 50.38
C ILE D 134 -21.39 -19.26 49.54
N ILE D 135 -20.80 -18.38 48.75
CA ILE D 135 -21.54 -17.49 47.87
C ILE D 135 -20.85 -17.39 46.51
N LEU D 136 -21.51 -17.87 45.48
CA LEU D 136 -20.99 -17.85 44.12
C LEU D 136 -21.80 -16.84 43.30
N ALA D 137 -21.17 -16.27 42.27
CA ALA D 137 -21.85 -15.35 41.38
C ALA D 137 -21.56 -15.74 39.92
N SER D 138 -22.53 -15.50 39.05
CA SER D 138 -22.41 -15.94 37.66
C SER D 138 -23.26 -15.10 36.72
N ASP D 139 -22.90 -15.12 35.45
CA ASP D 139 -23.62 -14.36 34.44
C ASP D 139 -24.74 -15.20 33.81
N ARG D 140 -24.89 -16.44 34.28
CA ARG D 140 -25.92 -17.32 33.74
C ARG D 140 -26.38 -18.36 34.75
N HIS D 141 -27.62 -18.83 34.56
CA HIS D 141 -28.22 -19.90 35.36
C HIS D 141 -27.36 -21.16 35.28
N PRO D 142 -27.11 -21.81 36.42
CA PRO D 142 -26.40 -23.08 36.45
C PRO D 142 -26.70 -24.02 35.29
N GLN D 143 -27.94 -24.06 34.81
CA GLN D 143 -28.26 -24.90 33.67
C GLN D 143 -27.46 -24.49 32.44
N LYS D 144 -27.43 -23.19 32.18
CA LYS D 144 -26.68 -22.63 31.06
C LYS D 144 -25.18 -22.91 31.14
N LEU D 145 -24.70 -23.44 32.27
CA LEU D 145 -23.28 -23.72 32.43
C LEU D 145 -22.85 -24.97 31.65
N ASP D 146 -22.45 -24.77 30.41
CA ASP D 146 -21.92 -25.86 29.59
C ASP D 146 -20.46 -26.10 29.95
N GLY D 147 -20.07 -27.36 30.01
CA GLY D 147 -18.70 -27.70 30.34
C GLY D 147 -18.41 -27.50 31.82
N VAL D 148 -19.41 -27.78 32.65
CA VAL D 148 -19.23 -27.77 34.10
C VAL D 148 -19.78 -29.07 34.66
N SER D 149 -18.95 -29.81 35.38
CA SER D 149 -19.30 -31.16 35.79
C SER D 149 -20.64 -31.19 36.51
N ASP D 150 -21.46 -32.15 36.12
CA ASP D 150 -22.84 -32.26 36.60
C ASP D 150 -22.91 -32.24 38.12
N ARG D 151 -21.85 -32.66 38.78
CA ARG D 151 -21.83 -32.67 40.24
C ARG D 151 -21.87 -31.23 40.75
N LEU D 152 -21.00 -30.39 40.18
CA LEU D 152 -20.95 -28.98 40.55
C LEU D 152 -22.28 -28.27 40.24
N VAL D 153 -22.85 -28.50 39.07
CA VAL D 153 -24.12 -27.88 38.71
C VAL D 153 -25.23 -28.32 39.66
N SER D 154 -25.25 -29.62 39.98
CA SER D 154 -26.23 -30.16 40.90
C SER D 154 -26.11 -29.45 42.24
N ARG D 155 -24.87 -29.24 42.70
CA ARG D 155 -24.66 -28.54 43.96
C ARG D 155 -25.14 -27.09 43.87
N PHE D 156 -24.85 -26.42 42.76
CA PHE D 156 -25.27 -25.03 42.57
C PHE D 156 -26.78 -24.91 42.66
N GLU D 157 -27.50 -25.81 41.98
CA GLU D 157 -28.96 -25.76 41.95
C GLU D 157 -29.60 -26.17 43.27
N GLY D 158 -28.85 -26.91 44.08
CA GLY D 158 -29.41 -27.48 45.30
C GLY D 158 -29.44 -26.54 46.49
N GLY D 159 -29.04 -25.29 46.27
CA GLY D 159 -29.04 -24.31 47.33
C GLY D 159 -30.11 -23.25 47.12
N ILE D 160 -29.71 -21.99 47.20
CA ILE D 160 -30.59 -20.88 46.89
C ILE D 160 -30.16 -20.31 45.55
N LEU D 161 -31.11 -20.25 44.61
CA LEU D 161 -30.80 -19.75 43.28
C LEU D 161 -31.51 -18.42 43.03
N VAL D 162 -30.79 -17.32 43.24
CA VAL D 162 -31.38 -16.00 43.09
C VAL D 162 -30.84 -15.28 41.85
N GLU D 163 -31.76 -14.78 41.03
CA GLU D 163 -31.40 -14.00 39.86
C GLU D 163 -31.53 -12.52 40.17
N ILE D 164 -30.76 -11.69 39.47
CA ILE D 164 -30.94 -10.25 39.56
C ILE D 164 -31.37 -9.72 38.20
N GLU D 165 -32.63 -9.32 38.11
CA GLU D 165 -33.19 -8.79 36.88
C GLU D 165 -33.38 -7.29 37.03
N LEU D 166 -32.85 -6.52 36.08
CA LEU D 166 -32.99 -5.07 36.12
C LEU D 166 -34.17 -4.60 35.27
N ASP D 167 -35.37 -4.69 35.82
CA ASP D 167 -36.56 -4.17 35.17
C ASP D 167 -36.53 -2.64 35.22
N ASN D 168 -37.49 -2.00 34.58
CA ASN D 168 -37.57 -0.55 34.57
C ASN D 168 -37.71 0.02 35.99
N LYS D 169 -38.66 -0.53 36.73
CA LYS D 169 -38.96 -0.04 38.08
C LYS D 169 -37.73 -0.02 38.98
N THR D 170 -36.72 -0.83 38.67
CA THR D 170 -35.50 -0.86 39.46
C THR D 170 -34.49 0.14 38.90
N ARG D 171 -34.20 0.04 37.61
CA ARG D 171 -33.28 0.95 36.96
C ARG D 171 -33.62 2.40 37.31
N PHE D 172 -34.92 2.68 37.44
CA PHE D 172 -35.36 4.02 37.83
C PHE D 172 -34.84 4.35 39.23
N LYS D 173 -35.12 3.47 40.18
CA LYS D 173 -34.67 3.65 41.55
C LYS D 173 -33.16 3.90 41.60
N ILE D 174 -32.40 3.05 40.91
CA ILE D 174 -30.95 3.13 40.94
C ILE D 174 -30.45 4.42 40.29
N ILE D 175 -31.10 4.83 39.22
CA ILE D 175 -30.74 6.07 38.52
C ILE D 175 -30.95 7.26 39.44
N LYS D 176 -32.15 7.37 40.00
CA LYS D 176 -32.49 8.45 40.92
C LYS D 176 -31.50 8.50 42.08
N GLU D 177 -31.25 7.35 42.69
CA GLU D 177 -30.37 7.29 43.86
C GLU D 177 -28.91 7.61 43.53
N LYS D 178 -28.45 7.22 42.36
CA LYS D 178 -27.07 7.50 41.94
C LYS D 178 -26.93 8.97 41.59
N LEU D 179 -27.98 9.55 41.00
CA LEU D 179 -28.04 10.97 40.76
C LEU D 179 -27.94 11.73 42.09
N LYS D 180 -28.62 11.21 43.11
CA LYS D 180 -28.51 11.78 44.45
C LYS D 180 -27.09 11.60 44.96
N GLU D 181 -26.44 10.50 44.60
CA GLU D 181 -25.06 10.28 45.03
C GLU D 181 -24.10 11.33 44.45
N PHE D 182 -24.32 11.73 43.21
CA PHE D 182 -23.37 12.62 42.53
C PHE D 182 -23.63 14.11 42.75
N ASN D 183 -24.47 14.46 43.72
CA ASN D 183 -24.81 15.89 43.88
C ASN D 183 -25.54 16.34 42.63
N LEU D 184 -26.46 15.50 42.18
CA LEU D 184 -27.23 15.71 40.95
C LEU D 184 -28.63 16.14 41.29
N GLU D 185 -29.31 16.82 40.37
CA GLU D 185 -30.61 17.42 40.66
C GLU D 185 -31.93 16.69 40.28
N LEU D 186 -31.92 15.46 39.80
CA LEU D 186 -33.23 14.89 39.37
C LEU D 186 -34.08 15.64 38.34
N ARG D 187 -33.45 16.27 37.35
CA ARG D 187 -34.20 16.89 36.27
C ARG D 187 -34.90 15.77 35.52
N LYS D 188 -36.06 16.05 34.92
CA LYS D 188 -36.84 14.97 34.32
C LYS D 188 -36.30 14.56 32.96
N GLU D 189 -35.96 15.52 32.12
CA GLU D 189 -35.39 15.20 30.83
C GLU D 189 -34.21 14.25 31.05
N VAL D 190 -33.48 14.45 32.14
CA VAL D 190 -32.29 13.67 32.47
C VAL D 190 -32.60 12.21 32.84
N ILE D 191 -33.36 12.02 33.91
CA ILE D 191 -33.89 10.72 34.31
C ILE D 191 -34.54 10.02 33.12
N ASP D 192 -35.55 10.64 32.54
CA ASP D 192 -36.25 10.06 31.39
C ASP D 192 -35.25 9.66 30.30
N TYR D 193 -34.17 10.41 30.20
CA TYR D 193 -33.13 10.09 29.22
C TYR D 193 -32.38 8.81 29.62
N LEU D 194 -31.82 8.81 30.83
CA LEU D 194 -31.08 7.66 31.32
C LEU D 194 -31.90 6.38 31.19
N LEU D 195 -33.17 6.45 31.55
CA LEU D 195 -34.06 5.28 31.44
C LEU D 195 -33.99 4.69 30.04
N GLU D 196 -34.04 5.55 29.04
CA GLU D 196 -34.14 5.11 27.65
C GLU D 196 -32.82 4.58 27.09
N ASN D 197 -31.71 4.93 27.72
CA ASN D 197 -30.40 4.61 27.14
C ASN D 197 -29.41 3.91 28.06
N THR D 198 -29.90 3.32 29.15
CA THR D 198 -29.07 2.50 30.00
C THR D 198 -29.78 1.20 30.36
N LYS D 199 -29.07 0.08 30.25
CA LYS D 199 -29.65 -1.22 30.52
C LYS D 199 -29.13 -1.78 31.85
N ASN D 200 -27.87 -1.54 32.13
CA ASN D 200 -27.26 -2.02 33.36
C ASN D 200 -26.68 -0.88 34.20
N VAL D 201 -26.25 -1.18 35.41
CA VAL D 201 -25.80 -0.17 36.35
C VAL D 201 -24.48 0.48 35.92
N ARG D 202 -23.69 -0.25 35.14
CA ARG D 202 -22.41 0.29 34.68
C ARG D 202 -22.62 1.42 33.70
N GLU D 203 -23.53 1.23 32.75
CA GLU D 203 -23.87 2.27 31.79
C GLU D 203 -24.43 3.48 32.52
N ILE D 204 -25.21 3.24 33.55
CA ILE D 204 -25.78 4.30 34.37
C ILE D 204 -24.68 5.11 35.02
N GLU D 205 -23.84 4.45 35.82
CA GLU D 205 -22.72 5.11 36.45
C GLU D 205 -21.95 5.93 35.42
N GLY D 206 -21.52 5.28 34.35
CA GLY D 206 -20.76 5.95 33.31
C GLY D 206 -21.45 7.23 32.84
N LYS D 207 -22.58 7.06 32.19
CA LYS D 207 -23.34 8.19 31.68
C LYS D 207 -23.39 9.32 32.73
N ILE D 208 -23.77 8.97 33.95
CA ILE D 208 -23.90 9.96 35.02
C ILE D 208 -22.60 10.73 35.27
N LYS D 209 -21.49 10.01 35.39
CA LYS D 209 -20.19 10.65 35.56
C LYS D 209 -19.98 11.64 34.41
N LEU D 210 -20.35 11.21 33.22
CA LEU D 210 -20.17 12.03 32.02
C LEU D 210 -21.00 13.30 32.09
N ILE D 211 -22.19 13.21 32.67
CA ILE D 211 -23.02 14.39 32.89
C ILE D 211 -22.36 15.31 33.90
N LYS D 212 -21.88 14.72 34.99
CA LYS D 212 -21.21 15.48 36.04
C LYS D 212 -19.99 16.19 35.50
N LEU D 213 -19.45 15.71 34.38
CA LEU D 213 -18.26 16.31 33.79
C LEU D 213 -18.55 17.36 32.71
N LYS D 214 -19.39 17.01 31.74
CA LYS D 214 -19.61 17.88 30.59
C LYS D 214 -21.09 18.20 30.31
N GLY D 215 -21.92 18.17 31.34
CA GLY D 215 -23.32 18.57 31.21
C GLY D 215 -24.15 17.66 30.33
N PHE D 216 -25.47 17.72 30.53
CA PHE D 216 -26.42 16.86 29.82
C PHE D 216 -26.55 17.28 28.35
N GLU D 217 -26.71 18.58 28.14
CA GLU D 217 -26.92 19.14 26.81
C GLU D 217 -25.85 18.65 25.84
N GLY D 218 -24.63 18.51 26.35
CA GLY D 218 -23.52 18.02 25.56
C GLY D 218 -23.82 16.68 24.95
N LEU D 219 -23.95 15.66 25.80
CA LEU D 219 -24.26 14.30 25.35
C LEU D 219 -25.48 14.29 24.43
N GLU D 220 -26.54 14.95 24.88
CA GLU D 220 -27.80 14.92 24.14
C GLU D 220 -27.60 15.01 22.64
N ARG D 221 -26.84 16.01 22.20
CA ARG D 221 -26.68 16.26 20.77
C ARG D 221 -25.90 15.17 20.04
N LYS D 222 -24.66 14.93 20.46
CA LYS D 222 -23.84 13.91 19.81
C LYS D 222 -24.62 12.61 19.71
N GLU D 223 -25.22 12.18 20.81
CA GLU D 223 -25.97 10.93 20.84
C GLU D 223 -27.13 10.99 19.85
N ARG D 224 -27.93 12.05 19.95
CA ARG D 224 -29.07 12.24 19.05
C ARG D 224 -28.69 12.05 17.59
N LYS D 225 -27.65 12.75 17.15
CA LYS D 225 -27.24 12.68 15.75
C LYS D 225 -26.69 11.29 15.40
N GLU D 226 -25.73 10.83 16.18
CA GLU D 226 -25.17 9.49 15.99
C GLU D 226 -26.28 8.46 15.78
N ARG D 227 -27.37 8.63 16.50
CA ARG D 227 -28.46 7.65 16.49
C ARG D 227 -29.46 7.87 15.35
N ASP D 228 -29.72 9.13 15.02
CA ASP D 228 -30.72 9.46 14.02
C ASP D 228 -30.19 9.33 12.60
N LYS D 229 -28.88 9.43 12.44
CA LYS D 229 -28.27 9.19 11.14
C LYS D 229 -28.28 7.69 10.87
N LEU D 230 -28.60 6.93 11.92
CA LEU D 230 -28.75 5.48 11.81
C LEU D 230 -30.24 5.14 11.71
N MET D 231 -31.08 6.14 11.95
CA MET D 231 -32.53 5.98 11.85
C MET D 231 -32.96 6.14 10.40
N GLN D 232 -32.40 5.31 9.53
CA GLN D 232 -32.74 5.32 8.11
C GLN D 232 -33.86 4.34 7.86
N ILE D 233 -34.28 3.63 8.90
CA ILE D 233 -35.32 2.63 8.76
C ILE D 233 -36.69 3.28 8.56
N VAL D 234 -37.01 4.26 9.39
CA VAL D 234 -38.31 4.93 9.29
C VAL D 234 -38.37 5.72 7.99
N GLU D 235 -37.25 6.30 7.61
CA GLU D 235 -37.19 7.17 6.44
C GLU D 235 -37.30 6.39 5.14
N PHE D 236 -36.71 5.20 5.11
CA PHE D 236 -36.58 4.46 3.85
C PHE D 236 -37.17 3.05 3.91
N VAL D 237 -36.75 2.26 4.89
CA VAL D 237 -37.13 0.85 4.95
C VAL D 237 -38.60 0.66 5.32
N ALA D 238 -39.17 1.58 6.09
CA ALA D 238 -40.53 1.44 6.58
C ALA D 238 -41.53 2.07 5.63
N ASN D 239 -41.03 2.85 4.68
CA ASN D 239 -41.87 3.46 3.66
C ASN D 239 -41.89 2.62 2.40
N TYR D 240 -40.71 2.18 1.97
CA TYR D 240 -40.59 1.31 0.81
C TYR D 240 -41.32 0.00 1.10
N TYR D 241 -40.88 -0.69 2.14
CA TYR D 241 -41.57 -1.90 2.59
C TYR D 241 -42.84 -1.35 3.24
N ALA D 242 -43.95 -2.07 3.13
CA ALA D 242 -45.20 -1.59 3.72
C ALA D 242 -45.29 -1.99 5.19
N VAL D 243 -44.67 -1.20 6.06
CA VAL D 243 -44.72 -1.51 7.49
C VAL D 243 -44.54 -0.30 8.43
N LYS D 244 -45.04 -0.47 9.64
CA LYS D 244 -44.93 0.51 10.72
C LYS D 244 -43.55 0.47 11.34
N VAL D 245 -43.14 1.58 11.94
CA VAL D 245 -41.82 1.69 12.54
C VAL D 245 -41.78 0.95 13.88
N GLU D 246 -42.68 1.33 14.77
CA GLU D 246 -42.77 0.70 16.08
C GLU D 246 -42.81 -0.81 15.94
N ASP D 247 -43.42 -1.29 14.86
CA ASP D 247 -43.48 -2.72 14.56
C ASP D 247 -42.10 -3.25 14.19
N ILE D 248 -41.37 -2.49 13.38
CA ILE D 248 -40.05 -2.90 12.93
C ILE D 248 -39.01 -2.76 14.04
N LEU D 249 -39.38 -2.17 15.17
CA LEU D 249 -38.49 -2.13 16.32
C LEU D 249 -38.64 -3.39 17.16
N SER D 250 -39.83 -3.64 17.65
CA SER D 250 -40.12 -4.87 18.40
C SER D 250 -40.22 -6.05 17.43
N ASP D 251 -39.92 -7.24 17.92
CA ASP D 251 -39.96 -8.43 17.08
C ASP D 251 -41.40 -8.91 16.89
N LYS D 252 -41.56 -9.96 16.07
CA LYS D 252 -42.87 -10.55 15.80
C LYS D 252 -43.52 -9.87 14.62
N ASN D 254 -42.17 -11.45 10.39
CA ASN D 254 -43.13 -12.45 9.96
C ASN D 254 -43.19 -12.54 8.44
N LYS D 255 -42.10 -12.15 7.78
CA LYS D 255 -42.04 -12.20 6.31
C LYS D 255 -42.66 -10.94 5.72
N ARG D 256 -43.13 -10.05 6.59
CA ARG D 256 -43.74 -8.81 6.16
C ARG D 256 -43.04 -7.62 6.82
N THR D 257 -42.52 -7.85 8.02
CA THR D 257 -41.78 -6.82 8.75
C THR D 257 -40.41 -7.34 9.18
N SER D 258 -40.26 -8.65 9.25
CA SER D 258 -38.98 -9.26 9.61
C SER D 258 -37.94 -9.01 8.54
N GLU D 259 -38.33 -9.21 7.29
CA GLU D 259 -37.42 -8.99 6.18
C GLU D 259 -37.06 -7.51 6.12
N ALA D 260 -38.00 -6.66 6.50
CA ALA D 260 -37.76 -5.23 6.58
C ALA D 260 -36.64 -4.95 7.59
N ARG D 261 -36.65 -5.69 8.70
CA ARG D 261 -35.62 -5.54 9.72
C ARG D 261 -34.27 -6.06 9.25
N LYS D 262 -34.25 -7.30 8.77
CA LYS D 262 -33.01 -7.86 8.20
C LYS D 262 -32.40 -6.82 7.28
N ILE D 263 -33.21 -6.33 6.34
CA ILE D 263 -32.79 -5.27 5.43
C ILE D 263 -32.18 -4.12 6.22
N ALA D 264 -32.97 -3.52 7.11
CA ALA D 264 -32.52 -2.38 7.90
C ALA D 264 -31.12 -2.59 8.45
N MET D 265 -30.93 -3.68 9.20
CA MET D 265 -29.64 -4.00 9.78
C MET D 265 -28.56 -4.05 8.71
N TYR D 266 -28.82 -4.79 7.64
CA TYR D 266 -27.86 -4.90 6.55
C TYR D 266 -27.41 -3.53 6.08
N LEU D 267 -28.38 -2.67 5.78
CA LEU D 267 -28.08 -1.31 5.33
C LEU D 267 -27.22 -0.57 6.35
N CYS D 268 -27.66 -0.57 7.61
CA CYS D 268 -26.93 0.10 8.68
C CYS D 268 -25.46 -0.32 8.69
N ARG D 269 -25.23 -1.62 8.51
CA ARG D 269 -23.87 -2.14 8.57
C ARG D 269 -23.06 -1.79 7.33
N LYS D 270 -23.70 -1.83 6.16
CA LYS D 270 -22.99 -1.68 4.90
C LYS D 270 -22.63 -0.23 4.58
N VAL D 271 -23.57 0.69 4.76
CA VAL D 271 -23.34 2.09 4.37
C VAL D 271 -23.00 2.99 5.56
N CYS D 272 -23.80 2.94 6.62
CA CYS D 272 -23.59 3.82 7.76
C CYS D 272 -22.33 3.45 8.54
N SER D 273 -21.79 2.27 8.26
CA SER D 273 -20.56 1.82 8.89
C SER D 273 -20.73 1.73 10.40
N ALA D 274 -21.97 1.56 10.85
CA ALA D 274 -22.25 1.40 12.27
C ALA D 274 -21.72 0.07 12.76
N SER D 275 -21.32 0.02 14.03
CA SER D 275 -20.79 -1.21 14.62
C SER D 275 -21.92 -2.16 14.96
N LEU D 276 -21.59 -3.43 15.18
CA LEU D 276 -22.59 -4.43 15.54
C LEU D 276 -23.32 -3.97 16.80
N ILE D 277 -22.54 -3.47 17.75
CA ILE D 277 -23.09 -3.03 19.03
C ILE D 277 -24.06 -1.88 18.84
N GLU D 278 -23.78 -1.01 17.87
CA GLU D 278 -24.62 0.15 17.62
C GLU D 278 -25.93 -0.24 16.94
N ILE D 279 -25.86 -1.13 15.96
CA ILE D 279 -27.07 -1.61 15.30
C ILE D 279 -27.94 -2.32 16.33
N ALA D 280 -27.29 -3.17 17.14
CA ALA D 280 -27.99 -3.89 18.20
C ALA D 280 -28.71 -2.91 19.12
N ARG D 281 -27.96 -1.95 19.67
CA ARG D 281 -28.53 -0.97 20.57
C ARG D 281 -29.71 -0.24 19.92
N ALA D 282 -29.53 0.13 18.66
CA ALA D 282 -30.55 0.88 17.92
C ALA D 282 -31.86 0.11 17.70
N PHE D 283 -31.77 -1.17 17.37
CA PHE D 283 -32.95 -1.97 17.08
C PHE D 283 -33.63 -2.50 18.32
N LYS D 284 -33.06 -2.16 19.47
CA LYS D 284 -33.61 -2.62 20.75
C LYS D 284 -33.30 -4.11 20.90
N ARG D 285 -32.41 -4.61 20.05
CA ARG D 285 -32.06 -6.01 20.11
C ARG D 285 -31.04 -6.25 21.22
N LYS D 286 -30.94 -7.49 21.66
CA LYS D 286 -30.01 -7.82 22.74
C LYS D 286 -29.08 -8.96 22.37
N ASP D 287 -27.83 -8.87 22.81
CA ASP D 287 -26.85 -9.93 22.54
C ASP D 287 -26.14 -9.74 21.20
N HIS D 288 -26.57 -8.74 20.44
CA HIS D 288 -25.94 -8.44 19.15
C HIS D 288 -25.66 -9.71 18.34
N THR D 289 -26.53 -10.70 18.47
CA THR D 289 -26.35 -11.97 17.76
C THR D 289 -27.28 -12.04 16.55
N THR D 290 -28.56 -11.72 16.78
CA THR D 290 -29.55 -11.77 15.73
C THR D 290 -29.25 -10.74 14.65
N VAL D 291 -28.42 -9.76 14.99
CA VAL D 291 -28.00 -8.76 14.01
C VAL D 291 -27.00 -9.36 13.03
N ILE D 292 -25.99 -10.04 13.56
CA ILE D 292 -24.98 -10.67 12.71
C ILE D 292 -25.61 -11.80 11.90
N HIS D 293 -26.40 -12.63 12.57
CA HIS D 293 -27.06 -13.74 11.90
C HIS D 293 -28.09 -13.25 10.87
N ALA D 294 -28.69 -12.09 11.15
CA ALA D 294 -29.67 -11.51 10.23
C ALA D 294 -29.00 -10.93 9.00
N ILE D 295 -27.85 -10.29 9.21
CA ILE D 295 -27.08 -9.76 8.09
C ILE D 295 -26.59 -10.90 7.21
N ARG D 296 -26.12 -11.98 7.84
CA ARG D 296 -25.73 -13.18 7.10
C ARG D 296 -26.94 -13.74 6.36
N SER D 297 -28.12 -13.63 6.98
CA SER D 297 -29.35 -14.12 6.37
C SER D 297 -29.65 -13.38 5.08
N VAL D 298 -29.60 -12.05 5.13
CA VAL D 298 -29.86 -11.23 3.95
C VAL D 298 -28.75 -11.41 2.90
N GLU D 299 -27.56 -11.79 3.36
CA GLU D 299 -26.45 -12.02 2.46
C GLU D 299 -26.57 -13.37 1.73
N GLU D 300 -27.21 -14.34 2.37
CA GLU D 300 -27.35 -15.68 1.79
C GLU D 300 -28.41 -15.72 0.69
N GLU D 301 -29.55 -15.09 0.93
CA GLU D 301 -30.64 -15.10 -0.04
C GLU D 301 -30.28 -14.35 -1.32
N LYS D 302 -29.11 -13.73 -1.33
CA LYS D 302 -28.64 -12.96 -2.49
C LYS D 302 -28.47 -13.88 -3.69
N ARG D 306 -34.05 -14.52 -6.05
CA ARG D 306 -33.36 -14.40 -7.33
C ARG D 306 -32.87 -12.97 -7.55
N LYS D 307 -33.76 -12.10 -8.01
CA LYS D 307 -33.41 -10.73 -8.35
C LYS D 307 -33.44 -9.81 -7.13
N PHE D 308 -33.43 -10.41 -5.94
CA PHE D 308 -33.39 -9.63 -4.71
C PHE D 308 -32.12 -8.79 -4.65
N LYS D 309 -31.11 -9.20 -5.40
CA LYS D 309 -29.83 -8.50 -5.43
C LYS D 309 -29.96 -7.12 -6.07
N HIS D 310 -30.72 -7.04 -7.16
CA HIS D 310 -30.96 -5.75 -7.82
C HIS D 310 -31.63 -4.79 -6.84
N LEU D 311 -32.68 -5.29 -6.18
CA LEU D 311 -33.37 -4.54 -5.15
C LEU D 311 -32.36 -4.02 -4.12
N VAL D 312 -31.56 -4.94 -3.58
CA VAL D 312 -30.52 -4.58 -2.62
C VAL D 312 -29.71 -3.41 -3.13
N GLY D 313 -29.11 -3.57 -4.31
CA GLY D 313 -28.29 -2.52 -4.91
C GLY D 313 -29.00 -1.19 -4.95
N PHE D 314 -30.25 -1.20 -5.43
CA PHE D 314 -31.05 0.01 -5.50
C PHE D 314 -31.15 0.68 -4.14
N LEU D 315 -31.53 -0.09 -3.13
CA LEU D 315 -31.69 0.43 -1.79
C LEU D 315 -30.36 0.98 -1.25
N GLU D 316 -29.26 0.35 -1.65
CA GLU D 316 -27.93 0.76 -1.21
C GLU D 316 -27.57 2.12 -1.80
N LYS D 317 -27.67 2.25 -3.12
CA LYS D 317 -27.41 3.53 -3.76
C LYS D 317 -28.29 4.61 -3.13
N GLN D 318 -29.58 4.32 -3.03
CA GLN D 318 -30.53 5.24 -2.41
C GLN D 318 -30.04 5.67 -1.04
N ALA D 319 -29.51 4.72 -0.25
CA ALA D 319 -28.98 5.02 1.08
C ALA D 319 -27.72 5.90 1.08
N PHE D 320 -26.72 5.54 0.27
CA PHE D 320 -25.52 6.36 0.13
C PHE D 320 -25.84 7.80 -0.29
N ASP D 321 -26.78 7.95 -1.21
CA ASP D 321 -27.11 9.27 -1.74
C ASP D 321 -27.81 10.17 -0.71
N LYS D 322 -28.84 9.64 -0.04
CA LYS D 322 -29.65 10.45 0.86
C LYS D 322 -29.42 10.14 2.34
N ILE D 323 -28.26 9.57 2.66
CA ILE D 323 -27.93 9.26 4.05
C ILE D 323 -26.61 9.89 4.47
N CYS D 324 -25.92 10.50 3.51
CA CYS D 324 -24.66 11.18 3.79
C CYS D 324 -24.28 12.13 2.65
MG MG F . 19.36 -15.06 -27.83
PG ACP G . 18.79 -15.04 -31.20
O1G ACP G . 18.54 -16.23 -32.09
O2G ACP G . 17.61 -14.13 -31.26
O3G ACP G . 19.00 -15.51 -29.80
PB ACP G . 21.74 -14.78 -30.86
O1B ACP G . 22.61 -13.63 -30.44
O2B ACP G . 21.31 -15.57 -29.66
C3B ACP G . 20.28 -14.15 -31.76
PA ACP G . 23.63 -16.63 -31.35
O1A ACP G . 24.45 -15.93 -30.31
O2A ACP G . 23.03 -17.88 -30.76
O3A ACP G . 22.51 -15.70 -31.87
O5' ACP G . 24.50 -16.99 -32.59
C5' ACP G . 24.10 -17.97 -33.45
C4' ACP G . 25.27 -18.77 -33.90
O4' ACP G . 26.14 -17.94 -34.60
C3' ACP G . 25.98 -19.33 -32.73
O3' ACP G . 25.96 -20.70 -32.75
C2' ACP G . 27.37 -18.84 -32.83
O2' ACP G . 28.25 -19.90 -32.83
C1' ACP G . 27.43 -18.11 -34.12
N9 ACP G . 28.05 -16.83 -33.92
C8 ACP G . 27.40 -15.61 -33.90
N7 ACP G . 28.30 -14.64 -33.69
C5 ACP G . 29.57 -15.23 -33.55
C6 ACP G . 30.84 -14.71 -33.33
N6 ACP G . 31.00 -13.29 -33.18
N1 ACP G . 31.91 -15.52 -33.24
C2 ACP G . 31.72 -16.85 -33.39
N3 ACP G . 30.51 -17.37 -33.61
C4 ACP G . 29.40 -16.62 -33.70
MG MG H . 15.46 3.36 -4.63
PG ACP I . 14.94 4.27 -7.85
O1G ACP I . 15.65 3.32 -6.93
O2G ACP I . 14.59 3.56 -9.11
O3G ACP I . 13.69 4.76 -7.19
PB ACP I . 17.27 5.86 -6.89
O1B ACP I . 17.12 4.76 -5.89
O2B ACP I . 17.13 7.19 -6.21
C3B ACP I . 16.03 5.69 -8.22
PA ACP I . 19.93 6.29 -6.87
O1A ACP I . 20.63 5.17 -6.16
O2A ACP I . 19.56 7.34 -5.87
O3A ACP I . 18.66 5.75 -7.59
O5' ACP I . 20.85 6.88 -7.98
C5' ACP I . 21.27 6.07 -9.00
C4' ACP I . 22.71 6.35 -9.29
O4' ACP I . 22.90 7.70 -9.54
C3' ACP I . 23.54 5.96 -8.12
O3' ACP I . 24.36 4.89 -8.44
C2' ACP I . 24.34 7.14 -7.79
O2' ACP I . 25.69 6.84 -7.85
C1' ACP I . 23.99 8.16 -8.81
N9 ACP I . 23.66 9.39 -8.18
C8 ACP I . 22.41 9.93 -8.03
N7 ACP I . 22.49 11.11 -7.37
C5 ACP I . 23.85 11.34 -7.09
C6 ACP I . 24.50 12.37 -6.44
N6 ACP I . 23.75 13.48 -5.92
N1 ACP I . 25.85 12.36 -6.29
C2 ACP I . 26.53 11.31 -6.79
N3 ACP I . 25.91 10.29 -7.41
C4 ACP I . 24.59 10.26 -7.59
MG MG J . -1.73 6.46 19.55
PG ACP K . -2.29 8.01 16.54
O1G ACP K . -1.33 8.19 15.41
O2G ACP K . -3.47 7.22 16.08
O3G ACP K . -1.61 7.28 17.66
PB ACP K . -1.90 10.10 18.63
O1B ACP K . -1.33 8.88 19.28
O2B ACP K . -2.78 10.83 19.60
C3B ACP K . -2.85 9.64 17.14
PA ACP K . 0.11 11.80 19.17
O1A ACP K . 1.44 11.14 19.35
O2A ACP K . -0.60 11.87 20.49
O3A ACP K . -0.75 11.03 18.14
O5' ACP K . 0.30 13.24 18.59
C5' ACP K . 1.04 13.41 17.45
C4' ACP K . 1.94 14.59 17.63
O4' ACP K . 1.19 15.75 17.74
C3' ACP K . 2.76 14.43 18.85
O3' ACP K . 4.09 14.38 18.55
C2' ACP K . 2.46 15.61 19.68
O2' ACP K . 3.62 16.25 20.02
C1' ACP K . 1.60 16.47 18.85
N9 ACP K . 0.47 16.90 19.60
C8 ACP K . -0.82 16.43 19.47
N7 ACP K . -1.62 17.06 20.35
C5 ACP K . -0.84 17.99 21.06
C6 ACP K . -1.13 18.89 22.07
N6 ACP K . -2.48 19.00 22.55
N1 ACP K . -0.17 19.69 22.60
C2 ACP K . 1.09 19.56 22.11
N3 ACP K . 1.39 18.68 21.14
C4 ACP K . 0.49 17.88 20.58
MG MG L . -18.56 -9.95 38.16
PG ACP M . -19.80 -8.31 35.66
O1G ACP M . -19.00 -7.27 34.96
O2G ACP M . -20.14 -9.41 34.69
O3G ACP M . -19.01 -8.88 36.79
PB ACP M . -21.11 -7.09 38.05
O1B ACP M . -19.90 -7.77 38.62
O2B ACP M . -22.31 -7.45 38.86
C3B ACP M . -21.34 -7.57 36.31
PA ACP M . -20.85 -4.77 39.39
O1A ACP M . -19.43 -4.54 39.80
O2A ACP M . -21.57 -5.54 40.46
O3A ACP M . -20.90 -5.55 38.04
O5' ACP M . -21.57 -3.41 39.12
C5' ACP M . -20.95 -2.46 38.36
C4' ACP M . -21.00 -1.15 39.07
O4' ACP M . -22.32 -0.73 39.20
C3' ACP M . -20.41 -1.29 40.43
O3' ACP M . -19.35 -0.41 40.57
C2' ACP M . -21.48 -0.95 41.36
O2' ACP M . -21.07 0.00 42.26
C1' ACP M . -22.60 -0.44 40.53
N9 ACP M . -23.83 -1.07 40.91
C8 ACP M . -24.48 -2.06 40.23
N7 ACP M . -25.60 -2.40 40.89
C5 ACP M . -25.68 -1.60 42.05
C6 ACP M . -26.61 -1.52 43.08
N6 ACP M . -27.75 -2.37 43.06
N1 ACP M . -26.44 -0.64 44.10
C2 ACP M . -25.35 0.16 44.08
N3 ACP M . -24.44 0.10 43.09
C4 ACP M . -24.56 -0.75 42.06
#